data_5FX8
#
_entry.id   5FX8
#
_cell.length_a   226.309
_cell.length_b   50.470
_cell.length_c   177.622
_cell.angle_alpha   90.00
_cell.angle_beta   91.28
_cell.angle_gamma   90.00
#
_symmetry.space_group_name_H-M   'C 1 2 1'
#
loop_
_entity.id
_entity.type
_entity.pdbx_description
1 polymer 'LINOLEATE 11-LIPOXYGENASE'
2 polymer ZONADHESIN
3 branched 2-acetamido-2-deoxy-beta-D-glucopyranose-(1-4)-2-acetamido-2-deoxy-beta-D-glucopyranose
4 branched 2-acetamido-2-deoxy-beta-D-glucopyranose-(1-4)-2-acetamido-2-deoxy-beta-D-glucopyranose-(1-4)-2-acetamido-2-deoxy-beta-D-glucopyranose
5 branched 2-acetamido-2-deoxy-beta-D-glucopyranose-(1-3)-2-acetamido-2-deoxy-beta-D-glucopyranose
6 non-polymer 'MANGANESE (II) ION'
7 non-polymer 2-acetamido-2-deoxy-beta-D-glucopyranose
8 water water
#
loop_
_entity_poly.entity_id
_entity_poly.type
_entity_poly.pdbx_seq_one_letter_code
_entity_poly.pdbx_strand_id
1 'polypeptide(L)'
;MRSRILAIVFAARHVAALPLAAEDAAATLSLTSSASSTTVLPSPTQYTLPNNDPNQGARNASIARKRELFLYGPSTLGQT
TFYPTGELGNNISARDVLLWRQDAANQTATAYREANETFADITSRGGFKTLDDFALLYNGHWKESVPEGISKGMLSNCTS
DLLFSMERLSSNPYVLKRLHPTKDKLPFSVESKVVKKLTATTLEALHKGGRLFLVDHSYQKKYTPQPGRYAAACQGLFYL
DARSNQFLPLAIKTNVGVDLTYTPLDDKDDWLLAKIMFNNNDLFYSQMYHVLFHTIPEIVHEAAFRTLSDRHPVMGVLNR
LMYQAYAIRPVGGAVLFNPGGFWDQNFGLPASAAIDFPGSVYAQGGGGFQAGYLEKDLRSRGLIGEDSGPRLPHFPFYED
AHRLIGAIRRFMQAFVDSTYGADDGDDGALLRDYELQNWIAEANGPAQVRDFPAAPLRRRAQLVDVLTHVAWITGGAHHV
MNQGSPVKFSGVLPLHPAALYAPIPTAKGATGNGTRAGLLAWLPNERQAVEQVSLLARFNRAQVGDRKQTVRDAFAAPDL
LAGNGPGYAAANARFVEDTGRISREIAGRGFDGKGLSQGMPFVWTALNPAVNPFFLSV
;
A,B
2 'polypeptide(L)'
;AFPISDITVVSERTDASTAYLSDWFVVSFVFSTAGSDETIAGDATIEVSIPNELEFVQYPDSVDPSVSEFFTTAGVQVLS
TAFDYDSHVLTFTFSDPGQVITDLEGVVFFTLKLSEQFTESASPGQHTFDFETSDQTYSPSVDLVALDRSQPIKLSNAVT
GGVEWFVDIPGAFGDITNIDISTVQTPGTFDCSEVKYAVGSSLNEFGDFTPQDRTTFFSNSSSGEWIPITPASGLPVESF
ECGDGTISLSFAGELADDEVLRVSFLSNLADDVLEVQNVVNVDLTTADSRKRALTSFVLDEPFYRASRTDTAAFEAFAAV
;
U
#
# COMPACT_ATOMS: atom_id res chain seq x y z
N GLN A 46 17.21 24.75 -12.57
CA GLN A 46 16.87 24.85 -11.16
C GLN A 46 17.53 23.74 -10.40
N TYR A 47 17.46 22.51 -10.88
CA TYR A 47 18.32 21.43 -10.40
C TYR A 47 19.59 21.36 -11.26
N THR A 48 20.75 21.42 -10.65
CA THR A 48 21.99 21.34 -11.39
C THR A 48 23.02 20.52 -10.63
N LEU A 49 24.05 20.10 -11.34
CA LEU A 49 25.22 19.48 -10.75
C LEU A 49 26.10 20.51 -10.07
N PRO A 50 26.93 20.10 -9.10
CA PRO A 50 27.85 21.06 -8.48
C PRO A 50 29.05 21.39 -9.32
N ASN A 51 29.35 20.57 -10.32
CA ASN A 51 30.58 20.72 -11.12
C ASN A 51 30.78 22.16 -11.59
N ASN A 52 29.77 22.76 -12.21
CA ASN A 52 30.00 24.08 -12.77
C ASN A 52 29.06 25.13 -12.21
N ASP A 53 28.92 25.11 -10.89
CA ASP A 53 28.00 25.96 -10.19
C ASP A 53 28.75 27.16 -9.63
N PRO A 54 28.38 28.38 -9.96
CA PRO A 54 29.12 29.53 -9.43
C PRO A 54 29.03 29.62 -7.93
N ASN A 55 27.86 29.42 -7.40
CA ASN A 55 27.61 29.49 -5.97
C ASN A 55 27.99 28.23 -5.23
N GLN A 56 29.08 27.63 -5.63
CA GLN A 56 29.46 26.36 -5.05
C GLN A 56 29.78 26.49 -3.56
N GLY A 57 30.27 27.62 -3.09
CA GLY A 57 30.67 27.70 -1.70
C GLY A 57 29.45 27.80 -0.80
N ALA A 58 28.43 28.49 -1.29
CA ALA A 58 27.17 28.55 -0.56
C ALA A 58 26.46 27.22 -0.59
N ARG A 59 26.50 26.54 -1.75
CA ARG A 59 25.93 25.20 -1.88
C ARG A 59 26.57 24.26 -0.87
N ASN A 60 27.89 24.31 -0.79
CA ASN A 60 28.61 23.60 0.24
C ASN A 60 28.14 24.00 1.64
N ALA A 61 27.84 25.29 1.86
CA ALA A 61 27.45 25.69 3.21
C ALA A 61 26.11 25.09 3.59
N SER A 62 25.16 25.05 2.65
CA SER A 62 23.87 24.49 2.99
C SER A 62 23.99 23.02 3.30
N ILE A 63 24.82 22.30 2.55
CA ILE A 63 25.06 20.89 2.88
C ILE A 63 25.65 20.77 4.27
N ALA A 64 26.60 21.64 4.62
CA ALA A 64 27.24 21.48 5.92
C ALA A 64 26.23 21.72 7.03
N ARG A 65 25.25 22.57 6.80
CA ARG A 65 24.24 22.83 7.81
C ARG A 65 23.19 21.72 7.89
N LYS A 66 22.81 21.12 6.76
CA LYS A 66 22.06 19.87 6.82
C LYS A 66 22.79 18.81 7.64
N ARG A 67 24.11 18.72 7.52
CA ARG A 67 24.82 17.69 8.28
C ARG A 67 24.87 17.99 9.78
N GLU A 68 24.56 19.20 10.20
CA GLU A 68 24.51 19.43 11.63
C GLU A 68 23.14 19.12 12.22
N LEU A 69 22.11 19.07 11.42
CA LEU A 69 20.77 18.99 11.94
C LEU A 69 20.03 17.72 11.56
N PHE A 70 20.55 16.96 10.59
CA PHE A 70 19.93 15.71 10.17
C PHE A 70 20.91 14.58 10.47
N LEU A 71 20.65 13.85 11.55
CA LEU A 71 21.62 12.94 12.15
C LEU A 71 21.14 11.51 12.06
N TYR A 72 22.10 10.60 12.13
CA TYR A 72 21.78 9.18 12.18
C TYR A 72 21.39 8.83 13.60
N GLY A 73 20.17 8.32 13.77
CA GLY A 73 19.69 7.92 15.07
C GLY A 73 19.57 6.42 15.19
N PRO A 74 19.22 5.92 16.37
CA PRO A 74 19.07 4.48 16.53
C PRO A 74 17.99 3.93 15.61
N SER A 75 18.14 2.66 15.29
CA SER A 75 17.14 1.95 14.51
C SER A 75 15.85 1.84 15.32
N THR A 76 14.75 2.18 14.68
CA THR A 76 13.44 1.93 15.26
C THR A 76 12.74 0.89 14.40
N LEU A 77 11.59 0.42 14.88
CA LEU A 77 10.79 -0.63 14.25
C LEU A 77 11.63 -1.89 14.03
N GLY A 78 12.30 -2.34 15.07
CA GLY A 78 13.26 -3.41 14.94
C GLY A 78 14.67 -2.90 14.87
N GLN A 79 15.59 -3.82 14.77
CA GLN A 79 16.99 -3.46 14.81
C GLN A 79 17.60 -3.72 13.43
N THR A 80 17.50 -2.73 12.56
CA THR A 80 18.14 -2.82 11.25
C THR A 80 19.01 -1.60 10.98
N THR A 81 18.36 -0.52 10.59
CA THR A 81 18.96 0.61 9.93
C THR A 81 18.76 1.86 10.78
N PHE A 82 19.70 2.79 10.72
CA PHE A 82 19.55 4.05 11.42
C PHE A 82 18.30 4.78 10.93
N TYR A 83 17.61 5.43 11.84
CA TYR A 83 16.48 6.30 11.54
C TYR A 83 16.90 7.73 11.83
N PRO A 84 16.48 8.69 11.00
CA PRO A 84 16.99 10.05 11.15
C PRO A 84 16.52 10.71 12.42
N THR A 85 17.44 11.39 13.07
CA THR A 85 17.08 12.19 14.23
C THR A 85 17.71 13.56 14.05
N GLY A 86 17.81 14.37 15.11
CA GLY A 86 18.22 15.75 14.99
C GLY A 86 17.04 16.67 14.70
N GLU A 87 17.28 17.97 14.78
CA GLU A 87 16.19 18.90 14.54
C GLU A 87 15.62 18.76 13.14
N LEU A 88 16.48 18.62 12.14
CA LEU A 88 15.97 18.55 10.78
C LEU A 88 15.40 17.17 10.49
N GLY A 89 16.00 16.12 11.06
CA GLY A 89 15.48 14.78 10.82
C GLY A 89 14.15 14.56 11.51
N ASN A 90 13.97 15.21 12.66
CA ASN A 90 12.67 15.16 13.29
C ASN A 90 11.66 16.02 12.55
N ASN A 91 12.07 17.17 12.02
CA ASN A 91 11.13 17.95 11.22
C ASN A 91 10.66 17.15 10.00
N ILE A 92 11.57 16.44 9.34
CA ILE A 92 11.23 15.63 8.19
C ILE A 92 10.34 14.48 8.61
N SER A 93 10.68 13.84 9.73
CA SER A 93 9.86 12.74 10.21
C SER A 93 8.45 13.20 10.52
N ALA A 94 8.30 14.38 11.11
CA ALA A 94 6.98 14.86 11.49
C ALA A 94 6.19 15.35 10.30
N ARG A 95 6.85 15.96 9.33
CA ARG A 95 6.16 16.33 8.09
C ARG A 95 5.59 15.10 7.40
N ASP A 96 6.38 14.02 7.34
CA ASP A 96 5.92 12.79 6.70
C ASP A 96 4.77 12.16 7.47
N VAL A 97 4.85 12.16 8.80
CA VAL A 97 3.74 11.63 9.55
C VAL A 97 2.48 12.44 9.32
N LEU A 98 2.61 13.75 9.20
CA LEU A 98 1.45 14.59 8.91
C LEU A 98 0.82 14.23 7.56
N LEU A 99 1.64 14.15 6.51
CA LEU A 99 1.14 13.77 5.20
C LEU A 99 0.46 12.40 5.24
N TRP A 100 1.09 11.44 5.89
CA TRP A 100 0.51 10.11 6.02
C TRP A 100 -0.83 10.16 6.74
N ARG A 101 -0.92 10.90 7.85
CA ARG A 101 -2.20 11.08 8.55
C ARG A 101 -3.29 11.56 7.61
N GLN A 102 -3.00 12.60 6.81
CA GLN A 102 -4.07 13.08 5.96
C GLN A 102 -4.38 12.13 4.83
N ASP A 103 -3.41 11.33 4.40
CA ASP A 103 -3.63 10.38 3.32
C ASP A 103 -4.26 9.06 3.76
N ALA A 104 -4.29 8.73 5.05
CA ALA A 104 -4.88 7.47 5.53
C ALA A 104 -6.34 7.57 5.94
N ALA A 105 -6.83 8.77 6.21
CA ALA A 105 -8.16 8.95 6.75
C ALA A 105 -9.23 8.30 5.88
N ASN A 106 -9.26 8.62 4.60
CA ASN A 106 -10.31 8.11 3.74
C ASN A 106 -10.31 6.58 3.68
N GLN A 107 -9.15 5.98 3.46
CA GLN A 107 -9.11 4.53 3.34
C GLN A 107 -9.47 3.85 4.67
N THR A 108 -9.06 4.43 5.80
CA THR A 108 -9.37 3.80 7.09
C THR A 108 -10.86 3.84 7.37
N ALA A 109 -11.47 5.02 7.24
CA ALA A 109 -12.90 5.13 7.47
C ALA A 109 -13.66 4.19 6.56
N THR A 110 -13.25 4.14 5.30
CA THR A 110 -13.97 3.31 4.33
C THR A 110 -13.88 1.85 4.71
N ALA A 111 -12.69 1.41 5.10
CA ALA A 111 -12.49 0.01 5.44
C ALA A 111 -13.32 -0.39 6.65
N TYR A 112 -13.40 0.48 7.66
CA TYR A 112 -14.23 0.17 8.81
C TYR A 112 -15.70 0.09 8.43
N ARG A 113 -16.17 1.04 7.62
CA ARG A 113 -17.55 1.00 7.15
C ARG A 113 -17.85 -0.31 6.39
N GLU A 114 -16.99 -0.68 5.44
CA GLU A 114 -17.23 -1.89 4.66
C GLU A 114 -16.99 -3.17 5.48
N ALA A 115 -16.19 -3.10 6.54
CA ALA A 115 -16.08 -4.23 7.44
C ALA A 115 -17.35 -4.40 8.26
N ASN A 116 -17.92 -3.28 8.68
CA ASN A 116 -19.14 -3.36 9.45
C ASN A 116 -20.26 -3.92 8.59
N GLU A 117 -20.32 -3.52 7.33
CA GLU A 117 -21.34 -4.06 6.43
C GLU A 117 -21.10 -5.55 6.20
N THR A 118 -19.85 -5.92 5.91
CA THR A 118 -19.54 -7.31 5.68
C THR A 118 -19.98 -8.18 6.86
N PHE A 119 -19.68 -7.73 8.08
CA PHE A 119 -20.03 -8.53 9.25
C PHE A 119 -21.53 -8.62 9.42
N ALA A 120 -22.26 -7.54 9.15
CA ALA A 120 -23.70 -7.63 9.23
C ALA A 120 -24.23 -8.67 8.26
N ASP A 121 -23.68 -8.71 7.05
CA ASP A 121 -24.12 -9.70 6.06
C ASP A 121 -23.81 -11.13 6.51
N ILE A 122 -22.57 -11.40 6.90
CA ILE A 122 -22.21 -12.74 7.33
C ILE A 122 -23.07 -13.18 8.49
N THR A 123 -23.17 -12.33 9.51
CA THR A 123 -23.97 -12.69 10.68
C THR A 123 -25.40 -12.97 10.27
N SER A 124 -25.96 -12.16 9.38
CA SER A 124 -27.32 -12.37 8.96
C SER A 124 -27.48 -13.70 8.22
N ARG A 125 -26.44 -14.18 7.58
CA ARG A 125 -26.54 -15.45 6.86
C ARG A 125 -26.20 -16.64 7.73
N GLY A 126 -26.10 -16.44 9.04
CA GLY A 126 -25.84 -17.54 9.91
C GLY A 126 -24.39 -17.86 10.16
N GLY A 127 -23.47 -17.09 9.64
CA GLY A 127 -22.09 -17.36 9.99
C GLY A 127 -21.48 -18.41 9.08
N PHE A 128 -20.39 -19.00 9.55
CA PHE A 128 -19.62 -19.97 8.79
C PHE A 128 -20.00 -21.36 9.29
N LYS A 129 -20.64 -22.14 8.44
CA LYS A 129 -20.84 -23.56 8.72
C LYS A 129 -19.86 -24.45 7.97
N THR A 130 -19.28 -23.98 6.89
CA THR A 130 -18.35 -24.77 6.10
C THR A 130 -17.30 -23.82 5.52
N LEU A 131 -16.22 -24.38 4.97
CA LEU A 131 -15.17 -23.53 4.42
C LEU A 131 -15.65 -22.68 3.25
N ASP A 132 -16.72 -23.07 2.58
CA ASP A 132 -17.16 -22.31 1.41
C ASP A 132 -17.83 -21.01 1.81
N ASP A 133 -18.39 -20.93 3.02
CA ASP A 133 -19.02 -19.70 3.48
C ASP A 133 -18.01 -18.58 3.68
N PHE A 134 -16.72 -18.91 3.71
CA PHE A 134 -15.71 -17.86 3.74
C PHE A 134 -15.79 -16.96 2.54
N ALA A 135 -16.42 -17.40 1.45
CA ALA A 135 -16.58 -16.52 0.30
C ALA A 135 -17.52 -15.37 0.61
N LEU A 136 -18.43 -15.55 1.58
CA LEU A 136 -19.29 -14.45 2.02
C LEU A 136 -18.48 -13.28 2.53
N LEU A 137 -17.27 -13.54 2.99
CA LEU A 137 -16.38 -12.48 3.40
C LEU A 137 -16.04 -11.52 2.26
N TYR A 138 -16.13 -11.96 1.01
CA TYR A 138 -15.60 -11.21 -0.12
C TYR A 138 -16.63 -10.86 -1.19
N ASN A 139 -17.59 -11.74 -1.45
CA ASN A 139 -18.49 -11.51 -2.57
C ASN A 139 -19.33 -10.28 -2.33
N GLY A 140 -19.16 -9.27 -3.18
CA GLY A 140 -19.98 -8.09 -3.11
C GLY A 140 -19.53 -7.06 -2.12
N HIS A 141 -18.42 -7.28 -1.43
CA HIS A 141 -17.99 -6.39 -0.39
C HIS A 141 -16.66 -5.77 -0.76
N TRP A 142 -16.28 -4.79 0.05
CA TRP A 142 -14.99 -4.12 -0.08
C TRP A 142 -14.84 -3.44 -1.43
N LYS A 143 -15.96 -3.02 -2.02
CA LYS A 143 -15.94 -2.38 -3.33
C LYS A 143 -15.22 -1.05 -3.31
N GLU A 144 -15.21 -0.33 -2.19
CA GLU A 144 -14.51 0.94 -2.16
C GLU A 144 -13.09 0.80 -1.60
N SER A 145 -12.90 -0.06 -0.63
CA SER A 145 -11.59 -0.31 -0.04
C SER A 145 -10.68 -1.02 -1.00
N VAL A 146 -11.22 -1.98 -1.74
CA VAL A 146 -10.46 -2.78 -2.67
C VAL A 146 -11.18 -2.76 -4.01
N PRO A 147 -11.13 -1.67 -4.76
CA PRO A 147 -11.98 -1.56 -5.96
C PRO A 147 -11.73 -2.64 -6.98
N GLU A 148 -10.49 -3.07 -7.17
CA GLU A 148 -10.16 -4.13 -8.11
C GLU A 148 -10.62 -5.50 -7.64
N GLY A 149 -11.17 -5.62 -6.43
CA GLY A 149 -11.55 -6.91 -5.91
C GLY A 149 -10.36 -7.76 -5.54
N ILE A 150 -10.61 -8.91 -4.93
CA ILE A 150 -9.53 -9.82 -4.58
C ILE A 150 -9.27 -10.75 -5.76
N SER A 151 -8.19 -11.51 -5.68
CA SER A 151 -7.65 -12.27 -6.80
C SER A 151 -8.68 -13.17 -7.46
N LYS A 152 -8.88 -12.94 -8.75
CA LYS A 152 -9.70 -13.82 -9.56
C LYS A 152 -9.11 -15.21 -9.51
N GLY A 153 -9.91 -16.15 -9.01
CA GLY A 153 -9.53 -17.53 -8.92
C GLY A 153 -9.01 -17.95 -7.58
N MET A 154 -8.75 -17.00 -6.68
CA MET A 154 -8.21 -17.37 -5.39
C MET A 154 -9.26 -18.08 -4.54
N LEU A 155 -10.54 -17.80 -4.75
CA LEU A 155 -11.58 -18.52 -4.00
C LEU A 155 -12.06 -19.76 -4.73
N SER A 156 -12.29 -19.66 -6.04
CA SER A 156 -12.79 -20.79 -6.81
C SER A 156 -11.86 -21.98 -6.76
N ASN A 157 -10.56 -21.72 -6.76
CA ASN A 157 -9.57 -22.76 -6.99
C ASN A 157 -8.69 -22.94 -5.77
N CYS A 158 -9.23 -22.66 -4.58
CA CYS A 158 -8.37 -22.46 -3.42
C CYS A 158 -7.72 -23.77 -2.99
N THR A 159 -8.33 -24.89 -3.31
CA THR A 159 -7.75 -26.16 -2.89
C THR A 159 -6.71 -26.68 -3.86
N SER A 160 -6.51 -25.96 -4.95
CA SER A 160 -5.61 -26.41 -6.00
C SER A 160 -4.18 -26.42 -5.52
N ASP A 161 -3.48 -27.52 -5.78
CA ASP A 161 -2.09 -27.62 -5.37
C ASP A 161 -1.22 -26.76 -6.25
N LEU A 162 -1.57 -26.63 -7.53
CA LEU A 162 -0.80 -25.77 -8.42
C LEU A 162 -0.89 -24.33 -7.97
N LEU A 163 -2.04 -23.90 -7.49
CA LEU A 163 -2.14 -22.57 -6.93
C LEU A 163 -1.30 -22.42 -5.68
N PHE A 164 -1.17 -23.49 -4.88
CA PHE A 164 -0.41 -23.36 -3.65
C PHE A 164 1.07 -23.30 -3.92
N SER A 165 1.55 -24.02 -4.92
CA SER A 165 2.97 -23.95 -5.24
C SER A 165 3.30 -22.68 -6.01
N MET A 166 2.46 -22.29 -6.97
CA MET A 166 2.78 -21.11 -7.76
C MET A 166 2.81 -19.82 -6.96
N GLU A 167 2.13 -19.73 -5.81
CA GLU A 167 2.24 -18.54 -4.97
C GLU A 167 3.68 -18.22 -4.61
N ARG A 168 4.55 -19.23 -4.49
CA ARG A 168 5.95 -19.01 -4.18
C ARG A 168 6.73 -18.40 -5.33
N LEU A 169 6.12 -18.27 -6.51
CA LEU A 169 6.73 -17.61 -7.65
C LEU A 169 5.94 -16.36 -8.04
N SER A 170 5.06 -15.88 -7.17
CA SER A 170 4.28 -14.70 -7.51
C SER A 170 3.94 -13.86 -6.29
N SER A 171 2.94 -14.28 -5.50
CA SER A 171 2.52 -13.52 -4.32
C SER A 171 3.66 -13.22 -3.37
N ASN A 172 4.47 -14.23 -3.02
CA ASN A 172 5.63 -14.05 -2.16
C ASN A 172 6.76 -14.81 -2.82
N PRO A 173 7.53 -14.15 -3.67
CA PRO A 173 8.60 -14.83 -4.42
C PRO A 173 9.98 -14.70 -3.80
N TYR A 174 10.06 -14.16 -2.61
CA TYR A 174 11.32 -13.80 -2.03
C TYR A 174 11.87 -14.85 -1.08
N VAL A 175 11.23 -16.01 -0.95
CA VAL A 175 11.66 -16.99 0.04
C VAL A 175 12.12 -18.26 -0.65
N LEU A 176 11.52 -18.60 -1.77
CA LEU A 176 11.83 -19.88 -2.41
C LEU A 176 13.27 -19.96 -2.89
N LYS A 177 13.85 -21.15 -2.84
CA LYS A 177 15.24 -21.31 -3.21
C LYS A 177 15.44 -22.73 -3.71
N ARG A 178 16.13 -22.87 -4.84
CA ARG A 178 16.41 -24.18 -5.42
C ARG A 178 17.46 -24.92 -4.60
N LEU A 179 17.33 -26.22 -4.48
CA LEU A 179 18.30 -27.02 -3.75
C LEU A 179 19.44 -27.40 -4.67
N HIS A 180 20.65 -26.98 -4.33
CA HIS A 180 21.80 -27.37 -5.10
C HIS A 180 22.05 -28.86 -4.97
N PRO A 181 22.39 -29.55 -6.05
CA PRO A 181 22.59 -31.01 -5.95
C PRO A 181 23.65 -31.42 -4.98
N THR A 182 24.67 -30.60 -4.76
CA THR A 182 25.70 -31.07 -3.85
C THR A 182 26.00 -30.08 -2.75
N LYS A 183 25.73 -28.81 -2.98
CA LYS A 183 26.02 -27.80 -1.97
C LYS A 183 24.91 -27.64 -0.95
N ASP A 184 23.75 -28.26 -1.14
CA ASP A 184 22.67 -28.26 -0.17
C ASP A 184 22.22 -29.70 0.10
N LYS A 185 21.80 -29.96 1.33
CA LYS A 185 21.30 -31.30 1.62
C LYS A 185 19.79 -31.26 1.70
N LEU A 186 19.18 -32.43 1.65
CA LEU A 186 17.74 -32.51 1.81
C LEU A 186 17.34 -32.02 3.20
N PRO A 187 16.40 -31.09 3.32
CA PRO A 187 16.03 -30.59 4.65
C PRO A 187 15.39 -31.64 5.53
N PHE A 188 14.45 -32.40 4.98
CA PHE A 188 13.81 -33.47 5.72
C PHE A 188 13.54 -34.62 4.77
N SER A 189 13.20 -35.76 5.34
CA SER A 189 12.97 -36.97 4.58
C SER A 189 11.48 -37.25 4.46
N VAL A 190 11.13 -38.00 3.43
CA VAL A 190 9.77 -38.45 3.20
C VAL A 190 9.83 -39.93 2.88
N GLU A 191 8.79 -40.66 3.28
CA GLU A 191 8.70 -42.07 2.96
C GLU A 191 8.75 -42.23 1.45
N SER A 192 9.78 -42.94 0.98
CA SER A 192 10.02 -43.01 -0.45
C SER A 192 8.86 -43.66 -1.22
N LYS A 193 8.00 -44.43 -0.56
CA LYS A 193 6.83 -44.94 -1.25
C LYS A 193 5.86 -43.82 -1.58
N VAL A 194 5.73 -42.87 -0.64
CA VAL A 194 4.92 -41.70 -0.87
C VAL A 194 5.53 -40.85 -1.98
N VAL A 195 6.84 -40.62 -1.90
CA VAL A 195 7.52 -39.83 -2.93
C VAL A 195 7.36 -40.48 -4.29
N LYS A 196 7.46 -41.80 -4.36
CA LYS A 196 7.36 -42.47 -5.65
C LYS A 196 5.95 -42.36 -6.21
N LYS A 197 4.93 -42.58 -5.38
CA LYS A 197 3.57 -42.47 -5.92
C LYS A 197 3.19 -41.03 -6.26
N LEU A 198 3.85 -40.05 -5.66
CA LEU A 198 3.52 -38.65 -5.91
C LEU A 198 4.30 -38.04 -7.08
N THR A 199 5.56 -38.37 -7.21
CA THR A 199 6.42 -37.72 -8.18
C THR A 199 6.90 -38.62 -9.29
N ALA A 200 6.71 -39.93 -9.18
CA ALA A 200 7.20 -40.99 -10.08
C ALA A 200 8.70 -41.14 -10.04
N THR A 201 9.37 -40.55 -9.06
CA THR A 201 10.82 -40.67 -8.98
C THR A 201 11.18 -40.62 -7.50
N THR A 202 12.43 -40.31 -7.19
CA THR A 202 12.85 -40.28 -5.79
C THR A 202 13.34 -38.91 -5.38
N LEU A 203 13.39 -38.69 -4.07
CA LEU A 203 14.00 -37.47 -3.55
C LEU A 203 15.46 -37.36 -3.95
N GLU A 204 16.19 -38.47 -3.95
CA GLU A 204 17.58 -38.42 -4.39
C GLU A 204 17.67 -37.98 -5.83
N ALA A 205 16.87 -38.58 -6.72
CA ALA A 205 16.97 -38.22 -8.12
C ALA A 205 16.46 -36.81 -8.36
N LEU A 206 15.39 -36.41 -7.68
CA LEU A 206 14.90 -35.05 -7.84
C LEU A 206 15.96 -34.06 -7.36
N HIS A 207 16.66 -34.39 -6.28
CA HIS A 207 17.71 -33.54 -5.77
C HIS A 207 18.89 -33.46 -6.75
N LYS A 208 19.33 -34.61 -7.26
CA LYS A 208 20.49 -34.62 -8.15
C LYS A 208 20.16 -33.92 -9.45
N GLY A 209 18.90 -33.93 -9.84
CA GLY A 209 18.51 -33.31 -11.07
C GLY A 209 18.23 -31.84 -10.96
N GLY A 210 18.48 -31.22 -9.81
CA GLY A 210 18.19 -29.82 -9.64
C GLY A 210 16.73 -29.47 -9.78
N ARG A 211 15.83 -30.38 -9.43
CA ARG A 211 14.38 -30.16 -9.54
C ARG A 211 13.69 -29.99 -8.18
N LEU A 212 14.43 -29.92 -7.07
CA LEU A 212 13.86 -29.71 -5.75
C LEU A 212 14.08 -28.28 -5.26
N PHE A 213 13.05 -27.68 -4.70
CA PHE A 213 13.04 -26.32 -4.21
C PHE A 213 12.48 -26.31 -2.79
N LEU A 214 12.93 -25.35 -2.00
CA LEU A 214 12.63 -25.35 -0.57
C LEU A 214 12.15 -23.98 -0.13
N VAL A 215 11.13 -23.95 0.71
CA VAL A 215 10.79 -22.78 1.50
C VAL A 215 11.00 -23.14 2.96
N ASP A 216 11.83 -22.38 3.66
CA ASP A 216 12.23 -22.70 5.02
C ASP A 216 11.70 -21.63 5.97
N HIS A 217 10.55 -21.86 6.59
CA HIS A 217 10.10 -20.98 7.66
C HIS A 217 10.38 -21.55 9.05
N SER A 218 11.36 -22.44 9.18
CA SER A 218 11.57 -23.13 10.43
C SER A 218 12.14 -22.21 11.50
N TYR A 219 12.73 -21.07 11.13
CA TYR A 219 13.21 -20.11 12.11
C TYR A 219 12.09 -19.60 13.02
N GLN A 220 10.84 -19.68 12.60
CA GLN A 220 9.76 -19.23 13.46
C GLN A 220 9.48 -20.20 14.61
N LYS A 221 10.20 -21.30 14.66
CA LYS A 221 10.16 -22.18 15.81
C LYS A 221 10.59 -21.44 17.08
N LYS A 222 11.46 -20.44 16.93
CA LYS A 222 12.01 -19.58 17.99
C LYS A 222 10.97 -18.72 18.70
N TYR A 223 9.77 -18.57 18.17
CA TYR A 223 8.75 -17.69 18.71
C TYR A 223 7.60 -18.51 19.31
N THR A 224 6.95 -17.90 20.30
CA THR A 224 5.83 -18.48 21.02
C THR A 224 4.55 -17.74 20.66
N PRO A 225 3.51 -18.43 20.24
CA PRO A 225 2.27 -17.75 19.88
C PRO A 225 1.62 -17.08 21.08
N GLN A 226 0.80 -16.08 20.78
CA GLN A 226 -0.05 -15.48 21.80
C GLN A 226 -1.03 -16.53 22.31
N PRO A 227 -1.42 -16.43 23.58
CA PRO A 227 -2.41 -17.38 24.12
C PRO A 227 -3.69 -17.39 23.30
N GLY A 228 -4.27 -18.57 23.15
CA GLY A 228 -5.39 -18.75 22.25
C GLY A 228 -5.03 -18.79 20.79
N ARG A 229 -3.76 -18.58 20.44
CA ARG A 229 -3.20 -18.62 19.10
C ARG A 229 -2.17 -19.73 18.99
N TYR A 230 -2.01 -20.22 17.78
CA TYR A 230 -1.10 -21.31 17.54
C TYR A 230 -0.42 -21.06 16.20
N ALA A 231 0.68 -21.78 15.97
CA ALA A 231 1.47 -21.58 14.75
C ALA A 231 2.50 -22.68 14.64
N ALA A 232 2.91 -22.99 13.41
CA ALA A 232 3.93 -24.00 13.15
C ALA A 232 5.23 -23.31 12.78
N ALA A 233 6.16 -24.05 12.17
CA ALA A 233 7.37 -23.48 11.62
C ALA A 233 7.69 -24.26 10.35
N CYS A 234 6.84 -24.09 9.34
CA CYS A 234 6.81 -25.04 8.23
C CYS A 234 8.04 -24.91 7.33
N GLN A 235 8.50 -26.05 6.87
CA GLN A 235 9.38 -26.13 5.72
C GLN A 235 8.55 -26.76 4.63
N GLY A 236 8.52 -26.12 3.47
CA GLY A 236 7.81 -26.64 2.31
C GLY A 236 8.82 -27.08 1.27
N LEU A 237 8.61 -28.29 0.76
CA LEU A 237 9.41 -28.85 -0.31
C LEU A 237 8.58 -28.86 -1.58
N PHE A 238 9.14 -28.30 -2.66
CA PHE A 238 8.46 -28.21 -3.94
C PHE A 238 9.33 -28.84 -5.01
N TYR A 239 8.72 -29.25 -6.11
CA TYR A 239 9.51 -29.84 -7.17
C TYR A 239 8.97 -29.47 -8.52
N LEU A 240 9.83 -29.51 -9.53
CA LEU A 240 9.44 -29.33 -10.91
C LEU A 240 9.20 -30.71 -11.52
N ASP A 241 7.96 -30.97 -11.96
CA ASP A 241 7.56 -32.28 -12.44
C ASP A 241 7.82 -32.39 -13.93
N ALA A 242 8.67 -33.35 -14.31
CA ALA A 242 8.89 -33.62 -15.71
C ALA A 242 7.64 -34.15 -16.41
N ARG A 243 6.73 -34.81 -15.69
CA ARG A 243 5.60 -35.40 -16.39
C ARG A 243 4.65 -34.34 -16.92
N SER A 244 4.52 -33.23 -16.21
CA SER A 244 3.57 -32.19 -16.55
C SER A 244 4.20 -30.83 -16.81
N ASN A 245 5.50 -30.68 -16.55
CA ASN A 245 6.17 -29.38 -16.65
C ASN A 245 5.49 -28.35 -15.75
N GLN A 246 5.39 -28.71 -14.48
CA GLN A 246 4.73 -27.82 -13.54
C GLN A 246 5.47 -27.83 -12.20
N PHE A 247 5.57 -26.64 -11.60
CA PHE A 247 6.12 -26.46 -10.26
C PHE A 247 5.05 -26.84 -9.24
N LEU A 248 5.34 -27.80 -8.36
CA LEU A 248 4.30 -28.44 -7.58
C LEU A 248 4.70 -28.63 -6.12
N PRO A 249 3.73 -28.77 -5.24
CA PRO A 249 4.05 -29.10 -3.84
C PRO A 249 4.41 -30.57 -3.68
N LEU A 250 5.37 -30.81 -2.80
CA LEU A 250 5.77 -32.17 -2.48
C LEU A 250 5.46 -32.52 -1.03
N ALA A 251 6.06 -31.84 -0.06
CA ALA A 251 5.81 -32.17 1.35
C ALA A 251 5.86 -30.90 2.18
N ILE A 252 5.26 -30.98 3.38
CA ILE A 252 5.27 -29.89 4.33
C ILE A 252 5.57 -30.48 5.70
N LYS A 253 6.60 -29.97 6.36
CA LYS A 253 7.00 -30.41 7.69
C LYS A 253 6.79 -29.26 8.68
N THR A 254 6.03 -29.52 9.75
CA THR A 254 5.62 -28.45 10.65
C THR A 254 6.74 -27.95 11.54
N ASN A 255 7.67 -28.82 11.90
CA ASN A 255 8.79 -28.48 12.78
C ASN A 255 8.36 -28.04 14.16
N VAL A 256 7.15 -28.39 14.60
CA VAL A 256 6.70 -28.10 15.95
C VAL A 256 5.92 -29.29 16.48
N GLY A 257 5.94 -29.45 17.80
CA GLY A 257 5.15 -30.48 18.43
C GLY A 257 5.71 -31.84 18.08
N VAL A 258 4.82 -32.72 17.60
CA VAL A 258 5.29 -34.03 17.20
C VAL A 258 5.98 -34.02 15.85
N ASP A 259 5.89 -32.90 15.11
CA ASP A 259 6.71 -32.67 13.93
C ASP A 259 6.28 -33.53 12.75
N LEU A 260 5.02 -33.45 12.37
CA LEU A 260 4.55 -34.31 11.31
C LEU A 260 4.97 -33.80 9.94
N THR A 261 4.96 -34.70 8.95
CA THR A 261 5.24 -34.36 7.57
C THR A 261 4.02 -34.73 6.73
N TYR A 262 3.44 -33.76 6.06
CA TYR A 262 2.27 -33.96 5.23
C TYR A 262 2.62 -33.99 3.74
N THR A 263 1.70 -34.51 2.96
CA THR A 263 1.90 -34.70 1.53
C THR A 263 0.53 -34.57 0.89
N PRO A 264 0.44 -34.23 -0.40
CA PRO A 264 -0.85 -34.32 -1.08
C PRO A 264 -1.46 -35.73 -1.07
N LEU A 265 -0.76 -36.73 -0.56
CA LEU A 265 -1.32 -38.08 -0.42
C LEU A 265 -1.90 -38.34 0.97
N ASP A 266 -1.74 -37.42 1.92
CA ASP A 266 -2.44 -37.46 3.19
C ASP A 266 -3.94 -37.31 2.95
N ASP A 267 -4.71 -37.47 4.03
CA ASP A 267 -6.12 -37.17 3.95
C ASP A 267 -6.31 -35.74 3.45
N LYS A 268 -7.44 -35.52 2.77
CA LYS A 268 -7.73 -34.24 2.19
C LYS A 268 -7.59 -33.11 3.22
N ASP A 269 -8.25 -33.25 4.38
CA ASP A 269 -8.19 -32.17 5.36
C ASP A 269 -6.82 -32.02 5.98
N ASP A 270 -6.08 -33.10 6.12
CA ASP A 270 -4.73 -32.95 6.65
C ASP A 270 -3.86 -32.15 5.69
N TRP A 271 -3.92 -32.46 4.39
CA TRP A 271 -3.07 -31.75 3.45
C TRP A 271 -3.52 -30.31 3.33
N LEU A 272 -4.84 -30.09 3.28
CA LEU A 272 -5.32 -28.73 3.22
C LEU A 272 -4.87 -27.93 4.45
N LEU A 273 -4.90 -28.56 5.62
CA LEU A 273 -4.48 -27.87 6.83
C LEU A 273 -2.98 -27.61 6.84
N ALA A 274 -2.22 -28.50 6.22
CA ALA A 274 -0.79 -28.26 6.13
C ALA A 274 -0.52 -27.05 5.27
N LYS A 275 -1.25 -26.93 4.15
CA LYS A 275 -1.06 -25.76 3.32
C LYS A 275 -1.50 -24.51 4.05
N ILE A 276 -2.53 -24.58 4.89
CA ILE A 276 -2.94 -23.42 5.67
C ILE A 276 -1.86 -23.03 6.67
N MET A 277 -1.26 -24.01 7.35
CA MET A 277 -0.21 -23.66 8.30
C MET A 277 0.98 -23.02 7.60
N PHE A 278 1.38 -23.58 6.45
CA PHE A 278 2.45 -22.95 5.68
C PHE A 278 2.06 -21.55 5.27
N ASN A 279 0.81 -21.32 4.88
CA ASN A 279 0.47 -19.98 4.44
C ASN A 279 0.51 -18.98 5.60
N ASN A 280 0.25 -19.46 6.80
CA ASN A 280 0.39 -18.66 8.01
C ASN A 280 1.84 -18.27 8.23
N ASN A 281 2.74 -19.23 8.10
CA ASN A 281 4.15 -18.91 8.26
C ASN A 281 4.65 -17.98 7.16
N ASP A 282 4.18 -18.18 5.93
CA ASP A 282 4.59 -17.36 4.81
C ASP A 282 4.05 -15.95 4.94
N LEU A 283 2.85 -15.78 5.47
CA LEU A 283 2.33 -14.43 5.71
C LEU A 283 3.16 -13.71 6.77
N PHE A 284 3.47 -14.38 7.86
CA PHE A 284 4.35 -13.77 8.84
C PHE A 284 5.65 -13.33 8.18
N TYR A 285 6.22 -14.20 7.34
CA TYR A 285 7.50 -13.91 6.71
C TYR A 285 7.40 -12.67 5.84
N SER A 286 6.41 -12.60 4.95
CA SER A 286 6.37 -11.54 3.97
C SER A 286 6.14 -10.21 4.68
N GLN A 287 5.26 -10.22 5.66
CA GLN A 287 4.99 -8.98 6.35
C GLN A 287 6.20 -8.51 7.13
N MET A 288 7.03 -9.42 7.62
CA MET A 288 8.06 -8.90 8.49
C MET A 288 9.40 -8.75 7.80
N TYR A 289 9.62 -9.52 6.77
CA TYR A 289 10.78 -9.26 5.96
C TYR A 289 10.65 -7.95 5.21
N HIS A 290 9.43 -7.53 4.82
CA HIS A 290 9.38 -6.30 4.01
C HIS A 290 9.71 -5.04 4.80
N VAL A 291 9.80 -5.13 6.13
CA VAL A 291 10.36 -4.05 6.91
C VAL A 291 11.67 -3.59 6.30
N LEU A 292 12.45 -4.54 5.79
CA LEU A 292 13.71 -4.23 5.14
C LEU A 292 13.51 -3.50 3.81
N PHE A 293 12.43 -3.81 3.09
CA PHE A 293 12.09 -2.98 1.93
C PHE A 293 11.78 -1.55 2.37
N HIS A 294 11.42 -1.34 3.63
CA HIS A 294 11.30 0.04 4.08
C HIS A 294 12.64 0.63 4.52
N THR A 295 13.44 -0.10 5.29
CA THR A 295 14.59 0.50 5.96
C THR A 295 15.85 0.58 5.10
N ILE A 296 16.03 -0.24 4.07
CA ILE A 296 17.20 -0.06 3.20
C ILE A 296 17.08 1.20 2.35
N PRO A 297 15.93 1.47 1.71
CA PRO A 297 15.79 2.77 1.05
C PRO A 297 15.97 3.93 2.00
N GLU A 298 15.38 3.90 3.20
CA GLU A 298 15.51 5.01 4.13
C GLU A 298 16.97 5.35 4.37
N ILE A 299 17.80 4.33 4.61
CA ILE A 299 19.20 4.60 4.95
C ILE A 299 19.95 5.14 3.75
N VAL A 300 19.62 4.66 2.55
CA VAL A 300 20.25 5.19 1.33
C VAL A 300 19.84 6.64 1.13
N HIS A 301 18.58 6.96 1.34
CA HIS A 301 18.17 8.33 1.26
C HIS A 301 18.76 9.18 2.39
N GLU A 302 19.00 8.63 3.57
CA GLU A 302 19.62 9.43 4.63
C GLU A 302 21.02 9.85 4.24
N ALA A 303 21.80 8.87 3.79
CA ALA A 303 23.15 9.15 3.36
C ALA A 303 23.15 10.19 2.24
N ALA A 304 22.20 10.09 1.30
CA ALA A 304 22.11 11.08 0.23
C ALA A 304 21.76 12.47 0.76
N PHE A 305 20.77 12.55 1.64
CA PHE A 305 20.36 13.86 2.13
C PHE A 305 21.48 14.57 2.88
N ARG A 306 22.32 13.81 3.55
CA ARG A 306 23.49 14.36 4.22
C ARG A 306 24.65 14.76 3.28
N THR A 307 24.54 14.61 1.97
CA THR A 307 25.71 14.78 1.10
C THR A 307 25.39 15.48 -0.23
N LEU A 308 24.27 15.15 -0.85
CA LEU A 308 23.84 15.83 -2.05
C LEU A 308 23.12 17.13 -1.69
N SER A 309 23.34 18.14 -2.52
CA SER A 309 22.65 19.39 -2.33
C SER A 309 21.16 19.18 -2.54
N ASP A 310 20.35 20.00 -1.90
CA ASP A 310 18.95 19.98 -2.25
C ASP A 310 18.72 20.31 -3.72
N ARG A 311 19.65 21.02 -4.38
CA ARG A 311 19.47 21.36 -5.79
C ARG A 311 20.09 20.33 -6.73
N HIS A 312 20.65 19.28 -6.21
CA HIS A 312 21.16 18.20 -7.03
C HIS A 312 20.02 17.40 -7.66
N PRO A 313 20.07 17.12 -8.97
CA PRO A 313 18.95 16.40 -9.62
C PRO A 313 18.66 15.02 -9.07
N VAL A 314 19.68 14.33 -8.60
CA VAL A 314 19.48 13.01 -8.02
C VAL A 314 18.79 13.13 -6.66
N MET A 315 19.10 14.18 -5.90
CA MET A 315 18.41 14.43 -4.64
C MET A 315 16.94 14.61 -4.85
N GLY A 316 16.55 15.31 -5.92
CA GLY A 316 15.14 15.53 -6.18
C GLY A 316 14.40 14.26 -6.57
N VAL A 317 15.04 13.40 -7.37
CA VAL A 317 14.38 12.14 -7.69
C VAL A 317 14.31 11.22 -6.47
N LEU A 318 15.36 11.19 -5.63
CA LEU A 318 15.30 10.36 -4.43
C LEU A 318 14.23 10.86 -3.48
N ASN A 319 14.14 12.19 -3.28
CA ASN A 319 13.05 12.73 -2.47
C ASN A 319 11.71 12.31 -3.02
N ARG A 320 11.54 12.39 -4.34
CA ARG A 320 10.26 11.97 -4.90
C ARG A 320 9.97 10.51 -4.58
N LEU A 321 10.95 9.63 -4.73
CA LEU A 321 10.66 8.21 -4.51
C LEU A 321 10.46 7.88 -3.03
N MET A 322 11.05 8.67 -2.12
CA MET A 322 10.92 8.47 -0.69
C MET A 322 9.83 9.34 -0.09
N TYR A 323 8.89 9.77 -0.91
CA TYR A 323 7.73 10.47 -0.44
C TYR A 323 7.10 9.73 0.73
N GLN A 324 6.85 10.48 1.81
CA GLN A 324 6.23 10.02 3.05
C GLN A 324 6.97 8.88 3.71
N ALA A 325 8.17 8.50 3.26
CA ALA A 325 8.71 7.22 3.72
C ALA A 325 9.01 7.23 5.21
N TYR A 326 9.32 8.39 5.78
CA TYR A 326 9.76 8.45 7.15
C TYR A 326 8.62 8.37 8.14
N ALA A 327 7.41 8.18 7.65
CA ALA A 327 6.27 7.93 8.49
C ALA A 327 6.13 6.48 8.89
N ILE A 328 6.68 5.54 8.14
CA ILE A 328 6.29 4.14 8.32
C ILE A 328 6.82 3.60 9.65
N ARG A 329 8.05 3.94 10.04
CA ARG A 329 8.53 3.46 11.32
C ARG A 329 7.79 4.09 12.51
N PRO A 330 7.60 5.42 12.58
CA PRO A 330 6.83 5.97 13.71
C PRO A 330 5.39 5.48 13.80
N VAL A 331 4.69 5.45 12.66
CA VAL A 331 3.30 5.05 12.66
C VAL A 331 3.18 3.58 13.02
N GLY A 332 4.03 2.75 12.42
CA GLY A 332 4.03 1.34 12.73
C GLY A 332 4.33 1.06 14.19
N GLY A 333 5.28 1.79 14.76
CA GLY A 333 5.57 1.62 16.17
C GLY A 333 4.45 2.08 17.07
N ALA A 334 3.64 3.04 16.63
CA ALA A 334 2.64 3.58 17.52
C ALA A 334 1.32 2.82 17.44
N VAL A 335 0.97 2.22 16.31
CA VAL A 335 -0.32 1.56 16.22
C VAL A 335 -0.23 0.14 15.72
N LEU A 336 0.86 -0.29 15.12
CA LEU A 336 0.87 -1.62 14.55
C LEU A 336 1.55 -2.63 15.45
N PHE A 337 2.78 -2.33 15.88
CA PHE A 337 3.57 -3.28 16.64
C PHE A 337 3.67 -2.93 18.11
N ASN A 338 2.82 -2.01 18.59
CA ASN A 338 2.71 -1.71 20.00
C ASN A 338 1.95 -2.81 20.73
N PRO A 339 2.13 -2.92 22.04
CA PRO A 339 1.34 -3.90 22.81
C PRO A 339 -0.13 -3.70 22.58
N GLY A 340 -0.76 -4.70 21.99
CA GLY A 340 -2.18 -4.66 21.74
C GLY A 340 -2.58 -3.90 20.51
N GLY A 341 -1.64 -3.62 19.61
CA GLY A 341 -1.94 -2.96 18.38
C GLY A 341 -2.50 -3.94 17.38
N PHE A 342 -2.54 -3.49 16.13
CA PHE A 342 -3.25 -4.22 15.10
C PHE A 342 -2.60 -5.56 14.81
N TRP A 343 -1.27 -5.62 14.93
CA TRP A 343 -0.61 -6.90 14.75
C TRP A 343 -1.08 -7.87 15.81
N ASP A 344 -0.95 -7.49 17.09
CA ASP A 344 -1.36 -8.36 18.20
C ASP A 344 -2.81 -8.79 18.05
N GLN A 345 -3.67 -7.85 17.65
CA GLN A 345 -5.09 -8.14 17.48
C GLN A 345 -5.33 -9.24 16.46
N ASN A 346 -4.51 -9.32 15.40
CA ASN A 346 -4.87 -10.18 14.28
C ASN A 346 -3.93 -11.34 14.01
N PHE A 347 -2.67 -11.23 14.32
CA PHE A 347 -1.74 -12.28 13.94
C PHE A 347 -1.47 -13.23 15.11
N GLY A 348 -0.97 -14.41 14.74
CA GLY A 348 -0.65 -15.50 15.63
C GLY A 348 0.51 -15.24 16.56
N LEU A 349 1.63 -14.82 16.03
CA LEU A 349 2.80 -14.47 16.82
C LEU A 349 2.71 -13.04 17.36
N PRO A 350 3.21 -12.82 18.57
CA PRO A 350 3.11 -11.47 19.17
C PRO A 350 3.99 -10.47 18.43
N ALA A 351 3.68 -9.19 18.66
CA ALA A 351 4.41 -8.10 18.03
C ALA A 351 5.89 -8.15 18.37
N SER A 352 6.25 -8.68 19.54
CA SER A 352 7.66 -8.75 19.91
C SER A 352 8.42 -9.70 18.99
N ALA A 353 7.77 -10.77 18.54
CA ALA A 353 8.41 -11.73 17.63
C ALA A 353 8.46 -11.17 16.21
N ALA A 354 7.35 -10.55 15.76
CA ALA A 354 7.34 -9.84 14.49
C ALA A 354 8.48 -8.83 14.39
N ILE A 355 8.68 -8.02 15.44
CA ILE A 355 9.74 -7.01 15.39
C ILE A 355 11.10 -7.67 15.47
N ASP A 356 11.22 -8.80 16.15
CA ASP A 356 12.52 -9.46 16.24
C ASP A 356 12.96 -10.04 14.89
N PHE A 357 12.02 -10.41 14.03
CA PHE A 357 12.43 -11.10 12.81
C PHE A 357 13.32 -10.29 11.85
N PRO A 358 12.98 -9.06 11.42
CA PRO A 358 13.87 -8.35 10.50
C PRO A 358 15.24 -8.00 11.08
N GLY A 359 15.31 -7.78 12.40
CA GLY A 359 16.60 -7.63 13.03
C GLY A 359 17.42 -8.90 13.03
N SER A 360 16.79 -10.06 13.21
CA SER A 360 17.52 -11.32 13.08
C SER A 360 18.02 -11.52 11.67
N VAL A 361 17.20 -11.23 10.67
CA VAL A 361 17.65 -11.31 9.29
C VAL A 361 18.85 -10.42 9.08
N TYR A 362 18.75 -9.16 9.51
CA TYR A 362 19.83 -8.21 9.31
C TYR A 362 21.09 -8.63 10.04
N ALA A 363 20.91 -9.22 11.22
CA ALA A 363 22.05 -9.70 11.98
C ALA A 363 22.71 -10.90 11.31
N GLN A 364 21.96 -11.70 10.56
CA GLN A 364 22.59 -12.81 9.83
C GLN A 364 23.18 -12.37 8.49
N GLY A 365 23.18 -11.09 8.17
CA GLY A 365 23.80 -10.60 6.96
C GLY A 365 22.84 -10.26 5.84
N GLY A 366 21.54 -10.32 6.08
CA GLY A 366 20.57 -10.08 5.04
C GLY A 366 20.38 -8.62 4.84
N GLY A 367 19.59 -8.28 3.85
CA GLY A 367 19.36 -6.88 3.59
C GLY A 367 20.49 -6.16 2.90
N GLY A 368 21.37 -6.86 2.20
CA GLY A 368 22.35 -6.18 1.37
C GLY A 368 21.70 -5.43 0.22
N PHE A 369 22.26 -4.29 -0.14
CA PHE A 369 21.65 -3.50 -1.21
C PHE A 369 21.85 -4.15 -2.57
N GLN A 370 23.09 -4.33 -3.00
CA GLN A 370 23.31 -4.98 -4.29
C GLN A 370 22.82 -6.43 -4.30
N ALA A 371 22.90 -7.09 -3.14
CA ALA A 371 22.36 -8.43 -2.93
C ALA A 371 20.89 -8.53 -3.33
N GLY A 372 20.17 -7.43 -3.24
CA GLY A 372 18.77 -7.40 -3.55
C GLY A 372 18.42 -7.04 -4.96
N TYR A 373 19.38 -6.75 -5.84
CA TYR A 373 19.03 -6.48 -7.22
C TYR A 373 18.31 -7.69 -7.76
N LEU A 374 17.34 -7.48 -8.64
CA LEU A 374 16.43 -8.55 -9.05
C LEU A 374 17.16 -9.83 -9.47
N GLU A 375 17.98 -9.75 -10.50
CA GLU A 375 18.59 -10.96 -11.01
C GLU A 375 19.68 -11.47 -10.09
N LYS A 376 20.38 -10.59 -9.40
CA LYS A 376 21.37 -11.06 -8.45
C LYS A 376 20.71 -11.88 -7.35
N ASP A 377 19.58 -11.42 -6.82
CA ASP A 377 18.85 -12.17 -5.82
C ASP A 377 18.35 -13.50 -6.37
N LEU A 378 17.63 -13.47 -7.50
CA LEU A 378 17.04 -14.70 -8.00
C LEU A 378 18.11 -15.69 -8.42
N ARG A 379 19.23 -15.20 -8.91
CA ARG A 379 20.29 -16.12 -9.30
C ARG A 379 20.96 -16.71 -8.08
N SER A 380 21.14 -15.91 -7.04
CA SER A 380 21.67 -16.48 -5.81
C SER A 380 20.75 -17.55 -5.25
N ARG A 381 19.43 -17.44 -5.44
CA ARG A 381 18.53 -18.52 -5.05
C ARG A 381 18.31 -19.56 -6.14
N GLY A 382 18.99 -19.49 -7.28
CA GLY A 382 18.87 -20.53 -8.28
C GLY A 382 17.58 -20.56 -9.07
N LEU A 383 16.92 -19.43 -9.28
CA LEU A 383 15.63 -19.40 -9.95
C LEU A 383 15.65 -18.87 -11.38
N ILE A 384 16.82 -18.53 -11.95
CA ILE A 384 16.91 -17.97 -13.30
C ILE A 384 17.72 -18.90 -14.18
N GLY A 385 17.18 -19.25 -15.37
CA GLY A 385 17.85 -20.13 -16.32
C GLY A 385 17.99 -21.59 -15.88
N GLU A 386 18.91 -22.28 -16.52
CA GLU A 386 19.14 -23.69 -16.19
C GLU A 386 20.31 -23.76 -15.23
N ASP A 387 20.00 -23.72 -13.94
CA ASP A 387 20.96 -23.51 -12.86
C ASP A 387 21.09 -24.81 -12.08
N SER A 388 22.09 -25.61 -12.45
CA SER A 388 22.29 -26.94 -11.90
C SER A 388 21.00 -27.75 -11.93
N GLY A 389 20.05 -27.33 -12.78
CA GLY A 389 18.76 -27.97 -12.94
C GLY A 389 17.99 -27.37 -14.09
N PRO A 390 16.76 -27.79 -14.30
CA PRO A 390 15.96 -27.27 -15.40
C PRO A 390 15.40 -25.89 -15.12
N ARG A 391 14.81 -25.33 -16.15
CA ARG A 391 14.34 -23.96 -16.15
C ARG A 391 12.90 -23.97 -15.69
N LEU A 392 12.55 -23.09 -14.78
CA LEU A 392 11.17 -22.94 -14.38
C LEU A 392 10.34 -22.49 -15.58
N PRO A 393 9.32 -23.22 -15.98
CA PRO A 393 8.50 -22.77 -17.12
C PRO A 393 7.72 -21.49 -16.87
N HIS A 394 7.41 -21.13 -15.62
CA HIS A 394 6.57 -19.96 -15.35
C HIS A 394 7.01 -19.33 -14.05
N PHE A 395 7.39 -18.06 -14.12
CA PHE A 395 7.82 -17.29 -12.96
C PHE A 395 7.17 -15.92 -13.10
N PRO A 396 5.89 -15.82 -12.76
CA PRO A 396 5.15 -14.58 -13.07
C PRO A 396 5.73 -13.35 -12.40
N PHE A 397 6.22 -13.47 -11.18
CA PHE A 397 6.86 -12.32 -10.57
C PHE A 397 8.07 -11.87 -11.37
N TYR A 398 8.91 -12.80 -11.80
CA TYR A 398 10.08 -12.43 -12.58
C TYR A 398 9.69 -11.78 -13.90
N GLU A 399 8.62 -12.23 -14.54
CA GLU A 399 8.29 -11.68 -15.84
C GLU A 399 7.70 -10.27 -15.72
N ASP A 400 6.73 -10.12 -14.82
CA ASP A 400 6.21 -8.79 -14.53
C ASP A 400 7.29 -7.84 -14.02
N ALA A 401 8.15 -8.33 -13.12
CA ALA A 401 9.27 -7.54 -12.61
C ALA A 401 10.23 -7.14 -13.72
N HIS A 402 10.53 -8.06 -14.61
CA HIS A 402 11.44 -7.75 -15.69
C HIS A 402 10.88 -6.66 -16.58
N ARG A 403 9.58 -6.72 -16.89
CA ARG A 403 9.00 -5.64 -17.70
C ARG A 403 9.09 -4.30 -16.97
N LEU A 404 8.56 -4.24 -15.74
CA LEU A 404 8.50 -2.96 -15.05
C LEU A 404 9.89 -2.39 -14.82
N ILE A 405 10.82 -3.21 -14.34
CA ILE A 405 12.18 -2.76 -14.13
C ILE A 405 12.79 -2.28 -15.43
N GLY A 406 12.44 -2.90 -16.56
CA GLY A 406 12.89 -2.40 -17.83
C GLY A 406 12.44 -0.96 -18.08
N ALA A 407 11.19 -0.66 -17.78
CA ALA A 407 10.72 0.70 -17.98
C ALA A 407 11.44 1.67 -17.05
N ILE A 408 11.65 1.25 -15.80
CA ILE A 408 12.31 2.13 -14.84
C ILE A 408 13.75 2.35 -15.24
N ARG A 409 14.39 1.33 -15.78
CA ARG A 409 15.81 1.43 -16.07
C ARG A 409 16.01 2.27 -17.31
N ARG A 410 15.16 2.09 -18.31
CA ARG A 410 15.18 3.01 -19.43
C ARG A 410 15.07 4.45 -18.94
N PHE A 411 14.10 4.75 -18.07
CA PHE A 411 13.99 6.11 -17.58
C PHE A 411 15.27 6.54 -16.86
N MET A 412 15.79 5.69 -15.98
CA MET A 412 16.92 6.13 -15.19
C MET A 412 18.12 6.36 -16.06
N GLN A 413 18.28 5.53 -17.08
CA GLN A 413 19.37 5.71 -18.03
C GLN A 413 19.25 7.04 -18.74
N ALA A 414 18.05 7.37 -19.20
CA ALA A 414 17.92 8.67 -19.84
C ALA A 414 18.08 9.81 -18.86
N PHE A 415 17.69 9.62 -17.60
CA PHE A 415 17.84 10.67 -16.61
C PHE A 415 19.30 10.94 -16.30
N VAL A 416 20.09 9.89 -16.16
CA VAL A 416 21.51 10.04 -15.86
C VAL A 416 22.23 10.63 -17.05
N ASP A 417 21.93 10.15 -18.27
CA ASP A 417 22.53 10.75 -19.45
C ASP A 417 22.14 12.22 -19.58
N SER A 418 20.89 12.56 -19.26
CA SER A 418 20.50 13.96 -19.35
C SER A 418 21.26 14.82 -18.33
N THR A 419 21.51 14.29 -17.15
CA THR A 419 22.17 15.08 -16.12
C THR A 419 23.66 15.24 -16.37
N TYR A 420 24.31 14.20 -16.85
CA TYR A 420 25.75 14.17 -16.99
C TYR A 420 26.25 14.29 -18.42
N GLY A 421 25.36 14.15 -19.39
CA GLY A 421 25.59 14.50 -20.78
C GLY A 421 26.60 13.70 -21.58
N ALA A 422 26.41 12.39 -21.74
CA ALA A 422 27.26 11.67 -22.69
C ALA A 422 26.69 10.29 -22.99
N ASP A 423 27.54 9.26 -23.04
CA ASP A 423 27.13 7.95 -23.54
C ASP A 423 27.70 6.86 -22.65
N ASP A 424 26.85 6.25 -21.84
CA ASP A 424 27.24 5.11 -21.04
C ASP A 424 28.49 5.39 -20.22
N ASP A 427 33.06 9.15 -18.57
CA ASP A 427 32.30 9.34 -17.35
C ASP A 427 32.96 10.29 -16.34
N GLY A 428 33.67 11.29 -16.86
CA GLY A 428 34.33 12.24 -16.00
C GLY A 428 33.38 13.13 -15.22
N ALA A 429 32.29 13.57 -15.85
CA ALA A 429 31.30 14.35 -15.12
C ALA A 429 30.83 13.64 -13.84
N LEU A 430 30.66 12.31 -13.87
CA LEU A 430 30.28 11.60 -12.65
C LEU A 430 31.42 11.59 -11.65
N LEU A 431 32.64 11.45 -12.12
CA LEU A 431 33.74 11.32 -11.18
C LEU A 431 34.00 12.63 -10.46
N ARG A 432 33.76 13.74 -11.14
CA ARG A 432 34.00 15.07 -10.62
C ARG A 432 32.78 15.69 -9.93
N ASP A 433 31.69 14.95 -9.78
CA ASP A 433 30.53 15.30 -8.95
C ASP A 433 30.86 14.89 -7.52
N TYR A 434 31.49 15.80 -6.77
CA TYR A 434 31.92 15.46 -5.42
C TYR A 434 30.74 15.18 -4.51
N GLU A 435 29.57 15.73 -4.81
CA GLU A 435 28.39 15.39 -4.01
C GLU A 435 28.00 13.92 -4.20
N LEU A 436 27.96 13.43 -5.44
CA LEU A 436 27.66 12.03 -5.66
C LEU A 436 28.69 11.12 -5.01
N GLN A 437 29.96 11.44 -5.18
CA GLN A 437 31.02 10.64 -4.57
C GLN A 437 30.96 10.70 -3.06
N ASN A 438 30.57 11.84 -2.51
CA ASN A 438 30.37 11.90 -1.06
C ASN A 438 29.22 11.03 -0.63
N TRP A 439 28.11 11.05 -1.37
CA TRP A 439 27.02 10.14 -1.08
C TRP A 439 27.50 8.70 -1.00
N ILE A 440 28.36 8.29 -1.92
CA ILE A 440 28.78 6.89 -1.92
C ILE A 440 29.67 6.60 -0.72
N ALA A 441 30.61 7.50 -0.45
CA ALA A 441 31.48 7.33 0.72
C ALA A 441 30.67 7.34 2.02
N GLU A 442 29.68 8.22 2.11
CA GLU A 442 28.82 8.34 3.27
C GLU A 442 27.99 7.08 3.46
N ALA A 443 27.49 6.52 2.37
CA ALA A 443 26.73 5.29 2.46
C ALA A 443 27.61 4.18 2.98
N ASN A 444 28.80 4.05 2.40
CA ASN A 444 29.65 2.95 2.79
C ASN A 444 30.22 3.11 4.18
N GLY A 445 30.26 4.34 4.71
CA GLY A 445 30.93 4.60 5.96
C GLY A 445 30.00 4.86 7.12
N PRO A 446 29.71 6.13 7.39
CA PRO A 446 28.92 6.48 8.58
C PRO A 446 27.52 5.92 8.57
N ALA A 447 26.84 5.96 7.43
CA ALA A 447 25.48 5.43 7.36
C ALA A 447 25.44 3.93 7.55
N GLN A 448 26.56 3.24 7.29
CA GLN A 448 26.69 1.79 7.47
C GLN A 448 25.74 1.00 6.60
N VAL A 449 25.58 1.40 5.36
CA VAL A 449 24.79 0.65 4.39
C VAL A 449 25.55 -0.59 3.96
N ARG A 450 24.86 -1.74 3.94
CA ARG A 450 25.44 -3.00 3.47
C ARG A 450 25.35 -3.16 1.96
N ASP A 451 26.44 -3.64 1.37
CA ASP A 451 26.49 -4.08 -0.01
C ASP A 451 26.06 -2.96 -0.96
N PHE A 452 26.57 -1.90 -0.77
CA PHE A 452 26.42 -0.74 -1.59
C PHE A 452 27.65 -0.60 -2.47
N PRO A 453 27.49 -0.12 -3.70
CA PRO A 453 28.65 0.04 -4.58
C PRO A 453 29.74 0.86 -3.92
N ALA A 454 30.95 0.34 -3.96
CA ALA A 454 32.07 0.97 -3.29
C ALA A 454 32.43 2.30 -3.93
N ALA A 455 33.02 3.19 -3.15
CA ALA A 455 33.49 4.46 -3.68
C ALA A 455 34.89 4.21 -4.10
N PRO A 456 35.37 4.93 -5.11
CA PRO A 456 34.68 5.89 -5.94
C PRO A 456 33.86 5.25 -7.01
N LEU A 457 32.80 5.93 -7.40
CA LEU A 457 31.86 5.41 -8.38
C LEU A 457 32.28 5.91 -9.74
N ARG A 458 32.67 4.99 -10.61
CA ARG A 458 33.34 5.34 -11.86
C ARG A 458 32.46 5.24 -13.09
N ARG A 459 31.38 4.46 -13.05
CA ARG A 459 30.60 4.16 -14.25
C ARG A 459 29.15 4.59 -14.09
N ARG A 460 28.61 5.28 -15.09
CA ARG A 460 27.18 5.59 -15.12
C ARG A 460 26.31 4.38 -14.80
N ALA A 461 26.66 3.20 -15.33
CA ALA A 461 25.85 2.02 -15.08
C ALA A 461 25.63 1.78 -13.59
N GLN A 462 26.59 2.17 -12.76
CA GLN A 462 26.45 1.95 -11.32
C GLN A 462 25.40 2.86 -10.73
N LEU A 463 25.49 4.15 -11.03
CA LEU A 463 24.47 5.06 -10.58
C LEU A 463 23.09 4.63 -11.09
N VAL A 464 23.02 4.19 -12.34
CA VAL A 464 21.73 3.77 -12.91
C VAL A 464 21.21 2.55 -12.16
N ASP A 465 22.10 1.64 -11.74
CA ASP A 465 21.66 0.50 -10.93
C ASP A 465 21.06 0.94 -9.61
N VAL A 466 21.73 1.85 -8.93
CA VAL A 466 21.25 2.36 -7.65
C VAL A 466 19.87 2.98 -7.80
N LEU A 467 19.72 3.92 -8.74
CA LEU A 467 18.45 4.60 -8.91
C LEU A 467 17.35 3.67 -9.40
N THR A 468 17.68 2.71 -10.26
CA THR A 468 16.71 1.71 -10.67
C THR A 468 16.25 0.86 -9.51
N HIS A 469 17.18 0.43 -8.68
CA HIS A 469 16.81 -0.42 -7.57
C HIS A 469 15.97 0.32 -6.55
N VAL A 470 16.24 1.61 -6.33
CA VAL A 470 15.40 2.34 -5.38
C VAL A 470 14.00 2.49 -5.95
N ALA A 471 13.88 2.95 -7.19
CA ALA A 471 12.54 3.08 -7.75
C ALA A 471 11.81 1.74 -7.76
N TRP A 472 12.56 0.65 -7.96
CA TRP A 472 11.95 -0.67 -8.05
C TRP A 472 11.44 -1.12 -6.70
N ILE A 473 12.15 -0.81 -5.63
CA ILE A 473 11.65 -1.07 -4.30
C ILE A 473 10.39 -0.25 -4.02
N THR A 474 10.44 1.04 -4.29
CA THR A 474 9.27 1.77 -3.82
C THR A 474 8.06 1.60 -4.71
N GLY A 475 8.25 1.22 -5.97
CA GLY A 475 7.08 1.19 -6.81
C GLY A 475 6.76 -0.19 -7.29
N GLY A 476 7.49 -1.19 -6.79
CA GLY A 476 7.37 -2.56 -7.24
C GLY A 476 7.54 -3.59 -6.16
N ALA A 477 8.77 -3.79 -5.65
CA ALA A 477 9.00 -4.82 -4.66
C ALA A 477 8.13 -4.64 -3.40
N HIS A 478 7.99 -3.41 -2.91
CA HIS A 478 7.15 -3.20 -1.73
C HIS A 478 5.74 -3.71 -1.95
N HIS A 479 5.19 -3.47 -3.13
CA HIS A 479 3.79 -3.75 -3.35
C HIS A 479 3.54 -5.21 -3.68
N VAL A 480 4.58 -6.00 -3.79
CA VAL A 480 4.37 -7.43 -3.89
C VAL A 480 4.21 -8.03 -2.50
N MET A 481 4.92 -7.49 -1.52
CA MET A 481 4.88 -8.06 -0.18
C MET A 481 3.78 -7.46 0.69
N ASN A 482 3.54 -6.17 0.55
CA ASN A 482 2.69 -5.38 1.43
C ASN A 482 1.71 -4.66 0.53
N GLN A 483 1.34 -3.43 0.87
CA GLN A 483 0.40 -2.62 0.09
C GLN A 483 -0.89 -3.44 -0.09
N GLY A 484 -1.41 -3.59 -1.30
CA GLY A 484 -2.65 -4.32 -1.51
C GLY A 484 -2.49 -5.79 -1.66
N SER A 485 -1.29 -6.28 -1.59
CA SER A 485 -1.07 -7.70 -1.83
C SER A 485 -1.60 -8.62 -0.74
N PRO A 486 -1.42 -8.34 0.54
CA PRO A 486 -2.08 -9.19 1.54
C PRO A 486 -3.61 -9.28 1.37
N VAL A 487 -4.31 -8.17 1.15
CA VAL A 487 -5.75 -8.27 1.00
C VAL A 487 -6.14 -8.97 -0.30
N LYS A 488 -5.38 -8.81 -1.39
CA LYS A 488 -5.75 -9.43 -2.66
C LYS A 488 -5.23 -10.85 -2.87
N PHE A 489 -4.07 -11.21 -2.31
CA PHE A 489 -3.44 -12.50 -2.57
C PHE A 489 -2.95 -13.21 -1.31
N SER A 490 -2.05 -12.59 -0.54
CA SER A 490 -1.28 -13.24 0.52
C SER A 490 -2.11 -13.53 1.76
N GLY A 491 -3.13 -12.72 2.02
CA GLY A 491 -3.94 -12.90 3.19
C GLY A 491 -5.41 -13.08 2.89
N VAL A 492 -5.72 -13.85 1.87
CA VAL A 492 -7.09 -14.15 1.51
C VAL A 492 -7.51 -15.40 2.24
N LEU A 493 -8.62 -15.31 2.97
CA LEU A 493 -9.20 -16.42 3.71
C LEU A 493 -9.98 -17.33 2.78
N PRO A 494 -9.97 -18.63 3.06
CA PRO A 494 -9.49 -19.28 4.28
C PRO A 494 -8.11 -19.81 4.17
N LEU A 495 -7.54 -19.78 2.98
CA LEU A 495 -6.23 -20.38 2.77
C LEU A 495 -5.10 -19.63 3.46
N HIS A 496 -5.27 -18.36 3.78
CA HIS A 496 -4.20 -17.54 4.33
C HIS A 496 -4.61 -16.81 5.60
N PRO A 497 -4.69 -17.50 6.73
CA PRO A 497 -5.07 -16.83 7.98
C PRO A 497 -3.91 -16.18 8.71
N ALA A 498 -4.17 -14.99 9.22
CA ALA A 498 -3.17 -14.31 10.03
C ALA A 498 -2.82 -15.08 11.29
N ALA A 499 -3.76 -15.83 11.85
CA ALA A 499 -3.49 -16.62 13.04
C ALA A 499 -4.19 -17.96 12.94
N LEU A 500 -3.66 -18.95 13.66
CA LEU A 500 -4.34 -20.23 13.83
C LEU A 500 -4.97 -20.31 15.21
N TYR A 501 -6.19 -20.82 15.28
CA TYR A 501 -7.02 -20.74 16.47
C TYR A 501 -7.24 -22.10 17.11
N ALA A 502 -6.52 -23.12 16.68
CA ALA A 502 -6.61 -24.43 17.28
C ALA A 502 -5.22 -25.02 17.27
N PRO A 503 -4.91 -25.86 18.25
CA PRO A 503 -3.54 -26.36 18.38
C PRO A 503 -3.10 -27.18 17.18
N ILE A 504 -1.80 -27.12 16.92
CA ILE A 504 -1.20 -27.89 15.83
C ILE A 504 -1.47 -29.37 16.07
N PRO A 505 -2.07 -30.07 15.11
CA PRO A 505 -2.38 -31.50 15.32
C PRO A 505 -1.17 -32.33 15.73
N THR A 506 -1.48 -33.42 16.44
CA THR A 506 -0.48 -34.41 16.87
C THR A 506 -0.61 -35.75 16.16
N ALA A 507 -1.62 -35.95 15.31
CA ALA A 507 -1.77 -37.17 14.52
C ALA A 507 -2.38 -36.79 13.18
N LYS A 508 -2.86 -37.78 12.43
CA LYS A 508 -3.42 -37.52 11.10
C LYS A 508 -4.95 -37.61 11.14
N GLY A 509 -5.55 -36.64 11.81
CA GLY A 509 -7.00 -36.56 11.86
C GLY A 509 -7.52 -35.15 12.06
N ALA A 510 -8.65 -34.84 11.45
CA ALA A 510 -9.21 -33.50 11.52
C ALA A 510 -10.69 -33.54 11.19
N LEU A 519 -10.62 -27.72 8.65
CA LEU A 519 -11.73 -27.55 9.60
C LEU A 519 -11.79 -26.11 10.11
N LEU A 520 -13.01 -25.64 10.41
CA LEU A 520 -13.19 -24.27 10.85
C LEU A 520 -12.49 -23.97 12.15
N ALA A 521 -12.07 -24.99 12.90
CA ALA A 521 -11.58 -24.73 14.25
C ALA A 521 -10.22 -24.08 14.22
N TRP A 522 -9.46 -24.27 13.16
CA TRP A 522 -8.16 -23.61 13.11
C TRP A 522 -8.28 -22.19 12.60
N LEU A 523 -9.33 -21.88 11.98
CA LEU A 523 -9.48 -20.65 11.24
C LEU A 523 -10.18 -19.60 12.08
N PRO A 524 -10.08 -18.32 11.74
CA PRO A 524 -10.79 -17.32 12.53
C PRO A 524 -12.30 -17.48 12.43
N ASN A 525 -12.98 -16.97 13.44
CA ASN A 525 -14.43 -16.93 13.38
C ASN A 525 -14.87 -15.73 12.54
N GLU A 526 -16.18 -15.51 12.46
CA GLU A 526 -16.68 -14.47 11.56
C GLU A 526 -16.10 -13.10 11.89
N ARG A 527 -16.09 -12.73 13.17
CA ARG A 527 -15.60 -11.43 13.57
C ARG A 527 -14.10 -11.30 13.31
N GLN A 528 -13.36 -12.37 13.62
CA GLN A 528 -11.93 -12.34 13.46
C GLN A 528 -11.55 -12.29 11.99
N ALA A 529 -12.32 -12.99 11.14
CA ALA A 529 -12.09 -13.00 9.70
C ALA A 529 -12.36 -11.65 9.09
N VAL A 530 -13.46 -11.02 9.49
CA VAL A 530 -13.72 -9.65 9.04
C VAL A 530 -12.63 -8.73 9.52
N GLU A 531 -12.04 -9.01 10.67
CA GLU A 531 -11.05 -8.10 11.21
C GLU A 531 -9.73 -8.28 10.49
N GLN A 532 -9.44 -9.49 10.03
CA GLN A 532 -8.26 -9.70 9.20
C GLN A 532 -8.45 -9.00 7.86
N VAL A 533 -9.58 -9.25 7.19
CA VAL A 533 -9.76 -8.60 5.91
C VAL A 533 -9.76 -7.08 6.08
N SER A 534 -10.19 -6.58 7.23
CA SER A 534 -10.29 -5.14 7.43
C SER A 534 -8.93 -4.50 7.65
N LEU A 535 -8.04 -5.19 8.38
CA LEU A 535 -6.67 -4.71 8.52
C LEU A 535 -5.91 -4.74 7.18
N LEU A 536 -6.02 -5.83 6.45
CA LEU A 536 -5.31 -5.90 5.18
C LEU A 536 -5.89 -4.90 4.17
N ALA A 537 -7.20 -4.72 4.20
CA ALA A 537 -7.78 -3.65 3.39
C ALA A 537 -7.23 -2.30 3.81
N ARG A 538 -6.91 -2.13 5.09
CA ARG A 538 -6.32 -0.86 5.50
C ARG A 538 -4.87 -0.71 5.05
N PHE A 539 -4.20 -1.80 4.64
CA PHE A 539 -2.89 -1.63 4.00
C PHE A 539 -2.99 -1.17 2.54
N ASN A 540 -4.16 -1.22 1.94
CA ASN A 540 -4.38 -0.82 0.56
C ASN A 540 -4.73 0.66 0.51
N ARG A 541 -4.58 1.24 -0.68
CA ARG A 541 -4.83 2.66 -0.90
C ARG A 541 -5.59 2.82 -2.21
N ALA A 542 -6.90 2.82 -2.13
CA ALA A 542 -7.77 2.92 -3.28
C ALA A 542 -7.74 4.28 -3.97
N GLN A 543 -7.19 5.31 -3.36
CA GLN A 543 -7.26 6.67 -3.91
C GLN A 543 -6.03 7.06 -4.71
N VAL A 544 -5.03 6.18 -4.81
CA VAL A 544 -3.76 6.47 -5.45
C VAL A 544 -3.98 7.03 -6.85
N GLY A 545 -4.88 6.42 -7.61
CA GLY A 545 -5.26 6.89 -8.91
C GLY A 545 -5.68 8.34 -9.01
N ASP A 546 -6.71 8.74 -8.27
CA ASP A 546 -7.20 10.13 -8.34
C ASP A 546 -6.19 11.11 -7.77
N ARG A 547 -5.34 10.67 -6.86
CA ARG A 547 -4.32 11.52 -6.29
C ARG A 547 -3.14 11.77 -7.23
N LYS A 548 -3.10 11.09 -8.39
CA LYS A 548 -1.99 11.12 -9.33
C LYS A 548 -0.67 10.69 -8.67
N GLN A 549 -0.74 9.63 -7.84
CA GLN A 549 0.38 9.12 -7.06
C GLN A 549 0.72 7.67 -7.40
N THR A 550 0.22 7.20 -8.51
CA THR A 550 0.50 5.92 -9.14
C THR A 550 1.94 5.86 -9.67
N VAL A 551 2.44 4.65 -9.91
CA VAL A 551 3.78 4.45 -10.44
C VAL A 551 3.99 5.09 -11.80
N ARG A 552 2.96 5.17 -12.62
CA ARG A 552 3.14 5.91 -13.88
C ARG A 552 3.42 7.39 -13.67
N ASP A 553 2.94 8.01 -12.60
CA ASP A 553 3.20 9.42 -12.31
C ASP A 553 4.44 9.61 -11.47
N ALA A 554 5.25 8.57 -11.31
CA ALA A 554 6.36 8.65 -10.37
C ALA A 554 7.29 9.82 -10.67
N PHE A 555 7.59 10.06 -11.94
CA PHE A 555 8.59 11.06 -12.29
C PHE A 555 7.96 12.33 -12.85
N ALA A 556 6.65 12.42 -12.76
CA ALA A 556 5.85 13.45 -13.36
C ALA A 556 5.51 14.53 -12.38
N ALA A 557 6.24 14.66 -11.30
CA ALA A 557 6.03 15.74 -10.38
C ALA A 557 6.30 17.07 -11.07
N PRO A 558 5.39 18.03 -10.97
CA PRO A 558 5.61 19.32 -11.66
C PRO A 558 6.92 20.02 -11.32
N ASP A 559 7.38 19.95 -10.07
CA ASP A 559 8.64 20.61 -9.74
C ASP A 559 9.83 19.89 -10.36
N LEU A 560 9.74 18.58 -10.56
CA LEU A 560 10.84 17.86 -11.18
C LEU A 560 10.84 18.10 -12.69
N LEU A 561 9.67 18.15 -13.31
CA LEU A 561 9.58 18.53 -14.71
C LEU A 561 10.01 19.99 -14.96
N ALA A 562 9.80 20.88 -14.00
CA ALA A 562 10.16 22.27 -14.19
C ALA A 562 11.63 22.55 -13.89
N GLY A 563 12.29 21.71 -13.12
CA GLY A 563 13.62 22.08 -12.70
C GLY A 563 14.72 21.19 -13.21
N ASN A 564 14.42 20.19 -14.05
CA ASN A 564 15.40 19.20 -14.44
C ASN A 564 15.91 19.28 -15.88
N GLY A 565 15.18 19.85 -16.83
CA GLY A 565 15.75 19.92 -18.15
C GLY A 565 15.05 19.04 -19.15
N PRO A 566 15.16 19.37 -20.43
CA PRO A 566 14.31 18.70 -21.44
C PRO A 566 14.42 17.20 -21.47
N GLY A 567 15.64 16.68 -21.33
CA GLY A 567 15.85 15.26 -21.31
C GLY A 567 15.07 14.55 -20.21
N TYR A 568 14.96 15.20 -19.04
CA TYR A 568 14.15 14.62 -17.98
C TYR A 568 12.70 14.45 -18.43
N ALA A 569 12.14 15.46 -19.12
CA ALA A 569 10.72 15.40 -19.48
C ALA A 569 10.48 14.41 -20.61
N ALA A 570 11.46 14.24 -21.49
CA ALA A 570 11.33 13.23 -22.52
C ALA A 570 11.41 11.83 -21.93
N ALA A 571 12.31 11.63 -20.94
CA ALA A 571 12.35 10.31 -20.31
C ALA A 571 11.06 10.05 -19.54
N ASN A 572 10.49 11.09 -18.96
CA ASN A 572 9.23 10.95 -18.26
C ASN A 572 8.10 10.55 -19.18
N ALA A 573 8.01 11.16 -20.37
CA ALA A 573 6.93 10.82 -21.27
C ALA A 573 7.10 9.40 -21.80
N ARG A 574 8.33 9.01 -22.08
CA ARG A 574 8.51 7.63 -22.49
C ARG A 574 8.14 6.67 -21.38
N PHE A 575 8.42 7.05 -20.13
CA PHE A 575 8.09 6.18 -19.00
C PHE A 575 6.57 6.07 -18.81
N VAL A 576 5.86 7.18 -19.01
CA VAL A 576 4.41 7.15 -18.95
C VAL A 576 3.83 6.26 -20.03
N GLU A 577 4.39 6.30 -21.24
CA GLU A 577 3.83 5.42 -22.25
C GLU A 577 4.19 3.96 -21.98
N ASP A 578 5.41 3.69 -21.51
CA ASP A 578 5.83 2.31 -21.26
C ASP A 578 4.98 1.66 -20.19
N THR A 579 4.81 2.37 -19.06
CA THR A 579 3.95 1.87 -18.00
C THR A 579 2.48 1.86 -18.40
N GLY A 580 2.09 2.64 -19.39
CA GLY A 580 0.75 2.46 -19.94
C GLY A 580 0.60 1.10 -20.62
N ARG A 581 1.60 0.71 -21.40
CA ARG A 581 1.58 -0.62 -22.01
C ARG A 581 1.54 -1.69 -20.94
N ILE A 582 2.40 -1.56 -19.93
CA ILE A 582 2.50 -2.60 -18.93
C ILE A 582 1.21 -2.72 -18.14
N SER A 583 0.58 -1.59 -17.84
CA SER A 583 -0.61 -1.65 -17.02
C SER A 583 -1.78 -2.17 -17.81
N ARG A 584 -1.88 -1.83 -19.09
CA ARG A 584 -2.90 -2.47 -19.90
C ARG A 584 -2.68 -3.98 -20.01
N GLU A 585 -1.43 -4.43 -20.17
CA GLU A 585 -1.18 -5.87 -20.19
C GLU A 585 -1.64 -6.53 -18.89
N ILE A 586 -1.36 -5.92 -17.74
CA ILE A 586 -1.66 -6.60 -16.49
C ILE A 586 -3.16 -6.56 -16.21
N ALA A 587 -3.79 -5.39 -16.34
CA ALA A 587 -5.23 -5.32 -16.11
C ALA A 587 -6.02 -6.16 -17.10
N GLY A 588 -5.49 -6.42 -18.28
CA GLY A 588 -6.28 -7.27 -19.13
C GLY A 588 -6.20 -8.76 -18.85
N ARG A 589 -5.53 -9.17 -17.78
CA ARG A 589 -5.25 -10.59 -17.56
C ARG A 589 -6.50 -11.38 -17.25
N GLY A 590 -6.53 -12.63 -17.70
CA GLY A 590 -7.67 -13.47 -17.49
C GLY A 590 -7.22 -14.89 -17.75
N PHE A 591 -8.14 -15.84 -17.75
CA PHE A 591 -7.77 -17.23 -17.80
C PHE A 591 -7.78 -17.75 -19.22
N ASP A 592 -6.86 -18.66 -19.53
CA ASP A 592 -6.82 -19.28 -20.84
C ASP A 592 -7.73 -20.52 -20.87
N GLY A 593 -7.51 -21.39 -21.83
CA GLY A 593 -8.37 -22.54 -22.02
C GLY A 593 -8.11 -23.65 -21.06
N LYS A 594 -7.03 -23.58 -20.31
CA LYS A 594 -6.80 -24.51 -19.23
C LYS A 594 -7.11 -23.92 -17.87
N GLY A 595 -7.81 -22.80 -17.79
CA GLY A 595 -8.06 -22.23 -16.47
C GLY A 595 -6.84 -21.62 -15.82
N LEU A 596 -5.84 -21.24 -16.58
CA LEU A 596 -4.60 -20.73 -16.03
C LEU A 596 -4.34 -19.30 -16.49
N SER A 597 -3.72 -18.51 -15.60
CA SER A 597 -3.22 -17.18 -15.93
C SER A 597 -1.77 -17.11 -15.54
N GLN A 598 -0.89 -16.87 -16.51
CA GLN A 598 0.56 -17.03 -16.33
C GLN A 598 0.89 -18.38 -15.73
N GLY A 599 0.11 -19.39 -16.09
CA GLY A 599 0.40 -20.73 -15.62
C GLY A 599 -0.10 -21.02 -14.24
N MET A 600 -1.11 -20.30 -13.77
CA MET A 600 -1.58 -20.31 -12.40
C MET A 600 -3.09 -20.30 -12.36
N PRO A 601 -3.66 -20.89 -11.34
CA PRO A 601 -5.13 -20.90 -11.24
C PRO A 601 -5.72 -19.65 -10.63
N PHE A 602 -4.96 -18.55 -10.59
CA PHE A 602 -5.48 -17.27 -10.17
C PHE A 602 -4.81 -16.16 -10.97
N VAL A 603 -5.49 -15.02 -11.03
CA VAL A 603 -4.99 -13.85 -11.73
C VAL A 603 -4.24 -12.98 -10.74
N TRP A 604 -2.98 -12.70 -11.04
CA TRP A 604 -2.09 -11.97 -10.16
C TRP A 604 -1.72 -10.65 -10.83
N THR A 605 -1.88 -9.54 -10.09
CA THR A 605 -1.75 -8.21 -10.68
C THR A 605 -1.02 -7.26 -9.77
N ALA A 606 -0.16 -7.77 -8.89
CA ALA A 606 0.38 -6.98 -7.80
C ALA A 606 1.39 -5.96 -8.28
N LEU A 607 1.85 -6.09 -9.51
CA LEU A 607 2.87 -5.21 -10.04
C LEU A 607 2.31 -4.27 -11.07
N ASN A 608 0.98 -4.17 -11.18
CA ASN A 608 0.30 -3.22 -12.04
C ASN A 608 0.71 -1.81 -11.69
N PRO A 609 1.42 -1.10 -12.58
CA PRO A 609 1.85 0.26 -12.26
C PRO A 609 0.72 1.26 -12.27
N ALA A 610 -0.44 0.93 -12.78
CA ALA A 610 -1.55 1.86 -12.72
C ALA A 610 -2.27 1.82 -11.39
N VAL A 611 -1.99 0.80 -10.57
CA VAL A 611 -2.69 0.59 -9.32
C VAL A 611 -1.79 0.92 -8.15
N ASN A 612 -0.54 0.67 -8.28
CA ASN A 612 0.36 0.86 -7.16
C ASN A 612 0.79 2.31 -7.03
N PRO A 613 1.09 2.77 -5.83
CA PRO A 613 1.72 4.06 -5.68
C PRO A 613 3.20 3.97 -6.04
N PHE A 614 3.78 5.15 -6.29
CA PHE A 614 5.20 5.23 -6.63
C PHE A 614 6.10 5.30 -5.40
N PHE A 615 5.52 5.30 -4.20
CA PHE A 615 6.29 5.49 -2.97
C PHE A 615 5.86 4.42 -1.99
N LEU A 616 6.56 4.36 -0.86
CA LEU A 616 6.32 3.39 0.21
C LEU A 616 5.19 3.93 1.09
N SER A 617 3.94 3.63 0.72
CA SER A 617 2.80 4.31 1.30
C SER A 617 2.30 3.68 2.60
N VAL A 618 2.62 2.41 2.89
CA VAL A 618 2.24 1.81 4.17
C VAL A 618 3.33 0.91 4.74
N TYR B 47 -19.53 -11.09 49.68
CA TYR B 47 -18.80 -9.83 49.93
C TYR B 47 -18.68 -9.51 51.41
N THR B 48 -17.47 -9.18 51.86
CA THR B 48 -17.16 -9.27 53.26
C THR B 48 -15.92 -8.44 53.61
N LEU B 49 -15.98 -7.73 54.74
CA LEU B 49 -14.81 -6.99 55.21
C LEU B 49 -13.74 -7.96 55.67
N PRO B 50 -12.47 -7.59 55.58
CA PRO B 50 -11.43 -8.46 56.11
C PRO B 50 -11.45 -8.58 57.61
N ASN B 51 -12.15 -7.67 58.31
CA ASN B 51 -12.05 -7.58 59.76
C ASN B 51 -12.34 -8.92 60.42
N ASN B 52 -13.42 -9.57 60.01
CA ASN B 52 -13.88 -10.81 60.62
C ASN B 52 -14.04 -11.90 59.58
N ASP B 53 -13.10 -12.01 58.66
CA ASP B 53 -13.17 -13.05 57.66
C ASP B 53 -12.49 -14.30 58.19
N PRO B 54 -13.16 -15.44 58.24
CA PRO B 54 -12.48 -16.66 58.71
C PRO B 54 -11.31 -17.05 57.85
N ASN B 55 -11.41 -16.85 56.53
CA ASN B 55 -10.34 -17.21 55.60
C ASN B 55 -9.43 -16.05 55.32
N GLN B 56 -9.15 -15.26 56.35
CA GLN B 56 -8.38 -14.05 56.14
C GLN B 56 -7.02 -14.36 55.55
N GLY B 57 -6.47 -15.55 55.79
CA GLY B 57 -5.12 -15.83 55.30
C GLY B 57 -5.08 -15.98 53.79
N ALA B 58 -6.01 -16.77 53.26
CA ALA B 58 -6.15 -16.90 51.82
C ALA B 58 -6.58 -15.59 51.19
N ARG B 59 -7.44 -14.84 51.89
CA ARG B 59 -7.87 -13.54 51.40
C ARG B 59 -6.67 -12.61 51.20
N ASN B 60 -5.76 -12.59 52.16
CA ASN B 60 -4.53 -11.83 51.99
C ASN B 60 -3.71 -12.38 50.84
N ALA B 61 -3.70 -13.70 50.69
CA ALA B 61 -2.82 -14.31 49.70
C ALA B 61 -3.27 -13.98 48.29
N SER B 62 -4.58 -13.86 48.07
CA SER B 62 -5.07 -13.46 46.76
C SER B 62 -4.64 -12.05 46.44
N ILE B 63 -4.59 -11.20 47.45
CA ILE B 63 -4.18 -9.84 47.18
C ILE B 63 -2.68 -9.79 46.92
N ALA B 64 -1.90 -10.68 47.55
CA ALA B 64 -0.49 -10.75 47.21
C ALA B 64 -0.31 -11.16 45.76
N ARG B 65 -1.08 -12.14 45.31
CA ARG B 65 -0.94 -12.59 43.95
C ARG B 65 -1.31 -11.47 42.97
N LYS B 66 -2.48 -10.86 43.17
CA LYS B 66 -2.85 -9.73 42.33
C LYS B 66 -1.77 -8.65 42.32
N ARG B 67 -1.23 -8.31 43.49
CA ARG B 67 -0.20 -7.27 43.52
C ARG B 67 1.02 -7.68 42.72
N GLU B 68 1.26 -8.99 42.59
CA GLU B 68 2.44 -9.41 41.84
C GLU B 68 2.18 -9.45 40.33
N LEU B 69 0.93 -9.62 39.90
CA LEU B 69 0.64 -9.74 38.47
C LEU B 69 -0.04 -8.51 37.84
N PHE B 70 -0.57 -7.58 38.63
CA PHE B 70 -1.29 -6.42 38.10
C PHE B 70 -0.51 -5.17 38.48
N LEU B 71 0.23 -4.62 37.51
CA LEU B 71 1.26 -3.61 37.77
C LEU B 71 0.88 -2.27 37.16
N TYR B 72 1.44 -1.20 37.72
CA TYR B 72 1.33 0.13 37.10
C TYR B 72 2.26 0.20 35.90
N GLY B 73 1.70 0.55 34.75
CA GLY B 73 2.45 0.70 33.55
C GLY B 73 2.42 2.14 33.07
N PRO B 74 3.16 2.40 32.00
CA PRO B 74 3.23 3.76 31.49
C PRO B 74 1.88 4.24 31.01
N SER B 75 1.67 5.54 31.12
CA SER B 75 0.40 6.15 30.75
C SER B 75 0.19 6.07 29.25
N THR B 76 -1.03 5.71 28.84
CA THR B 76 -1.39 5.74 27.43
C THR B 76 -2.46 6.81 27.20
N LEU B 77 -2.76 7.05 25.92
CA LEU B 77 -3.71 8.08 25.49
C LEU B 77 -3.35 9.45 26.06
N GLY B 78 -2.11 9.83 25.92
CA GLY B 78 -1.62 11.03 26.55
C GLY B 78 -0.69 10.67 27.68
N GLN B 79 -0.28 11.68 28.41
CA GLN B 79 0.60 11.54 29.56
C GLN B 79 -0.15 12.02 30.80
N THR B 80 -0.87 11.14 31.45
CA THR B 80 -1.52 11.50 32.71
C THR B 80 -1.22 10.46 33.79
N THR B 81 -1.85 9.31 33.68
CA THR B 81 -2.02 8.37 34.77
C THR B 81 -1.56 6.99 34.34
N PHE B 82 -0.95 6.24 35.25
CA PHE B 82 -0.49 4.90 34.91
C PHE B 82 -1.62 4.04 34.34
N TYR B 83 -1.27 3.06 33.51
CA TYR B 83 -2.23 2.16 32.95
C TYR B 83 -1.73 0.75 33.25
N PRO B 84 -2.60 -0.24 33.45
CA PRO B 84 -2.13 -1.52 33.99
C PRO B 84 -1.34 -2.35 32.98
N THR B 85 -0.19 -2.81 33.41
CA THR B 85 0.57 -3.82 32.71
C THR B 85 0.57 -5.10 33.56
N GLY B 86 1.53 -5.98 33.29
CA GLY B 86 1.59 -7.28 33.91
C GLY B 86 0.59 -8.23 33.30
N GLU B 87 0.70 -9.49 33.67
CA GLU B 87 -0.14 -10.51 33.06
C GLU B 87 -1.60 -10.31 33.42
N LEU B 88 -1.89 -10.07 34.69
CA LEU B 88 -3.29 -9.87 35.08
C LEU B 88 -3.82 -8.55 34.51
N GLY B 89 -2.98 -7.52 34.46
CA GLY B 89 -3.44 -6.27 33.88
C GLY B 89 -3.67 -6.38 32.39
N ASN B 90 -2.80 -7.11 31.67
CA ASN B 90 -3.06 -7.35 30.27
C ASN B 90 -4.35 -8.12 30.10
N ASN B 91 -4.61 -9.07 31.00
CA ASN B 91 -5.81 -9.91 30.84
C ASN B 91 -7.09 -9.13 31.09
N ILE B 92 -7.09 -8.25 32.10
CA ILE B 92 -8.24 -7.39 32.39
C ILE B 92 -8.43 -6.36 31.28
N SER B 93 -7.32 -5.82 30.78
CA SER B 93 -7.39 -4.90 29.65
C SER B 93 -8.03 -5.57 28.44
N ALA B 94 -7.51 -6.73 28.06
CA ALA B 94 -8.07 -7.48 26.92
C ALA B 94 -9.53 -7.85 27.14
N ARG B 95 -9.90 -8.28 28.34
CA ARG B 95 -11.31 -8.63 28.61
C ARG B 95 -12.22 -7.42 28.45
N ASP B 96 -11.84 -6.29 29.03
CA ASP B 96 -12.65 -5.09 28.85
C ASP B 96 -12.70 -4.68 27.38
N VAL B 97 -11.60 -4.83 26.64
CA VAL B 97 -11.60 -4.43 25.24
C VAL B 97 -12.54 -5.32 24.44
N LEU B 98 -12.62 -6.59 24.80
CA LEU B 98 -13.50 -7.50 24.09
C LEU B 98 -14.96 -7.22 24.44
N LEU B 99 -15.24 -7.00 25.71
CA LEU B 99 -16.60 -6.63 26.05
C LEU B 99 -17.00 -5.36 25.32
N TRP B 100 -16.06 -4.41 25.23
CA TRP B 100 -16.36 -3.13 24.61
C TRP B 100 -16.68 -3.30 23.14
N ARG B 101 -15.89 -4.12 22.43
CA ARG B 101 -16.16 -4.32 21.00
C ARG B 101 -17.50 -4.99 20.79
N GLN B 102 -17.79 -6.00 21.62
CA GLN B 102 -19.09 -6.67 21.58
C GLN B 102 -20.23 -5.71 21.82
N ASP B 103 -20.06 -4.80 22.78
CA ASP B 103 -21.10 -3.85 23.10
C ASP B 103 -21.11 -2.65 22.16
N ALA B 104 -20.18 -2.56 21.21
CA ALA B 104 -20.15 -1.47 20.25
C ALA B 104 -20.70 -1.84 18.87
N ALA B 105 -20.71 -3.14 18.56
CA ALA B 105 -21.17 -3.64 17.27
C ALA B 105 -22.50 -3.02 16.79
N ASN B 106 -23.54 -3.09 17.63
CA ASN B 106 -24.87 -2.62 17.23
C ASN B 106 -24.83 -1.16 16.83
N GLN B 107 -24.29 -0.33 17.73
CA GLN B 107 -24.31 1.11 17.51
C GLN B 107 -23.50 1.48 16.29
N THR B 108 -22.32 0.86 16.09
CA THR B 108 -21.53 1.33 14.97
C THR B 108 -22.17 0.93 13.64
N ALA B 109 -22.74 -0.27 13.58
CA ALA B 109 -23.37 -0.69 12.32
C ALA B 109 -24.60 0.15 12.02
N THR B 110 -25.44 0.33 13.03
CA THR B 110 -26.60 1.18 12.85
C THR B 110 -26.21 2.54 12.35
N ALA B 111 -25.23 3.15 13.02
CA ALA B 111 -24.83 4.51 12.69
C ALA B 111 -24.24 4.59 11.28
N TYR B 112 -23.53 3.56 10.85
CA TYR B 112 -23.00 3.56 9.49
C TYR B 112 -24.13 3.58 8.46
N ARG B 113 -25.14 2.73 8.65
CA ARG B 113 -26.18 2.72 7.63
C ARG B 113 -27.01 3.99 7.69
N GLU B 114 -27.24 4.54 8.88
CA GLU B 114 -27.97 5.79 8.95
C GLU B 114 -27.16 6.93 8.37
N ALA B 115 -25.85 6.86 8.48
CA ALA B 115 -25.01 7.88 7.86
C ALA B 115 -25.12 7.81 6.35
N ASN B 116 -25.08 6.60 5.78
CA ASN B 116 -25.25 6.50 4.33
C ASN B 116 -26.62 7.00 3.89
N GLU B 117 -27.66 6.74 4.67
CA GLU B 117 -28.98 7.27 4.32
C GLU B 117 -28.98 8.80 4.33
N THR B 118 -28.47 9.39 5.41
CA THR B 118 -28.43 10.84 5.50
C THR B 118 -27.66 11.46 4.34
N PHE B 119 -26.53 10.87 3.97
CA PHE B 119 -25.76 11.46 2.89
C PHE B 119 -26.48 11.31 1.54
N ALA B 120 -27.09 10.15 1.27
CA ALA B 120 -27.87 10.03 0.05
C ALA B 120 -28.97 11.08 -0.02
N ASP B 121 -29.73 11.23 1.07
CA ASP B 121 -30.81 12.20 1.05
C ASP B 121 -30.29 13.64 0.89
N ILE B 122 -29.22 14.01 1.60
CA ILE B 122 -28.74 15.38 1.46
C ILE B 122 -28.25 15.65 0.05
N THR B 123 -27.59 14.67 -0.56
CA THR B 123 -27.09 14.92 -1.90
C THR B 123 -28.23 14.99 -2.88
N SER B 124 -29.26 14.19 -2.66
CA SER B 124 -30.41 14.25 -3.54
C SER B 124 -31.23 15.49 -3.32
N ARG B 125 -31.11 16.14 -2.18
CA ARG B 125 -31.81 17.39 -1.97
C ARG B 125 -30.95 18.59 -2.31
N GLY B 126 -29.82 18.37 -2.97
CA GLY B 126 -29.02 19.47 -3.47
C GLY B 126 -27.99 20.03 -2.53
N GLY B 127 -27.73 19.37 -1.40
CA GLY B 127 -26.64 19.76 -0.55
C GLY B 127 -26.92 21.08 0.13
N PHE B 128 -25.87 21.65 0.71
CA PHE B 128 -25.99 22.84 1.52
C PHE B 128 -25.84 24.06 0.62
N LYS B 129 -26.92 24.84 0.50
CA LYS B 129 -26.86 26.16 -0.12
C LYS B 129 -27.02 27.29 0.90
N THR B 130 -27.93 27.13 1.85
CA THR B 130 -28.17 28.08 2.93
C THR B 130 -27.60 27.48 4.21
N LEU B 131 -27.41 28.31 5.24
CA LEU B 131 -27.02 27.76 6.53
C LEU B 131 -28.14 26.97 7.15
N ASP B 132 -29.39 27.27 6.76
CA ASP B 132 -30.52 26.52 7.26
C ASP B 132 -30.59 25.13 6.66
N ASP B 133 -29.80 24.86 5.62
CA ASP B 133 -29.82 23.54 5.02
C ASP B 133 -29.16 22.47 5.88
N PHE B 134 -28.49 22.85 6.98
CA PHE B 134 -27.93 21.83 7.88
C PHE B 134 -29.00 21.06 8.64
N ALA B 135 -30.23 21.55 8.67
CA ALA B 135 -31.30 20.78 9.28
C ALA B 135 -31.54 19.48 8.53
N LEU B 136 -31.19 19.43 7.25
CA LEU B 136 -31.30 18.21 6.48
C LEU B 136 -30.47 17.11 7.09
N LEU B 137 -29.39 17.49 7.76
CA LEU B 137 -28.51 16.53 8.39
C LEU B 137 -29.22 15.73 9.49
N TYR B 138 -30.24 16.31 10.13
CA TYR B 138 -30.84 15.73 11.32
C TYR B 138 -32.32 15.42 11.18
N ASN B 139 -33.07 16.19 10.40
CA ASN B 139 -34.51 15.99 10.29
C ASN B 139 -34.79 14.63 9.64
N GLY B 140 -35.29 13.68 10.40
CA GLY B 140 -35.61 12.42 9.77
C GLY B 140 -34.43 11.50 9.55
N HIS B 141 -33.41 11.57 10.40
CA HIS B 141 -32.29 10.67 10.32
C HIS B 141 -31.81 10.36 11.72
N TRP B 142 -30.95 9.35 11.81
CA TRP B 142 -30.36 8.91 13.08
C TRP B 142 -31.43 8.50 14.09
N LYS B 143 -32.46 7.80 13.61
CA LYS B 143 -33.58 7.46 14.49
C LYS B 143 -33.28 6.31 15.42
N GLU B 144 -32.33 5.45 15.08
CA GLU B 144 -32.01 4.38 16.00
C GLU B 144 -30.73 4.60 16.75
N SER B 145 -29.77 5.27 16.11
CA SER B 145 -28.49 5.52 16.76
C SER B 145 -28.59 6.69 17.72
N VAL B 146 -29.48 7.64 17.45
CA VAL B 146 -29.83 8.70 18.41
C VAL B 146 -31.34 8.78 18.57
N PRO B 147 -31.93 7.87 19.36
CA PRO B 147 -33.40 7.75 19.33
C PRO B 147 -34.11 8.95 19.90
N GLU B 148 -33.58 9.54 20.96
CA GLU B 148 -34.22 10.70 21.57
C GLU B 148 -34.18 11.93 20.68
N GLY B 149 -33.48 11.87 19.54
CA GLY B 149 -33.23 13.03 18.73
C GLY B 149 -32.17 13.96 19.32
N ILE B 150 -31.80 14.96 18.54
CA ILE B 150 -30.86 15.95 19.03
C ILE B 150 -31.68 17.02 19.74
N SER B 151 -31.01 18.00 20.33
CA SER B 151 -31.66 18.86 21.30
C SER B 151 -32.76 19.68 20.67
N LYS B 152 -33.92 19.71 21.34
CA LYS B 152 -35.00 20.60 20.95
C LYS B 152 -34.57 22.05 21.08
N GLY B 153 -34.69 22.79 19.99
CA GLY B 153 -34.38 24.19 19.98
C GLY B 153 -32.97 24.51 19.56
N MET B 154 -32.08 23.53 19.61
CA MET B 154 -30.71 23.79 19.17
C MET B 154 -30.67 24.17 17.70
N LEU B 155 -31.58 23.65 16.91
CA LEU B 155 -31.61 23.96 15.48
C LEU B 155 -32.45 25.21 15.20
N SER B 156 -33.64 25.29 15.77
CA SER B 156 -34.51 26.42 15.47
C SER B 156 -33.98 27.73 16.06
N ASN B 157 -33.36 27.68 17.22
CA ASN B 157 -32.89 28.89 17.87
C ASN B 157 -31.39 29.04 17.77
N CYS B 158 -30.80 28.58 16.67
CA CYS B 158 -29.35 28.49 16.65
C CYS B 158 -28.68 29.85 16.61
N THR B 159 -29.37 30.89 16.17
CA THR B 159 -28.75 32.21 16.17
C THR B 159 -28.84 32.91 17.53
N SER B 160 -29.43 32.29 18.54
CA SER B 160 -29.72 32.97 19.80
C SER B 160 -28.48 33.16 20.66
N ASP B 161 -28.22 34.40 21.07
CA ASP B 161 -27.09 34.65 21.94
C ASP B 161 -27.28 34.00 23.31
N LEU B 162 -28.54 33.82 23.74
CA LEU B 162 -28.79 33.21 25.03
C LEU B 162 -28.50 31.73 24.97
N LEU B 163 -28.75 31.13 23.81
CA LEU B 163 -28.42 29.73 23.65
C LEU B 163 -26.91 29.55 23.66
N PHE B 164 -26.18 30.44 22.99
CA PHE B 164 -24.73 30.31 22.91
C PHE B 164 -24.10 30.51 24.28
N SER B 165 -24.56 31.50 25.04
CA SER B 165 -23.92 31.73 26.33
C SER B 165 -24.35 30.71 27.36
N MET B 166 -25.61 30.30 27.33
CA MET B 166 -26.10 29.35 28.32
C MET B 166 -25.51 27.96 28.13
N GLU B 167 -24.91 27.66 26.98
CA GLU B 167 -24.21 26.40 26.82
C GLU B 167 -23.06 26.27 27.81
N ARG B 168 -22.44 27.38 28.20
CA ARG B 168 -21.30 27.25 29.11
C ARG B 168 -21.74 26.90 30.51
N LEU B 169 -23.05 26.89 30.77
CA LEU B 169 -23.59 26.52 32.06
C LEU B 169 -24.40 25.24 31.97
N SER B 170 -24.18 24.45 30.91
CA SER B 170 -24.92 23.22 30.78
C SER B 170 -24.18 22.17 29.95
N SER B 171 -24.19 22.32 28.63
CA SER B 171 -23.65 21.29 27.77
C SER B 171 -22.13 21.13 27.91
N ASN B 172 -21.43 22.14 28.41
CA ASN B 172 -20.02 22.00 28.81
C ASN B 172 -19.77 23.04 29.87
N PRO B 173 -19.99 22.68 31.14
CA PRO B 173 -19.85 23.65 32.22
C PRO B 173 -18.48 23.66 32.88
N TYR B 174 -17.47 23.04 32.27
CA TYR B 174 -16.25 22.78 32.99
C TYR B 174 -15.17 23.80 32.72
N VAL B 175 -15.50 24.87 32.01
CA VAL B 175 -14.43 25.77 31.61
C VAL B 175 -14.73 27.23 31.97
N LEU B 176 -16.01 27.60 32.04
CA LEU B 176 -16.37 28.95 32.48
C LEU B 176 -15.84 29.28 33.88
N LYS B 177 -15.46 30.54 34.06
CA LYS B 177 -14.79 30.97 35.27
C LYS B 177 -15.14 32.43 35.49
N ARG B 178 -15.56 32.76 36.72
CA ARG B 178 -15.92 34.14 37.05
C ARG B 178 -14.67 34.98 37.20
N LEU B 179 -14.73 36.22 36.77
CA LEU B 179 -13.58 37.11 36.93
C LEU B 179 -13.68 37.78 38.29
N HIS B 180 -12.76 37.43 39.17
CA HIS B 180 -12.68 38.09 40.46
C HIS B 180 -12.40 39.58 40.30
N PRO B 181 -13.05 40.43 41.09
CA PRO B 181 -12.88 41.88 40.92
C PRO B 181 -11.45 42.36 41.01
N THR B 182 -10.62 41.77 41.86
CA THR B 182 -9.26 42.24 42.01
C THR B 182 -8.20 41.19 41.78
N LYS B 183 -8.51 39.90 41.96
CA LYS B 183 -7.54 38.85 41.68
C LYS B 183 -7.43 38.47 40.21
N ASP B 184 -8.41 38.79 39.37
CA ASP B 184 -8.35 38.51 37.94
C ASP B 184 -8.49 39.80 37.16
N LYS B 185 -7.73 39.92 36.07
CA LYS B 185 -7.76 41.08 35.19
C LYS B 185 -8.67 40.82 33.99
N LEU B 186 -9.04 41.89 33.31
CA LEU B 186 -9.81 41.77 32.08
C LEU B 186 -8.97 41.08 31.02
N PRO B 187 -9.56 40.19 30.20
CA PRO B 187 -8.74 39.49 29.20
C PRO B 187 -8.28 40.40 28.09
N PHE B 188 -9.13 41.30 27.64
CA PHE B 188 -8.80 42.12 26.50
C PHE B 188 -9.70 43.34 26.53
N SER B 189 -9.51 44.22 25.57
CA SER B 189 -10.28 45.44 25.49
C SER B 189 -11.53 45.22 24.65
N VAL B 190 -12.55 45.99 24.95
CA VAL B 190 -13.72 46.10 24.11
C VAL B 190 -14.04 47.58 24.05
N GLU B 191 -14.30 48.09 22.85
CA GLU B 191 -14.59 49.51 22.69
C GLU B 191 -15.69 49.94 23.65
N SER B 192 -15.38 50.92 24.50
CA SER B 192 -16.33 51.32 25.53
C SER B 192 -17.68 51.69 24.94
N LYS B 193 -17.69 52.29 23.75
CA LYS B 193 -18.95 52.56 23.07
C LYS B 193 -19.78 51.30 22.96
N VAL B 194 -19.15 50.24 22.46
CA VAL B 194 -19.84 48.97 22.30
C VAL B 194 -20.28 48.41 23.65
N VAL B 195 -19.44 48.57 24.66
CA VAL B 195 -19.78 48.04 25.98
C VAL B 195 -21.01 48.74 26.52
N LYS B 196 -21.10 50.05 26.33
CA LYS B 196 -22.25 50.80 26.82
C LYS B 196 -23.48 50.50 26.00
N LYS B 197 -23.35 50.37 24.69
CA LYS B 197 -24.53 50.05 23.90
C LYS B 197 -25.05 48.65 24.25
N LEU B 198 -24.13 47.71 24.47
CA LEU B 198 -24.49 46.34 24.74
C LEU B 198 -25.04 46.16 26.15
N THR B 199 -24.40 46.75 27.13
CA THR B 199 -24.63 46.36 28.51
C THR B 199 -25.25 47.45 29.34
N ALA B 200 -25.27 48.69 28.83
CA ALA B 200 -25.72 49.88 29.54
C ALA B 200 -24.76 50.27 30.64
N THR B 201 -23.57 49.70 30.69
CA THR B 201 -22.62 49.97 31.75
C THR B 201 -21.21 49.82 31.17
N THR B 202 -20.23 49.64 32.04
CA THR B 202 -18.84 49.59 31.64
C THR B 202 -18.22 48.26 32.06
N LEU B 203 -17.14 47.89 31.36
CA LEU B 203 -16.40 46.71 31.76
C LEU B 203 -15.98 46.79 33.22
N GLU B 204 -15.50 47.97 33.65
CA GLU B 204 -14.97 48.10 35.01
C GLU B 204 -16.05 47.94 36.04
N ALA B 205 -17.26 48.39 35.71
CA ALA B 205 -18.36 48.26 36.66
C ALA B 205 -18.79 46.81 36.80
N LEU B 206 -18.94 46.12 35.66
CA LEU B 206 -19.22 44.68 35.67
C LEU B 206 -18.13 43.90 36.39
N HIS B 207 -16.88 44.19 36.09
CA HIS B 207 -15.77 43.54 36.76
C HIS B 207 -15.85 43.73 38.27
N LYS B 208 -16.07 44.97 38.72
CA LYS B 208 -16.09 45.24 40.16
C LYS B 208 -17.29 44.60 40.81
N GLY B 209 -18.40 44.52 40.11
CA GLY B 209 -19.54 43.89 40.73
C GLY B 209 -19.66 42.40 40.56
N GLY B 210 -18.59 41.72 40.18
CA GLY B 210 -18.56 40.27 40.04
C GLY B 210 -19.45 39.72 38.95
N ARG B 211 -19.57 40.42 37.82
CA ARG B 211 -20.50 40.01 36.79
C ARG B 211 -19.82 39.62 35.48
N LEU B 212 -18.50 39.51 35.44
CA LEU B 212 -17.81 39.15 34.21
C LEU B 212 -17.31 37.71 34.32
N PHE B 213 -17.58 36.92 33.28
CA PHE B 213 -17.18 35.52 33.24
C PHE B 213 -16.39 35.26 31.96
N LEU B 214 -15.47 34.30 32.02
CA LEU B 214 -14.56 34.06 30.93
C LEU B 214 -14.41 32.57 30.61
N VAL B 215 -14.42 32.24 29.32
CA VAL B 215 -13.92 30.96 28.83
C VAL B 215 -12.67 31.22 28.01
N ASP B 216 -11.55 30.72 28.45
CA ASP B 216 -10.27 30.96 27.79
C ASP B 216 -9.80 29.71 27.04
N HIS B 217 -9.83 29.74 25.72
CA HIS B 217 -9.30 28.65 24.92
C HIS B 217 -7.99 29.02 24.22
N SER B 218 -7.34 30.11 24.62
CA SER B 218 -6.18 30.54 23.88
C SER B 218 -4.98 29.60 24.04
N TYR B 219 -5.07 28.58 24.88
CA TYR B 219 -3.98 27.64 24.94
C TYR B 219 -3.84 26.87 23.63
N GLN B 220 -4.94 26.74 22.88
CA GLN B 220 -4.91 25.99 21.65
C GLN B 220 -4.14 26.70 20.53
N LYS B 221 -3.69 27.94 20.74
CA LYS B 221 -2.84 28.59 19.77
C LYS B 221 -1.47 27.90 19.65
N LYS B 222 -1.12 27.05 20.61
CA LYS B 222 0.06 26.21 20.55
C LYS B 222 0.01 25.19 19.41
N TYR B 223 -1.17 24.87 18.89
CA TYR B 223 -1.36 23.75 17.98
C TYR B 223 -1.56 24.26 16.57
N THR B 224 -1.20 23.43 15.59
CA THR B 224 -1.27 23.78 14.20
C THR B 224 -2.26 22.87 13.51
N PRO B 225 -3.29 23.39 12.86
CA PRO B 225 -4.32 22.54 12.28
C PRO B 225 -3.80 21.68 11.14
N GLN B 226 -4.52 20.59 10.87
CA GLN B 226 -4.22 19.73 9.74
C GLN B 226 -4.30 20.54 8.46
N PRO B 227 -3.56 20.15 7.42
CA PRO B 227 -3.60 20.88 6.17
C PRO B 227 -5.01 20.94 5.62
N GLY B 228 -5.42 22.14 5.22
CA GLY B 228 -6.76 22.33 4.72
C GLY B 228 -7.80 22.60 5.79
N ARG B 229 -7.41 22.67 7.05
CA ARG B 229 -8.32 23.00 8.12
C ARG B 229 -7.71 24.10 8.97
N TYR B 230 -8.57 24.84 9.67
CA TYR B 230 -8.19 26.07 10.34
C TYR B 230 -8.84 26.10 11.72
N ALA B 231 -8.35 27.01 12.58
CA ALA B 231 -8.80 27.03 13.97
C ALA B 231 -8.41 28.35 14.62
N ALA B 232 -9.22 28.78 15.58
CA ALA B 232 -8.91 29.94 16.39
C ALA B 232 -8.38 29.50 17.75
N ALA B 233 -8.11 30.47 18.60
CA ALA B 233 -7.75 30.21 20.00
C ALA B 233 -8.60 31.10 20.89
N CYS B 234 -9.91 30.90 20.85
CA CYS B 234 -10.83 31.95 21.25
C CYS B 234 -10.82 32.22 22.75
N GLN B 235 -11.08 33.46 23.10
CA GLN B 235 -11.51 33.79 24.45
C GLN B 235 -12.91 34.38 24.37
N GLY B 236 -13.84 33.84 25.14
CA GLY B 236 -15.19 34.36 25.22
C GLY B 236 -15.38 35.12 26.52
N LEU B 237 -15.88 36.35 26.41
CA LEU B 237 -16.22 37.14 27.58
C LEU B 237 -17.74 37.19 27.71
N PHE B 238 -18.26 36.73 28.85
CA PHE B 238 -19.69 36.73 29.12
C PHE B 238 -19.98 37.53 30.38
N TYR B 239 -21.22 38.00 30.50
CA TYR B 239 -21.59 38.80 31.67
C TYR B 239 -23.00 38.45 32.15
N LEU B 240 -23.23 38.59 33.44
CA LEU B 240 -24.55 38.40 34.01
C LEU B 240 -25.31 39.73 33.93
N ASP B 241 -26.15 39.87 32.89
CA ASP B 241 -26.91 41.10 32.65
C ASP B 241 -27.89 41.37 33.78
N ALA B 242 -27.69 42.50 34.47
CA ALA B 242 -28.55 42.85 35.60
C ALA B 242 -29.92 43.30 35.15
N ARG B 243 -30.04 43.86 33.95
CA ARG B 243 -31.32 44.31 33.46
C ARG B 243 -32.28 43.14 33.32
N SER B 244 -31.90 42.14 32.55
CA SER B 244 -32.78 41.03 32.23
C SER B 244 -32.55 39.82 33.11
N ASN B 245 -31.52 39.84 33.98
CA ASN B 245 -31.17 38.69 34.82
C ASN B 245 -30.89 37.45 33.96
N GLN B 246 -30.10 37.62 32.92
CA GLN B 246 -29.72 36.55 32.01
C GLN B 246 -28.21 36.53 31.87
N PHE B 247 -27.67 35.33 31.71
CA PHE B 247 -26.26 35.17 31.39
C PHE B 247 -26.11 35.31 29.87
N LEU B 248 -25.29 36.26 29.43
CA LEU B 248 -25.23 36.68 28.04
C LEU B 248 -23.80 36.81 27.53
N PRO B 249 -23.59 36.63 26.23
CA PRO B 249 -22.27 36.84 25.66
C PRO B 249 -21.96 38.32 25.47
N LEU B 250 -20.69 38.65 25.67
CA LEU B 250 -20.24 40.02 25.43
C LEU B 250 -19.26 40.13 24.27
N ALA B 251 -18.21 39.32 24.24
CA ALA B 251 -17.16 39.47 23.24
C ALA B 251 -16.46 38.14 23.01
N ILE B 252 -15.92 37.98 21.81
CA ILE B 252 -15.09 36.83 21.44
C ILE B 252 -13.86 37.33 20.72
N LYS B 253 -12.70 36.88 21.15
CA LYS B 253 -11.43 37.25 20.55
C LYS B 253 -10.73 35.98 20.07
N THR B 254 -10.35 35.94 18.81
CA THR B 254 -9.83 34.73 18.21
C THR B 254 -8.40 34.42 18.65
N ASN B 255 -7.61 35.43 18.96
CA ASN B 255 -6.21 35.27 19.32
C ASN B 255 -5.39 34.58 18.25
N VAL B 256 -5.77 34.73 16.98
CA VAL B 256 -4.96 34.28 15.85
C VAL B 256 -5.01 35.34 14.75
N GLY B 257 -3.97 35.38 13.93
CA GLY B 257 -3.96 36.30 12.80
C GLY B 257 -3.92 37.75 13.25
N VAL B 258 -4.86 38.56 12.75
CA VAL B 258 -4.94 39.96 13.18
C VAL B 258 -5.58 40.11 14.55
N ASP B 259 -6.06 39.02 15.13
CA ASP B 259 -6.49 38.99 16.51
C ASP B 259 -7.72 39.87 16.71
N LEU B 260 -8.73 39.62 15.89
CA LEU B 260 -9.94 40.42 15.94
C LEU B 260 -10.80 40.06 17.16
N THR B 261 -11.67 41.00 17.53
CA THR B 261 -12.59 40.90 18.66
C THR B 261 -14.00 41.16 18.15
N TYR B 262 -14.88 40.19 18.25
CA TYR B 262 -16.25 40.31 17.78
C TYR B 262 -17.19 40.56 18.96
N THR B 263 -18.31 41.19 18.67
CA THR B 263 -19.35 41.42 19.65
C THR B 263 -20.67 41.19 18.94
N PRO B 264 -21.76 41.05 19.69
CA PRO B 264 -23.07 40.91 19.05
C PRO B 264 -23.53 42.13 18.29
N LEU B 265 -22.78 43.23 18.32
CA LEU B 265 -23.08 44.38 17.50
C LEU B 265 -22.46 44.30 16.11
N ASP B 266 -21.53 43.39 15.89
CA ASP B 266 -20.94 43.20 14.58
C ASP B 266 -21.98 42.66 13.61
N ASP B 267 -21.61 42.59 12.33
CA ASP B 267 -22.48 42.04 11.31
C ASP B 267 -22.97 40.66 11.71
N LYS B 268 -24.13 40.30 11.19
CA LYS B 268 -24.75 39.01 11.48
C LYS B 268 -23.78 37.84 11.28
N ASP B 269 -23.11 37.79 10.12
CA ASP B 269 -22.24 36.65 9.84
C ASP B 269 -20.91 36.71 10.56
N ASP B 270 -20.43 37.90 10.88
CA ASP B 270 -19.18 38.01 11.62
C ASP B 270 -19.35 37.51 13.05
N TRP B 271 -20.36 38.03 13.76
CA TRP B 271 -20.63 37.54 15.09
C TRP B 271 -20.95 36.04 15.07
N LEU B 272 -21.77 35.63 14.11
CA LEU B 272 -22.11 34.22 14.03
C LEU B 272 -20.86 33.36 13.81
N LEU B 273 -19.96 33.81 12.95
CA LEU B 273 -18.77 33.02 12.75
C LEU B 273 -17.90 33.03 13.99
N ALA B 274 -17.95 34.11 14.77
CA ALA B 274 -17.20 34.14 16.02
C ALA B 274 -17.69 33.05 16.95
N LYS B 275 -19.01 32.96 17.10
CA LYS B 275 -19.57 31.91 17.92
C LYS B 275 -19.17 30.54 17.37
N ILE B 276 -19.17 30.37 16.06
CA ILE B 276 -18.80 29.09 15.47
C ILE B 276 -17.36 28.71 15.84
N MET B 277 -16.45 29.68 15.78
CA MET B 277 -15.05 29.41 16.06
C MET B 277 -14.88 29.06 17.52
N PHE B 278 -15.61 29.78 18.38
CA PHE B 278 -15.56 29.50 19.80
C PHE B 278 -16.06 28.09 20.06
N ASN B 279 -17.20 27.71 19.50
CA ASN B 279 -17.72 26.38 19.71
C ASN B 279 -16.78 25.31 19.21
N ASN B 280 -16.01 25.61 18.17
CA ASN B 280 -15.03 24.64 17.65
C ASN B 280 -13.91 24.41 18.66
N ASN B 281 -13.40 25.51 19.23
CA ASN B 281 -12.44 25.39 20.31
C ASN B 281 -13.03 24.68 21.51
N ASP B 282 -14.27 25.01 21.83
CA ASP B 282 -14.90 24.44 22.98
C ASP B 282 -15.12 22.95 22.82
N LEU B 283 -15.41 22.49 21.60
CA LEU B 283 -15.54 21.05 21.34
C LEU B 283 -14.21 20.34 21.49
N PHE B 284 -13.14 20.93 20.94
CA PHE B 284 -11.82 20.35 21.19
C PHE B 284 -11.59 20.17 22.68
N TYR B 285 -11.90 21.20 23.46
CA TYR B 285 -11.61 21.17 24.89
C TYR B 285 -12.42 20.10 25.59
N SER B 286 -13.72 20.04 25.30
CA SER B 286 -14.55 19.12 26.03
C SER B 286 -14.11 17.70 25.77
N GLN B 287 -13.81 17.39 24.50
CA GLN B 287 -13.46 16.00 24.19
C GLN B 287 -12.09 15.65 24.77
N MET B 288 -11.12 16.54 24.63
CA MET B 288 -9.78 16.18 25.05
C MET B 288 -9.59 16.29 26.55
N TYR B 289 -10.23 17.26 27.20
CA TYR B 289 -10.19 17.36 28.64
C TYR B 289 -10.94 16.21 29.31
N HIS B 290 -12.03 15.69 28.71
CA HIS B 290 -12.70 14.54 29.33
C HIS B 290 -11.85 13.28 29.37
N VAL B 291 -10.68 13.25 28.74
CA VAL B 291 -9.79 12.12 28.94
C VAL B 291 -9.49 11.94 30.42
N LEU B 292 -9.49 13.03 31.18
CA LEU B 292 -9.16 12.90 32.60
C LEU B 292 -10.30 12.26 33.38
N PHE B 293 -11.54 12.44 32.94
CA PHE B 293 -12.65 11.70 33.49
C PHE B 293 -12.45 10.21 33.31
N HIS B 294 -11.67 9.79 32.33
CA HIS B 294 -11.38 8.37 32.25
C HIS B 294 -10.18 8.05 33.10
N THR B 295 -9.10 8.79 32.97
CA THR B 295 -7.86 8.27 33.50
C THR B 295 -7.71 8.46 34.99
N ILE B 296 -8.49 9.34 35.61
CA ILE B 296 -8.34 9.48 37.06
C ILE B 296 -9.15 8.41 37.77
N PRO B 297 -10.39 8.15 37.37
CA PRO B 297 -11.05 6.96 37.91
C PRO B 297 -10.25 5.70 37.68
N GLU B 298 -9.60 5.56 36.54
CA GLU B 298 -8.81 4.36 36.30
C GLU B 298 -7.75 4.16 37.38
N ILE B 299 -6.96 5.20 37.66
CA ILE B 299 -5.87 5.03 38.61
C ILE B 299 -6.40 4.79 40.03
N VAL B 300 -7.53 5.41 40.38
CA VAL B 300 -8.11 5.09 41.67
C VAL B 300 -8.49 3.62 41.73
N HIS B 301 -9.13 3.11 40.67
CA HIS B 301 -9.49 1.71 40.62
C HIS B 301 -8.28 0.78 40.53
N GLU B 302 -7.14 1.23 40.02
CA GLU B 302 -5.95 0.39 39.97
C GLU B 302 -5.36 0.22 41.36
N ALA B 303 -5.26 1.33 42.08
CA ALA B 303 -4.86 1.26 43.48
C ALA B 303 -5.82 0.36 44.26
N ALA B 304 -7.12 0.55 44.07
CA ALA B 304 -8.11 -0.28 44.75
C ALA B 304 -7.95 -1.75 44.38
N PHE B 305 -7.68 -2.04 43.12
CA PHE B 305 -7.58 -3.43 42.71
C PHE B 305 -6.35 -4.09 43.28
N ARG B 306 -5.32 -3.32 43.61
CA ARG B 306 -4.10 -3.86 44.19
C ARG B 306 -4.15 -3.98 45.72
N THR B 307 -5.28 -3.62 46.34
CA THR B 307 -5.31 -3.55 47.80
C THR B 307 -6.58 -4.17 48.37
N LEU B 308 -7.72 -3.91 47.76
CA LEU B 308 -8.98 -4.51 48.20
C LEU B 308 -9.08 -5.93 47.70
N SER B 309 -9.57 -6.81 48.56
CA SER B 309 -9.97 -8.14 48.13
C SER B 309 -11.06 -8.01 47.06
N ASP B 310 -11.13 -9.00 46.19
CA ASP B 310 -12.26 -9.05 45.28
C ASP B 310 -13.57 -9.26 46.02
N ARG B 311 -13.56 -9.78 47.24
CA ARG B 311 -14.78 -9.93 48.00
C ARG B 311 -15.01 -8.79 48.98
N HIS B 312 -14.25 -7.74 48.85
CA HIS B 312 -14.51 -6.55 49.63
C HIS B 312 -15.69 -5.80 49.02
N PRO B 313 -16.65 -5.34 49.82
CA PRO B 313 -17.83 -4.67 49.24
C PRO B 313 -17.52 -3.41 48.45
N VAL B 314 -16.54 -2.63 48.91
CA VAL B 314 -16.15 -1.46 48.15
C VAL B 314 -15.56 -1.86 46.81
N MET B 315 -14.86 -2.98 46.76
CA MET B 315 -14.33 -3.44 45.49
C MET B 315 -15.44 -3.93 44.56
N GLY B 316 -16.53 -4.48 45.08
CA GLY B 316 -17.61 -4.88 44.21
C GLY B 316 -18.34 -3.69 43.63
N VAL B 317 -18.50 -2.63 44.44
CA VAL B 317 -19.09 -1.38 43.93
C VAL B 317 -18.13 -0.70 42.95
N LEU B 318 -16.84 -0.68 43.25
CA LEU B 318 -15.91 -0.04 42.34
C LEU B 318 -15.83 -0.79 41.01
N ASN B 319 -15.83 -2.12 41.04
CA ASN B 319 -15.85 -2.90 39.80
C ASN B 319 -17.11 -2.64 38.99
N ARG B 320 -18.24 -2.50 39.66
CA ARG B 320 -19.45 -2.20 38.91
C ARG B 320 -19.38 -0.84 38.22
N LEU B 321 -18.85 0.19 38.91
CA LEU B 321 -18.77 1.52 38.33
C LEU B 321 -17.71 1.60 37.22
N MET B 322 -16.59 0.88 37.36
CA MET B 322 -15.53 0.81 36.36
C MET B 322 -15.73 -0.32 35.37
N TYR B 323 -16.97 -0.75 35.16
CA TYR B 323 -17.23 -1.74 34.12
C TYR B 323 -16.69 -1.25 32.77
N GLN B 324 -15.93 -2.13 32.11
CA GLN B 324 -15.31 -1.93 30.80
C GLN B 324 -14.30 -0.80 30.76
N ALA B 325 -13.91 -0.23 31.89
CA ALA B 325 -13.24 1.06 31.86
C ALA B 325 -11.88 0.97 31.19
N TYR B 326 -11.22 -0.17 31.32
CA TYR B 326 -9.89 -0.33 30.78
C TYR B 326 -9.88 -0.55 29.27
N ALA B 327 -11.03 -0.57 28.64
CA ALA B 327 -11.09 -0.58 27.20
C ALA B 327 -10.79 0.79 26.57
N ILE B 328 -11.03 1.89 27.29
CA ILE B 328 -11.20 3.17 26.62
C ILE B 328 -9.88 3.69 26.08
N ARG B 329 -8.82 3.49 26.79
CA ARG B 329 -7.55 3.98 26.32
C ARG B 329 -7.00 3.15 25.17
N PRO B 330 -7.04 1.81 25.22
CA PRO B 330 -6.59 1.03 24.04
C PRO B 330 -7.46 1.22 22.82
N VAL B 331 -8.78 1.14 22.95
CA VAL B 331 -9.65 1.34 21.81
C VAL B 331 -9.48 2.74 21.23
N GLY B 332 -9.47 3.77 22.10
CA GLY B 332 -9.25 5.13 21.63
C GLY B 332 -7.91 5.28 20.94
N GLY B 333 -6.90 4.59 21.46
CA GLY B 333 -5.61 4.61 20.80
C GLY B 333 -5.62 3.95 19.43
N ALA B 334 -6.43 2.92 19.26
CA ALA B 334 -6.38 2.16 18.01
C ALA B 334 -7.27 2.74 16.91
N VAL B 335 -8.39 3.36 17.25
CA VAL B 335 -9.31 3.80 16.21
C VAL B 335 -9.68 5.27 16.33
N LEU B 336 -9.44 5.92 17.46
CA LEU B 336 -9.79 7.33 17.54
C LEU B 336 -8.60 8.23 17.29
N PHE B 337 -7.52 8.03 18.05
CA PHE B 337 -6.36 8.90 17.98
C PHE B 337 -5.16 8.26 17.26
N ASN B 338 -5.34 7.11 16.62
CA ASN B 338 -4.31 6.62 15.73
C ASN B 338 -4.17 7.53 14.50
N PRO B 339 -2.98 7.60 13.91
CA PRO B 339 -2.79 8.46 12.72
C PRO B 339 -3.73 8.06 11.60
N GLY B 340 -4.52 9.02 11.14
CA GLY B 340 -5.53 8.74 10.15
C GLY B 340 -6.82 8.16 10.67
N GLY B 341 -7.04 8.15 11.99
CA GLY B 341 -8.28 7.65 12.56
C GLY B 341 -9.37 8.72 12.56
N PHE B 342 -10.42 8.42 13.32
CA PHE B 342 -11.63 9.25 13.26
C PHE B 342 -11.41 10.66 13.78
N TRP B 343 -10.47 10.88 14.68
CA TRP B 343 -10.20 12.24 15.09
C TRP B 343 -9.53 13.01 13.95
N ASP B 344 -8.45 12.47 13.38
CA ASP B 344 -7.85 13.06 12.20
C ASP B 344 -8.88 13.32 11.11
N GLN B 345 -9.77 12.36 10.88
CA GLN B 345 -10.72 12.53 9.79
C GLN B 345 -11.70 13.67 10.01
N ASN B 346 -11.86 14.16 11.22
CA ASN B 346 -12.96 15.04 11.58
C ASN B 346 -12.55 16.35 12.22
N PHE B 347 -11.51 16.37 13.02
CA PHE B 347 -11.18 17.56 13.79
C PHE B 347 -10.06 18.38 13.15
N GLY B 348 -10.11 19.68 13.40
CA GLY B 348 -9.19 20.58 12.72
C GLY B 348 -7.75 20.42 13.17
N LEU B 349 -7.56 20.17 14.35
CA LEU B 349 -6.27 19.86 14.94
C LEU B 349 -5.99 18.38 14.79
N PRO B 350 -4.76 17.97 14.54
CA PRO B 350 -4.48 16.54 14.40
C PRO B 350 -4.52 15.85 15.75
N ALA B 351 -4.51 14.50 15.71
CA ALA B 351 -4.63 13.70 16.93
C ALA B 351 -3.40 13.84 17.82
N SER B 352 -2.29 14.28 17.26
CA SER B 352 -1.11 14.46 18.08
C SER B 352 -1.29 15.63 19.05
N ALA B 353 -1.90 16.73 18.59
CA ALA B 353 -2.17 17.88 19.45
C ALA B 353 -3.27 17.56 20.44
N ALA B 354 -4.32 16.87 19.97
CA ALA B 354 -5.37 16.38 20.81
C ALA B 354 -4.84 15.55 21.98
N ILE B 355 -3.99 14.56 21.69
CA ILE B 355 -3.39 13.73 22.72
C ILE B 355 -2.50 14.55 23.63
N ASP B 356 -1.84 15.56 23.09
CA ASP B 356 -1.03 16.45 23.92
C ASP B 356 -1.85 17.21 24.96
N PHE B 357 -3.11 17.51 24.68
CA PHE B 357 -3.82 18.42 25.58
C PHE B 357 -4.05 17.90 27.00
N PRO B 358 -4.61 16.71 27.23
CA PRO B 358 -4.78 16.30 28.63
C PRO B 358 -3.48 16.22 29.37
N GLY B 359 -2.40 15.78 28.73
CA GLY B 359 -1.12 15.70 29.40
C GLY B 359 -0.60 17.06 29.77
N SER B 360 -0.98 18.10 29.02
CA SER B 360 -0.62 19.47 29.37
C SER B 360 -1.42 19.96 30.54
N VAL B 361 -2.72 19.73 30.52
CA VAL B 361 -3.54 20.04 31.68
C VAL B 361 -2.97 19.38 32.94
N TYR B 362 -2.62 18.10 32.83
CA TYR B 362 -2.10 17.37 33.97
C TYR B 362 -0.75 17.89 34.41
N ALA B 363 0.10 18.24 33.45
CA ALA B 363 1.44 18.67 33.82
C ALA B 363 1.42 20.00 34.55
N GLN B 364 0.29 20.68 34.60
CA GLN B 364 0.18 21.92 35.34
C GLN B 364 -0.74 21.78 36.54
N GLY B 365 -0.82 20.59 37.10
CA GLY B 365 -1.54 20.45 38.35
C GLY B 365 -3.02 20.22 38.23
N GLY B 366 -3.55 20.13 37.04
CA GLY B 366 -4.92 19.70 36.87
C GLY B 366 -5.10 18.22 37.21
N GLY B 367 -6.36 17.82 37.23
CA GLY B 367 -6.73 16.45 37.46
C GLY B 367 -6.75 16.01 38.90
N GLY B 368 -6.64 16.94 39.85
CA GLY B 368 -6.75 16.54 41.23
C GLY B 368 -8.09 15.91 41.52
N PHE B 369 -8.05 14.76 42.22
CA PHE B 369 -9.26 14.03 42.58
C PHE B 369 -10.19 14.90 43.42
N GLN B 370 -9.70 15.41 44.55
CA GLN B 370 -10.64 16.15 45.39
C GLN B 370 -10.98 17.49 44.76
N ALA B 371 -10.05 18.07 44.01
CA ALA B 371 -10.31 19.32 43.30
C ALA B 371 -11.48 19.21 42.35
N GLY B 372 -11.82 17.99 41.90
CA GLY B 372 -12.94 17.78 41.01
C GLY B 372 -14.29 17.68 41.67
N TYR B 373 -14.37 17.65 43.00
CA TYR B 373 -15.66 17.59 43.66
C TYR B 373 -16.54 18.75 43.22
N LEU B 374 -17.80 18.45 42.94
CA LEU B 374 -18.68 19.39 42.23
C LEU B 374 -18.68 20.77 42.87
N GLU B 375 -18.95 20.83 44.18
CA GLU B 375 -19.02 22.13 44.83
C GLU B 375 -17.64 22.76 44.95
N LYS B 376 -16.61 21.97 45.22
CA LYS B 376 -15.26 22.52 45.26
C LYS B 376 -14.87 23.14 43.92
N ASP B 377 -15.19 22.46 42.83
CA ASP B 377 -14.82 22.97 41.52
C ASP B 377 -15.60 24.23 41.17
N LEU B 378 -16.93 24.17 41.30
CA LEU B 378 -17.76 25.31 40.94
C LEU B 378 -17.46 26.54 41.79
N ARG B 379 -17.11 26.36 43.07
CA ARG B 379 -16.77 27.57 43.80
C ARG B 379 -15.30 27.95 43.68
N SER B 380 -14.43 27.04 43.24
CA SER B 380 -13.10 27.48 42.84
C SER B 380 -13.18 28.39 41.64
N ARG B 381 -14.14 28.16 40.76
CA ARG B 381 -14.32 28.97 39.57
C ARG B 381 -15.30 30.13 39.80
N GLY B 382 -15.68 30.39 41.04
CA GLY B 382 -16.55 31.50 41.30
C GLY B 382 -17.94 31.40 40.72
N LEU B 383 -18.40 30.21 40.36
CA LEU B 383 -19.71 30.11 39.73
C LEU B 383 -20.84 29.97 40.72
N ILE B 384 -20.58 29.40 41.90
CA ILE B 384 -21.56 29.26 42.96
C ILE B 384 -20.96 29.87 44.21
N GLY B 385 -21.73 29.89 45.30
CA GLY B 385 -21.29 30.49 46.54
C GLY B 385 -21.52 31.98 46.58
N GLU B 386 -22.21 32.47 47.62
CA GLU B 386 -22.50 33.89 47.67
C GLU B 386 -21.27 34.74 47.91
N ASP B 387 -20.17 34.13 48.34
CA ASP B 387 -18.92 34.86 48.48
C ASP B 387 -18.43 35.38 47.12
N SER B 388 -18.84 34.76 46.03
CA SER B 388 -18.26 35.04 44.72
C SER B 388 -18.90 36.19 43.98
N GLY B 389 -20.14 36.55 44.27
CA GLY B 389 -20.78 37.62 43.55
C GLY B 389 -22.25 37.34 43.38
N PRO B 390 -22.93 38.12 42.54
CA PRO B 390 -24.34 37.87 42.26
C PRO B 390 -24.57 36.47 41.72
N ARG B 391 -25.67 35.86 42.14
CA ARG B 391 -25.92 34.46 41.83
C ARG B 391 -26.38 34.33 40.40
N LEU B 392 -25.94 33.27 39.75
CA LEU B 392 -26.49 32.91 38.45
C LEU B 392 -27.94 32.49 38.62
N PRO B 393 -28.90 33.12 37.94
CA PRO B 393 -30.29 32.70 38.12
C PRO B 393 -30.57 31.34 37.56
N HIS B 394 -29.81 30.89 36.57
CA HIS B 394 -30.02 29.56 36.01
C HIS B 394 -28.68 28.90 35.79
N PHE B 395 -28.43 27.81 36.48
CA PHE B 395 -27.24 27.00 36.26
C PHE B 395 -27.71 25.56 36.06
N PRO B 396 -28.18 25.22 34.86
CA PRO B 396 -28.78 23.90 34.66
C PRO B 396 -27.90 22.75 35.05
N PHE B 397 -26.61 22.83 34.77
CA PHE B 397 -25.75 21.72 35.12
C PHE B 397 -25.65 21.55 36.62
N TYR B 398 -25.59 22.66 37.36
CA TYR B 398 -25.50 22.56 38.80
C TYR B 398 -26.79 22.04 39.39
N GLU B 399 -27.91 22.39 38.78
CA GLU B 399 -29.19 21.94 39.30
C GLU B 399 -29.35 20.44 39.14
N ASP B 400 -29.20 19.94 37.90
CA ASP B 400 -29.30 18.51 37.67
C ASP B 400 -28.19 17.75 38.37
N ALA B 401 -27.00 18.32 38.45
CA ALA B 401 -25.92 17.62 39.13
C ALA B 401 -26.15 17.55 40.61
N HIS B 402 -26.76 18.58 41.17
CA HIS B 402 -26.98 18.57 42.61
C HIS B 402 -28.05 17.55 42.97
N ARG B 403 -29.11 17.46 42.18
CA ARG B 403 -30.06 16.38 42.39
C ARG B 403 -29.39 15.01 42.26
N LEU B 404 -28.69 14.78 41.15
CA LEU B 404 -28.16 13.43 40.89
C LEU B 404 -27.12 13.03 41.93
N ILE B 405 -26.19 13.94 42.24
CA ILE B 405 -25.19 13.67 43.26
C ILE B 405 -25.86 13.49 44.61
N GLY B 406 -27.00 14.13 44.83
CA GLY B 406 -27.73 13.88 46.06
C GLY B 406 -28.19 12.44 46.17
N ALA B 407 -28.76 11.91 45.09
CA ALA B 407 -29.18 10.51 45.10
C ALA B 407 -27.98 9.58 45.27
N ILE B 408 -26.91 9.85 44.53
CA ILE B 408 -25.76 8.97 44.63
C ILE B 408 -25.20 8.97 46.05
N ARG B 409 -25.14 10.15 46.65
CA ARG B 409 -24.52 10.28 47.95
C ARG B 409 -25.37 9.65 49.03
N ARG B 410 -26.69 9.80 48.91
CA ARG B 410 -27.53 9.14 49.90
C ARG B 410 -27.32 7.65 49.85
N PHE B 411 -27.25 7.09 48.64
CA PHE B 411 -26.98 5.66 48.51
C PHE B 411 -25.62 5.29 49.07
N MET B 412 -24.60 6.12 48.82
CA MET B 412 -23.27 5.74 49.26
C MET B 412 -23.16 5.79 50.77
N GLN B 413 -23.84 6.76 51.39
CA GLN B 413 -23.85 6.85 52.85
C GLN B 413 -24.59 5.67 53.46
N ALA B 414 -25.70 5.25 52.86
CA ALA B 414 -26.35 4.03 53.33
C ALA B 414 -25.48 2.81 53.08
N PHE B 415 -24.69 2.82 52.02
CA PHE B 415 -23.85 1.67 51.73
C PHE B 415 -22.70 1.56 52.73
N VAL B 416 -22.07 2.68 53.04
CA VAL B 416 -20.99 2.66 54.00
C VAL B 416 -21.53 2.25 55.37
N ASP B 417 -22.71 2.75 55.74
CA ASP B 417 -23.31 2.36 57.02
C ASP B 417 -23.62 0.86 57.08
N SER B 418 -24.26 0.32 56.04
CA SER B 418 -24.45 -1.13 55.97
C SER B 418 -23.15 -1.89 56.11
N THR B 419 -22.07 -1.41 55.49
CA THR B 419 -20.86 -2.20 55.51
C THR B 419 -20.17 -2.13 56.87
N TYR B 420 -20.10 -0.95 57.44
CA TYR B 420 -19.28 -0.67 58.60
C TYR B 420 -20.05 -0.49 59.90
N GLY B 421 -21.27 0.05 59.86
CA GLY B 421 -22.07 0.19 61.07
C GLY B 421 -22.79 1.51 61.25
N GLY B 428 -14.13 3.45 63.49
CA GLY B 428 -13.75 2.30 64.28
C GLY B 428 -13.48 1.10 63.40
N ALA B 429 -14.56 0.48 62.94
CA ALA B 429 -14.45 -0.55 61.91
C ALA B 429 -13.81 -0.02 60.63
N LEU B 430 -13.72 1.30 60.46
CA LEU B 430 -13.03 1.84 59.30
C LEU B 430 -11.53 1.67 59.46
N LEU B 431 -11.02 1.98 60.65
CA LEU B 431 -9.59 2.01 60.85
C LEU B 431 -9.00 0.62 60.93
N ARG B 432 -9.83 -0.36 61.22
CA ARG B 432 -9.44 -1.75 61.28
C ARG B 432 -9.58 -2.46 59.94
N ASP B 433 -10.12 -1.78 58.93
CA ASP B 433 -10.21 -2.31 57.58
C ASP B 433 -8.89 -2.01 56.88
N TYR B 434 -7.90 -2.85 57.15
CA TYR B 434 -6.55 -2.60 56.67
C TYR B 434 -6.46 -2.67 55.14
N GLU B 435 -7.37 -3.37 54.48
CA GLU B 435 -7.43 -3.29 53.03
C GLU B 435 -7.85 -1.90 52.59
N LEU B 436 -8.76 -1.27 53.33
CA LEU B 436 -9.14 0.09 52.98
C LEU B 436 -7.99 1.04 53.20
N GLN B 437 -7.29 0.89 54.32
CA GLN B 437 -6.19 1.79 54.60
C GLN B 437 -5.04 1.50 53.66
N ASN B 438 -4.96 0.27 53.19
CA ASN B 438 -3.96 -0.01 52.18
C ASN B 438 -4.33 0.67 50.87
N TRP B 439 -5.61 0.69 50.52
CA TRP B 439 -6.05 1.40 49.34
C TRP B 439 -5.72 2.88 49.44
N ILE B 440 -6.01 3.52 50.56
CA ILE B 440 -5.72 4.96 50.64
C ILE B 440 -4.22 5.20 50.59
N ALA B 441 -3.44 4.41 51.30
CA ALA B 441 -1.99 4.60 51.27
C ALA B 441 -1.43 4.35 49.88
N GLU B 442 -1.97 3.33 49.19
CA GLU B 442 -1.49 2.97 47.86
C GLU B 442 -1.84 4.05 46.84
N ALA B 443 -3.06 4.58 46.92
CA ALA B 443 -3.46 5.63 46.02
C ALA B 443 -2.59 6.85 46.20
N ASN B 444 -2.21 7.16 47.43
CA ASN B 444 -1.34 8.32 47.60
C ASN B 444 0.13 8.03 47.32
N GLY B 445 0.55 6.79 47.19
CA GLY B 445 1.96 6.50 47.10
C GLY B 445 2.36 6.01 45.74
N PRO B 446 2.36 4.69 45.54
CA PRO B 446 2.76 4.14 44.24
C PRO B 446 1.85 4.56 43.08
N ALA B 447 0.54 4.59 43.27
CA ALA B 447 -0.34 4.91 42.16
C ALA B 447 -0.24 6.37 41.76
N GLN B 448 0.35 7.20 42.61
CA GLN B 448 0.57 8.62 42.33
C GLN B 448 -0.73 9.36 42.06
N VAL B 449 -1.81 8.97 42.73
CA VAL B 449 -3.06 9.70 42.57
C VAL B 449 -2.91 11.11 43.14
N ARG B 450 -3.44 12.09 42.44
CA ARG B 450 -3.26 13.49 42.77
C ARG B 450 -4.46 13.99 43.56
N ASP B 451 -4.19 14.57 44.73
CA ASP B 451 -5.21 15.20 45.57
C ASP B 451 -6.33 14.22 45.95
N PHE B 452 -5.95 13.13 46.47
CA PHE B 452 -6.67 12.07 47.12
C PHE B 452 -6.63 12.28 48.63
N PRO B 453 -7.68 11.90 49.36
CA PRO B 453 -7.65 11.96 50.84
C PRO B 453 -6.42 11.30 51.42
N ALA B 454 -5.77 11.96 52.36
CA ALA B 454 -4.56 11.42 52.94
C ALA B 454 -4.84 10.21 53.83
N ALA B 455 -3.90 9.27 53.84
CA ALA B 455 -4.00 8.13 54.73
C ALA B 455 -3.41 8.49 56.05
N PRO B 456 -4.02 8.04 57.16
CA PRO B 456 -5.16 7.12 57.34
C PRO B 456 -6.51 7.74 57.18
N LEU B 457 -7.41 7.02 56.52
CA LEU B 457 -8.77 7.51 56.34
C LEU B 457 -9.58 7.16 57.58
N ARG B 458 -10.10 8.18 58.26
CA ARG B 458 -10.71 8.04 59.57
C ARG B 458 -12.22 8.22 59.58
N ARG B 459 -12.75 9.22 58.90
CA ARG B 459 -14.18 9.44 58.92
C ARG B 459 -14.87 8.71 57.77
N ARG B 460 -16.05 8.19 58.05
CA ARG B 460 -16.87 7.63 56.99
C ARG B 460 -17.17 8.64 55.88
N ALA B 461 -17.22 9.93 56.22
CA ALA B 461 -17.58 10.90 55.19
C ALA B 461 -16.52 10.95 54.09
N GLN B 462 -15.29 10.54 54.39
CA GLN B 462 -14.25 10.62 53.38
C GLN B 462 -14.42 9.52 52.36
N LEU B 463 -14.73 8.31 52.82
CA LEU B 463 -15.06 7.21 51.93
C LEU B 463 -16.35 7.47 51.16
N VAL B 464 -17.36 8.02 51.83
CA VAL B 464 -18.58 8.39 51.10
C VAL B 464 -18.24 9.39 50.00
N ASP B 465 -17.35 10.32 50.31
CA ASP B 465 -16.92 11.30 49.32
C ASP B 465 -16.26 10.62 48.12
N VAL B 466 -15.34 9.69 48.37
CA VAL B 466 -14.64 9.04 47.28
C VAL B 466 -15.63 8.30 46.38
N LEU B 467 -16.41 7.40 46.96
CA LEU B 467 -17.34 6.59 46.17
C LEU B 467 -18.38 7.45 45.47
N THR B 468 -18.79 8.55 46.11
CA THR B 468 -19.75 9.43 45.47
C THR B 468 -19.11 10.09 44.27
N HIS B 469 -17.86 10.51 44.39
CA HIS B 469 -17.25 11.19 43.28
C HIS B 469 -17.04 10.23 42.12
N VAL B 470 -16.60 8.99 42.40
CA VAL B 470 -16.38 8.04 41.32
C VAL B 470 -17.68 7.75 40.60
N ALA B 471 -18.75 7.50 41.37
CA ALA B 471 -20.03 7.25 40.74
C ALA B 471 -20.50 8.47 39.98
N TRP B 472 -20.21 9.66 40.49
CA TRP B 472 -20.66 10.86 39.81
C TRP B 472 -19.97 11.01 38.48
N ILE B 473 -18.68 10.66 38.42
CA ILE B 473 -17.97 10.70 37.16
C ILE B 473 -18.52 9.66 36.17
N THR B 474 -18.60 8.39 36.57
CA THR B 474 -19.02 7.39 35.60
C THR B 474 -20.50 7.47 35.24
N GLY B 475 -21.32 8.16 36.03
CA GLY B 475 -22.74 8.17 35.79
C GLY B 475 -23.21 9.52 35.35
N GLY B 476 -22.35 10.52 35.50
CA GLY B 476 -22.81 11.86 35.22
C GLY B 476 -21.81 12.76 34.54
N ALA B 477 -20.65 12.95 35.15
CA ALA B 477 -19.72 13.94 34.61
C ALA B 477 -19.22 13.51 33.25
N HIS B 478 -18.92 12.23 33.08
CA HIS B 478 -18.54 11.73 31.77
C HIS B 478 -19.58 12.06 30.72
N HIS B 479 -20.85 11.89 31.04
CA HIS B 479 -21.83 11.97 29.97
C HIS B 479 -22.24 13.39 29.67
N VAL B 480 -21.79 14.35 30.48
CA VAL B 480 -21.98 15.75 30.11
C VAL B 480 -21.01 16.12 29.01
N MET B 481 -19.81 15.56 29.06
CA MET B 481 -18.79 15.88 28.07
C MET B 481 -18.75 14.90 26.92
N ASN B 482 -19.05 13.62 27.15
CA ASN B 482 -18.85 12.53 26.21
C ASN B 482 -20.18 11.84 25.99
N GLN B 483 -20.16 10.55 25.65
CA GLN B 483 -21.36 9.74 25.46
C GLN B 483 -22.23 10.39 24.40
N GLY B 484 -23.47 10.79 24.69
CA GLY B 484 -24.37 11.37 23.70
C GLY B 484 -24.43 12.87 23.67
N SER B 485 -23.71 13.53 24.53
CA SER B 485 -23.76 14.98 24.55
C SER B 485 -23.17 15.62 23.30
N PRO B 486 -22.07 15.11 22.72
CA PRO B 486 -21.60 15.73 21.49
C PRO B 486 -22.61 15.68 20.36
N VAL B 487 -23.25 14.54 20.12
CA VAL B 487 -24.22 14.45 19.05
C VAL B 487 -25.54 15.17 19.37
N LYS B 488 -25.90 15.32 20.64
CA LYS B 488 -27.15 16.02 20.92
C LYS B 488 -27.00 17.52 21.18
N PHE B 489 -25.87 17.96 21.72
CA PHE B 489 -25.68 19.37 22.11
C PHE B 489 -24.32 19.95 21.69
N SER B 490 -23.23 19.33 22.12
CA SER B 490 -21.89 19.90 21.98
C SER B 490 -21.44 20.01 20.53
N GLY B 491 -21.87 19.10 19.68
CA GLY B 491 -21.38 19.10 18.32
C GLY B 491 -22.46 19.06 17.27
N VAL B 492 -23.45 19.93 17.41
CA VAL B 492 -24.55 20.00 16.48
C VAL B 492 -24.18 21.02 15.44
N LEU B 493 -24.27 20.64 14.18
CA LEU B 493 -23.94 21.55 13.11
C LEU B 493 -25.15 22.44 12.83
N PRO B 494 -24.93 23.66 12.34
CA PRO B 494 -23.65 24.18 11.89
C PRO B 494 -22.92 24.94 12.98
N LEU B 495 -23.54 25.09 14.14
CA LEU B 495 -22.94 25.91 15.17
C LEU B 495 -21.76 25.25 15.86
N HIS B 496 -21.59 23.96 15.77
CA HIS B 496 -20.55 23.27 16.52
C HIS B 496 -19.74 22.38 15.60
N PRO B 497 -18.94 22.96 14.72
CA PRO B 497 -18.15 22.15 13.79
C PRO B 497 -16.88 21.60 14.43
N ALA B 498 -16.59 20.34 14.11
CA ALA B 498 -15.34 19.72 14.52
C ALA B 498 -14.11 20.34 13.83
N ALA B 499 -14.27 20.89 12.63
CA ALA B 499 -13.16 21.57 11.96
C ALA B 499 -13.71 22.77 11.23
N LEU B 500 -12.85 23.77 11.04
CA LEU B 500 -13.15 24.87 10.14
C LEU B 500 -12.39 24.65 8.85
N TYR B 501 -13.03 24.98 7.72
CA TYR B 501 -12.51 24.64 6.40
C TYR B 501 -12.11 25.85 5.57
N ALA B 502 -11.98 27.03 6.20
CA ALA B 502 -11.57 28.27 5.57
C ALA B 502 -10.69 29.05 6.53
N PRO B 503 -9.80 29.89 6.02
CA PRO B 503 -8.90 30.67 6.89
C PRO B 503 -9.66 31.62 7.79
N ILE B 504 -9.12 31.82 8.99
CA ILE B 504 -9.75 32.73 9.96
C ILE B 504 -9.73 34.13 9.37
N PRO B 505 -10.85 34.85 9.36
CA PRO B 505 -10.88 36.16 8.70
C PRO B 505 -9.80 37.10 9.22
N THR B 506 -9.40 38.04 8.36
CA THR B 506 -8.46 39.08 8.74
C THR B 506 -9.10 40.46 8.77
N ALA B 507 -10.41 40.55 8.55
CA ALA B 507 -11.10 41.83 8.56
C ALA B 507 -12.58 41.60 8.77
N LYS B 508 -13.25 42.60 9.30
CA LYS B 508 -14.69 42.52 9.49
C LYS B 508 -15.40 43.10 8.29
N LEU B 519 -21.39 31.77 4.97
CA LEU B 519 -20.18 31.28 5.62
C LEU B 519 -20.05 29.76 5.55
N LEU B 520 -20.66 29.14 4.54
CA LEU B 520 -20.45 27.72 4.32
C LEU B 520 -19.00 27.39 4.02
N ALA B 521 -18.18 28.39 3.71
CA ALA B 521 -16.80 28.10 3.35
C ALA B 521 -16.01 27.61 4.56
N TRP B 522 -16.43 28.01 5.77
CA TRP B 522 -15.79 27.58 7.01
C TRP B 522 -16.33 26.25 7.48
N LEU B 523 -17.61 26.01 7.31
CA LEU B 523 -18.26 24.81 7.80
C LEU B 523 -17.98 23.62 6.90
N PRO B 524 -18.16 22.40 7.40
CA PRO B 524 -17.93 21.22 6.55
C PRO B 524 -18.90 21.18 5.39
N ASN B 525 -18.52 20.42 4.37
CA ASN B 525 -19.44 20.14 3.27
C ASN B 525 -20.33 18.97 3.64
N GLU B 526 -21.03 18.43 2.65
CA GLU B 526 -22.07 17.44 2.91
C GLU B 526 -21.49 16.15 3.47
N ARG B 527 -20.43 15.65 2.83
CA ARG B 527 -19.84 14.41 3.30
C ARG B 527 -19.16 14.60 4.64
N GLN B 528 -18.52 15.75 4.85
CA GLN B 528 -17.79 15.96 6.09
C GLN B 528 -18.74 16.19 7.26
N ALA B 529 -19.85 16.87 7.00
CA ALA B 529 -20.88 17.02 8.01
C ALA B 529 -21.46 15.65 8.38
N VAL B 530 -21.74 14.81 7.37
CA VAL B 530 -22.33 13.52 7.69
C VAL B 530 -21.37 12.67 8.49
N GLU B 531 -20.07 12.80 8.18
CA GLU B 531 -19.03 12.05 8.88
C GLU B 531 -18.88 12.51 10.34
N GLN B 532 -19.01 13.82 10.59
CA GLN B 532 -19.02 14.32 11.97
C GLN B 532 -20.22 13.79 12.77
N VAL B 533 -21.42 13.90 12.22
CA VAL B 533 -22.54 13.34 12.98
C VAL B 533 -22.41 11.83 13.11
N SER B 534 -21.70 11.18 12.19
CA SER B 534 -21.54 9.74 12.31
C SER B 534 -20.65 9.39 13.48
N LEU B 535 -19.48 10.02 13.57
CA LEU B 535 -18.62 9.79 14.71
C LEU B 535 -19.34 10.10 16.02
N LEU B 536 -19.95 11.28 16.09
CA LEU B 536 -20.56 11.66 17.36
C LEU B 536 -21.73 10.74 17.68
N ALA B 537 -22.35 10.16 16.65
CA ALA B 537 -23.44 9.25 16.89
C ALA B 537 -22.93 7.90 17.34
N ARG B 538 -21.70 7.59 16.99
CA ARG B 538 -21.08 6.37 17.49
C ARG B 538 -20.54 6.53 18.89
N PHE B 539 -20.45 7.77 19.41
CA PHE B 539 -20.21 7.93 20.85
C PHE B 539 -21.45 7.63 21.69
N ASN B 540 -22.64 7.72 21.10
CA ASN B 540 -23.86 7.33 21.80
C ASN B 540 -23.98 5.81 21.92
N ARG B 541 -24.81 5.37 22.85
CA ARG B 541 -25.12 3.95 23.03
C ARG B 541 -26.63 3.88 23.21
N ALA B 542 -27.36 3.74 22.12
CA ALA B 542 -28.81 3.60 22.12
C ALA B 542 -29.28 2.32 22.78
N GLN B 543 -28.38 1.51 23.30
CA GLN B 543 -28.75 0.19 23.79
C GLN B 543 -28.77 0.12 25.29
N VAL B 544 -28.46 1.22 25.97
CA VAL B 544 -28.20 1.14 27.39
C VAL B 544 -29.49 0.83 28.15
N GLY B 545 -30.63 1.31 27.66
CA GLY B 545 -31.88 0.99 28.33
C GLY B 545 -32.22 -0.49 28.25
N ASP B 546 -32.21 -1.04 27.04
CA ASP B 546 -32.59 -2.45 26.88
C ASP B 546 -31.63 -3.38 27.59
N ARG B 547 -30.38 -2.97 27.76
CA ARG B 547 -29.38 -3.79 28.44
C ARG B 547 -29.40 -3.63 29.94
N LYS B 548 -30.31 -2.82 30.47
CA LYS B 548 -30.40 -2.52 31.90
C LYS B 548 -29.07 -2.05 32.47
N GLN B 549 -28.47 -1.07 31.77
CA GLN B 549 -27.18 -0.52 32.18
C GLN B 549 -27.25 0.98 32.42
N THR B 550 -28.43 1.53 32.66
CA THR B 550 -28.54 2.94 32.96
C THR B 550 -28.07 3.25 34.38
N VAL B 551 -28.00 4.54 34.70
CA VAL B 551 -27.61 4.93 36.05
C VAL B 551 -28.59 4.42 37.08
N ARG B 552 -29.88 4.35 36.75
CA ARG B 552 -30.87 3.80 37.68
C ARG B 552 -30.57 2.36 38.04
N ASP B 553 -29.94 1.61 37.13
CA ASP B 553 -29.53 0.24 37.36
C ASP B 553 -28.12 0.15 37.92
N ALA B 554 -27.53 1.28 38.32
CA ALA B 554 -26.11 1.31 38.64
C ALA B 554 -25.77 0.28 39.71
N PHE B 555 -26.51 0.26 40.81
CA PHE B 555 -26.20 -0.58 41.95
C PHE B 555 -27.09 -1.82 42.03
N ALA B 556 -28.01 -2.00 41.09
CA ALA B 556 -28.93 -3.12 41.10
C ALA B 556 -28.39 -4.34 40.37
N ALA B 557 -27.09 -4.55 40.39
CA ALA B 557 -26.55 -5.78 39.86
C ALA B 557 -26.99 -6.95 40.73
N PRO B 558 -27.37 -8.09 40.12
CA PRO B 558 -27.75 -9.26 40.94
C PRO B 558 -26.68 -9.71 41.91
N ASP B 559 -25.42 -9.73 41.49
CA ASP B 559 -24.39 -10.26 42.37
C ASP B 559 -24.13 -9.32 43.52
N LEU B 560 -24.39 -8.03 43.32
CA LEU B 560 -24.21 -7.05 44.38
C LEU B 560 -25.38 -7.08 45.35
N LEU B 561 -26.60 -7.04 44.82
CA LEU B 561 -27.82 -7.11 45.62
C LEU B 561 -27.78 -8.33 46.52
N ALA B 562 -27.47 -9.47 45.92
CA ALA B 562 -27.45 -10.71 46.65
C ALA B 562 -26.24 -10.79 47.56
N GLY B 563 -25.10 -10.29 47.10
CA GLY B 563 -23.87 -10.60 47.78
C GLY B 563 -23.52 -9.67 48.89
N ASN B 564 -24.26 -8.56 49.03
CA ASN B 564 -23.89 -7.56 50.03
C ASN B 564 -24.68 -7.70 51.33
N GLY B 565 -25.93 -7.30 51.32
CA GLY B 565 -26.73 -7.40 52.51
C GLY B 565 -28.06 -6.71 52.32
N PRO B 566 -28.95 -6.87 53.30
CA PRO B 566 -30.27 -6.24 53.18
C PRO B 566 -30.21 -4.72 53.18
N GLY B 567 -29.34 -4.13 53.99
CA GLY B 567 -29.18 -2.69 53.93
C GLY B 567 -28.79 -2.20 52.55
N TYR B 568 -27.91 -2.94 51.87
CA TYR B 568 -27.56 -2.62 50.50
C TYR B 568 -28.81 -2.56 49.65
N ALA B 569 -29.63 -3.61 49.68
CA ALA B 569 -30.78 -3.66 48.79
C ALA B 569 -31.80 -2.57 49.14
N ALA B 570 -31.93 -2.24 50.42
CA ALA B 570 -32.77 -1.11 50.80
C ALA B 570 -32.26 0.18 50.19
N ALA B 571 -30.95 0.44 50.34
CA ALA B 571 -30.35 1.62 49.73
C ALA B 571 -30.59 1.66 48.23
N ASN B 572 -30.39 0.53 47.56
CA ASN B 572 -30.60 0.46 46.14
C ASN B 572 -32.04 0.81 45.75
N ALA B 573 -33.03 0.30 46.48
CA ALA B 573 -34.42 0.63 46.14
C ALA B 573 -34.69 2.10 46.36
N ARG B 574 -34.07 2.68 47.38
CA ARG B 574 -34.14 4.11 47.57
C ARG B 574 -33.56 4.84 46.36
N PHE B 575 -32.39 4.42 45.90
CA PHE B 575 -31.75 5.08 44.78
C PHE B 575 -32.60 4.96 43.52
N VAL B 576 -33.22 3.80 43.32
CA VAL B 576 -34.05 3.60 42.13
C VAL B 576 -35.26 4.51 42.18
N GLU B 577 -35.80 4.71 43.38
CA GLU B 577 -36.91 5.64 43.53
C GLU B 577 -36.47 7.06 43.19
N ASP B 578 -35.38 7.51 43.81
CA ASP B 578 -34.91 8.87 43.60
C ASP B 578 -34.62 9.12 42.13
N THR B 579 -33.80 8.27 41.51
CA THR B 579 -33.45 8.51 40.13
C THR B 579 -34.63 8.34 39.20
N GLY B 580 -35.65 7.56 39.59
CA GLY B 580 -36.87 7.58 38.82
C GLY B 580 -37.50 8.95 38.83
N ARG B 581 -37.60 9.55 40.01
CA ARG B 581 -38.10 10.92 40.09
C ARG B 581 -37.29 11.87 39.23
N ILE B 582 -35.97 11.77 39.34
CA ILE B 582 -35.09 12.63 38.56
C ILE B 582 -35.31 12.45 37.08
N SER B 583 -35.43 11.19 36.64
CA SER B 583 -35.51 10.93 35.22
C SER B 583 -36.85 11.37 34.64
N ARG B 584 -37.93 11.22 35.41
CA ARG B 584 -39.20 11.72 34.92
C ARG B 584 -39.18 13.25 34.87
N GLU B 585 -38.58 13.86 35.89
CA GLU B 585 -38.44 15.31 35.89
C GLU B 585 -37.73 15.79 34.63
N ILE B 586 -36.60 15.19 34.30
CA ILE B 586 -35.84 15.66 33.15
C ILE B 586 -36.53 15.29 31.86
N ALA B 587 -37.25 14.17 31.82
CA ALA B 587 -37.90 13.78 30.58
C ALA B 587 -39.17 14.58 30.33
N GLY B 588 -39.66 15.30 31.33
CA GLY B 588 -40.83 16.11 31.10
C GLY B 588 -40.55 17.53 30.68
N ARG B 589 -39.29 17.88 30.50
CA ARG B 589 -38.93 19.27 30.27
C ARG B 589 -39.36 19.71 28.88
N GLY B 590 -39.68 21.00 28.78
CA GLY B 590 -40.02 21.59 27.50
C GLY B 590 -39.99 23.09 27.63
N PHE B 591 -40.39 23.76 26.57
CA PHE B 591 -40.33 25.20 26.55
C PHE B 591 -41.57 25.79 27.19
N ASP B 592 -41.37 26.83 28.00
CA ASP B 592 -42.48 27.47 28.68
C ASP B 592 -43.08 28.58 27.85
N GLY B 593 -43.68 29.57 28.51
CA GLY B 593 -44.34 30.64 27.80
C GLY B 593 -43.38 31.55 27.07
N LYS B 594 -42.15 31.67 27.56
CA LYS B 594 -41.18 32.51 26.89
C LYS B 594 -40.13 31.71 26.13
N GLY B 595 -40.46 30.49 25.74
CA GLY B 595 -39.58 29.74 24.87
C GLY B 595 -38.32 29.26 25.54
N LEU B 596 -38.33 29.05 26.86
CA LEU B 596 -37.14 28.67 27.58
C LEU B 596 -37.36 27.36 28.31
N SER B 597 -36.29 26.60 28.43
CA SER B 597 -36.21 25.43 29.29
C SER B 597 -35.01 25.64 30.17
N GLN B 598 -35.20 25.53 31.49
CA GLN B 598 -34.17 25.89 32.46
C GLN B 598 -33.57 27.24 32.15
N GLY B 599 -34.34 28.11 31.52
CA GLY B 599 -33.84 29.43 31.17
C GLY B 599 -32.97 29.48 29.94
N MET B 600 -33.01 28.46 29.08
CA MET B 600 -32.22 28.41 27.87
C MET B 600 -33.08 28.11 26.67
N PRO B 601 -32.72 28.60 25.53
CA PRO B 601 -33.49 28.30 24.32
C PRO B 601 -33.36 26.88 23.80
N PHE B 602 -33.08 25.90 24.66
CA PHE B 602 -33.03 24.51 24.22
C PHE B 602 -33.18 23.60 25.43
N VAL B 603 -33.53 22.34 25.18
CA VAL B 603 -33.86 21.38 26.22
C VAL B 603 -32.66 20.46 26.47
N TRP B 604 -31.97 20.69 27.58
CA TRP B 604 -30.76 19.98 27.95
C TRP B 604 -31.11 18.83 28.87
N THR B 605 -30.67 17.62 28.51
CA THR B 605 -31.07 16.41 29.19
C THR B 605 -29.90 15.47 29.45
N ALA B 606 -28.68 15.97 29.46
CA ALA B 606 -27.52 15.09 29.48
C ALA B 606 -27.29 14.41 30.81
N LEU B 607 -28.10 14.63 31.83
CA LEU B 607 -27.82 13.99 33.11
C LEU B 607 -28.97 13.08 33.51
N ASN B 608 -29.84 12.76 32.57
CA ASN B 608 -30.93 11.84 32.75
C ASN B 608 -30.44 10.47 33.17
N PRO B 609 -30.82 9.97 34.35
CA PRO B 609 -30.29 8.68 34.80
C PRO B 609 -30.87 7.50 34.06
N ALA B 610 -32.03 7.64 33.43
CA ALA B 610 -32.63 6.60 32.62
C ALA B 610 -32.11 6.61 31.18
N VAL B 611 -31.10 7.42 30.88
CA VAL B 611 -30.56 7.49 29.53
C VAL B 611 -29.06 7.25 29.59
N ASN B 612 -28.40 7.72 30.63
CA ASN B 612 -26.97 7.57 30.70
C ASN B 612 -26.64 6.14 31.12
N PRO B 613 -25.49 5.63 30.71
CA PRO B 613 -24.99 4.40 31.30
C PRO B 613 -24.44 4.69 32.68
N PHE B 614 -24.27 3.64 33.48
CA PHE B 614 -23.66 3.81 34.79
C PHE B 614 -22.16 3.72 34.75
N PHE B 615 -21.58 3.34 33.63
CA PHE B 615 -20.15 3.08 33.54
C PHE B 615 -19.52 3.96 32.47
N LEU B 616 -18.19 4.06 32.50
CA LEU B 616 -17.50 4.90 31.52
C LEU B 616 -17.55 4.21 30.18
N SER B 617 -18.71 4.18 29.55
CA SER B 617 -18.86 3.57 28.26
C SER B 617 -18.45 4.60 27.23
N VAL B 618 -17.54 4.25 26.34
CA VAL B 618 -16.91 5.23 25.45
C VAL B 618 -16.84 6.66 25.98
N ALA C 1 20.65 -9.75 -81.98
CA ALA C 1 20.46 -10.43 -80.71
C ALA C 1 19.67 -11.69 -80.94
N PHE C 2 18.95 -11.73 -82.07
CA PHE C 2 18.20 -12.92 -82.45
C PHE C 2 19.09 -14.16 -82.35
N PRO C 3 18.55 -15.24 -81.80
CA PRO C 3 17.17 -15.43 -81.37
C PRO C 3 16.87 -15.03 -79.91
N ILE C 4 17.64 -14.13 -79.31
CA ILE C 4 17.25 -13.64 -77.99
C ILE C 4 16.08 -12.68 -78.17
N SER C 5 14.95 -12.98 -77.52
CA SER C 5 13.77 -12.12 -77.60
C SER C 5 13.60 -11.22 -76.39
N ASP C 6 14.26 -11.53 -75.28
CA ASP C 6 14.06 -10.81 -74.04
C ASP C 6 15.13 -11.22 -73.05
N ILE C 7 15.44 -10.31 -72.13
CA ILE C 7 16.31 -10.56 -70.99
C ILE C 7 15.62 -9.97 -69.74
N THR C 8 15.25 -10.83 -68.80
CA THR C 8 14.50 -10.39 -67.63
C THR C 8 15.30 -10.59 -66.36
N VAL C 9 15.01 -9.78 -65.35
CA VAL C 9 15.65 -9.88 -64.06
C VAL C 9 14.58 -9.77 -62.99
N VAL C 10 14.53 -10.74 -62.12
CA VAL C 10 13.63 -10.72 -60.98
C VAL C 10 14.40 -11.24 -59.78
N SER C 11 13.79 -11.11 -58.61
CA SER C 11 14.36 -11.59 -57.36
C SER C 11 13.98 -13.05 -57.19
N GLU C 12 14.95 -13.90 -56.88
CA GLU C 12 14.64 -15.28 -56.58
C GLU C 12 13.75 -15.39 -55.34
N ARG C 13 13.91 -14.44 -54.41
CA ARG C 13 13.11 -14.45 -53.18
C ARG C 13 11.64 -14.14 -53.46
N THR C 14 11.36 -13.04 -54.14
CA THR C 14 9.98 -12.64 -54.38
C THR C 14 9.41 -13.16 -55.69
N ASP C 15 10.26 -13.51 -56.66
CA ASP C 15 9.83 -13.87 -58.01
C ASP C 15 9.18 -12.68 -58.71
N ALA C 16 9.64 -11.48 -58.41
CA ALA C 16 9.03 -10.30 -58.97
C ALA C 16 10.07 -9.19 -58.97
N SER C 17 9.63 -7.98 -59.31
CA SER C 17 10.53 -6.85 -59.48
C SER C 17 11.02 -6.27 -58.17
N THR C 18 10.44 -6.64 -57.03
CA THR C 18 10.87 -6.16 -55.73
C THR C 18 11.98 -7.04 -55.18
N ALA C 19 13.06 -6.42 -54.71
CA ALA C 19 14.19 -7.21 -54.28
C ALA C 19 14.91 -6.50 -53.15
N TYR C 20 15.59 -7.28 -52.32
CA TYR C 20 16.57 -6.78 -51.36
C TYR C 20 17.94 -6.67 -52.03
N LEU C 21 18.80 -5.84 -51.46
CA LEU C 21 20.14 -5.76 -52.02
C LEU C 21 20.87 -7.07 -51.88
N SER C 22 20.40 -7.95 -50.99
CA SER C 22 21.09 -9.20 -50.68
C SER C 22 20.56 -10.38 -51.48
N ASP C 23 19.60 -10.16 -52.37
CA ASP C 23 18.89 -11.22 -53.04
C ASP C 23 19.71 -11.85 -54.17
N TRP C 24 19.36 -13.10 -54.46
CA TRP C 24 19.71 -13.72 -55.73
C TRP C 24 18.77 -13.19 -56.80
N PHE C 25 19.35 -12.69 -57.90
CA PHE C 25 18.62 -12.19 -59.04
C PHE C 25 18.66 -13.21 -60.17
N VAL C 26 17.49 -13.73 -60.53
CA VAL C 26 17.34 -14.64 -61.66
C VAL C 26 17.47 -13.83 -62.94
N VAL C 27 18.59 -13.95 -63.64
CA VAL C 27 18.80 -13.29 -64.92
C VAL C 27 18.48 -14.28 -66.03
N SER C 28 17.36 -14.08 -66.73
CA SER C 28 16.82 -15.04 -67.69
C SER C 28 17.00 -14.58 -69.13
N PHE C 29 17.56 -15.45 -69.96
CA PHE C 29 17.78 -15.17 -71.37
C PHE C 29 16.77 -15.98 -72.17
N VAL C 30 15.75 -15.31 -72.68
CA VAL C 30 14.67 -15.97 -73.39
C VAL C 30 15.08 -16.12 -74.85
N PHE C 31 14.89 -17.33 -75.38
CA PHE C 31 15.19 -17.66 -76.77
C PHE C 31 13.91 -18.07 -77.47
N SER C 32 13.64 -17.43 -78.60
CA SER C 32 12.44 -17.72 -79.38
C SER C 32 12.70 -17.46 -80.85
N THR C 33 11.86 -18.05 -81.68
CA THR C 33 11.86 -17.80 -83.11
C THR C 33 10.40 -17.66 -83.55
N ALA C 34 10.06 -16.51 -84.10
CA ALA C 34 8.74 -16.32 -84.71
C ALA C 34 8.80 -15.53 -86.02
N GLY C 35 9.95 -14.98 -86.40
CA GLY C 35 10.15 -14.59 -87.77
C GLY C 35 10.64 -15.83 -88.50
N SER C 36 11.58 -15.65 -89.43
CA SER C 36 12.17 -16.82 -90.08
C SER C 36 13.64 -16.58 -90.37
N ASP C 37 14.35 -15.95 -89.43
CA ASP C 37 15.80 -15.97 -89.50
C ASP C 37 16.29 -17.42 -89.43
N GLU C 38 17.51 -17.64 -89.89
CA GLU C 38 18.03 -18.99 -89.96
C GLU C 38 18.87 -19.39 -88.75
N THR C 39 19.35 -18.40 -87.98
CA THR C 39 20.40 -18.54 -86.97
C THR C 39 21.52 -19.48 -87.41
N ILE C 40 22.67 -18.87 -87.69
CA ILE C 40 23.77 -19.53 -88.38
C ILE C 40 24.30 -20.70 -87.54
N ALA C 41 23.60 -21.05 -86.47
CA ALA C 41 24.11 -22.04 -85.53
C ALA C 41 24.37 -23.42 -86.21
N GLY C 42 25.13 -24.39 -85.66
CA GLY C 42 25.90 -24.37 -84.42
C GLY C 42 26.94 -23.30 -84.38
N ASP C 43 28.22 -23.62 -84.54
CA ASP C 43 29.29 -22.67 -84.82
C ASP C 43 29.10 -21.20 -84.38
N ALA C 44 27.85 -20.79 -84.18
CA ALA C 44 27.43 -19.41 -83.99
C ALA C 44 27.48 -19.01 -82.53
N THR C 45 27.86 -17.77 -82.29
CA THR C 45 28.04 -17.27 -80.94
C THR C 45 27.16 -16.04 -80.77
N ILE C 46 26.65 -15.87 -79.56
CA ILE C 46 25.85 -14.72 -79.19
C ILE C 46 26.48 -14.14 -77.93
N GLU C 47 26.98 -12.92 -78.05
CA GLU C 47 27.64 -12.26 -76.94
C GLU C 47 26.69 -11.28 -76.28
N VAL C 48 26.53 -11.41 -74.95
CA VAL C 48 25.69 -10.53 -74.16
C VAL C 48 26.49 -10.01 -72.97
N SER C 49 26.55 -8.70 -72.83
CA SER C 49 27.31 -8.16 -71.72
C SER C 49 26.43 -8.12 -70.49
N ILE C 50 27.02 -8.44 -69.35
CA ILE C 50 26.35 -8.38 -68.06
C ILE C 50 26.81 -7.12 -67.37
N PRO C 51 25.90 -6.28 -66.86
CA PRO C 51 26.34 -5.05 -66.18
C PRO C 51 27.17 -5.34 -64.96
N ASN C 52 28.14 -4.46 -64.69
CA ASN C 52 29.11 -4.72 -63.63
C ASN C 52 28.46 -4.90 -62.25
N GLU C 53 27.23 -4.45 -62.06
CA GLU C 53 26.63 -4.55 -60.74
C GLU C 53 26.21 -5.98 -60.43
N LEU C 54 26.06 -6.82 -61.45
CA LEU C 54 25.77 -8.24 -61.29
C LEU C 54 27.05 -9.07 -61.29
N GLU C 55 27.04 -10.14 -60.52
CA GLU C 55 28.22 -10.98 -60.37
C GLU C 55 27.79 -12.43 -60.26
N PHE C 56 28.62 -13.32 -60.80
CA PHE C 56 28.48 -14.74 -60.56
C PHE C 56 29.09 -15.05 -59.23
N VAL C 57 28.52 -16.01 -58.50
CA VAL C 57 29.01 -16.40 -57.19
C VAL C 57 29.54 -17.81 -57.25
N GLN C 58 30.79 -17.98 -56.86
CA GLN C 58 31.49 -19.23 -57.07
C GLN C 58 31.54 -20.04 -55.78
N TYR C 59 30.98 -21.24 -55.81
CA TYR C 59 31.26 -22.22 -54.75
C TYR C 59 31.20 -23.63 -55.33
N PRO C 60 32.28 -24.41 -55.19
CA PRO C 60 33.56 -24.16 -54.51
C PRO C 60 34.36 -23.05 -55.14
N ASP C 61 35.44 -22.66 -54.47
CA ASP C 61 36.27 -21.56 -54.95
C ASP C 61 36.76 -21.76 -56.39
N SER C 62 36.83 -23.00 -56.86
CA SER C 62 37.49 -23.30 -58.12
C SER C 62 36.53 -23.55 -59.28
N VAL C 63 35.23 -23.57 -59.02
CA VAL C 63 34.25 -23.93 -60.03
C VAL C 63 33.58 -22.66 -60.55
N ASP C 64 33.61 -22.49 -61.86
CA ASP C 64 33.01 -21.35 -62.53
C ASP C 64 31.56 -21.68 -62.85
N PRO C 65 30.59 -21.01 -62.23
CA PRO C 65 29.19 -21.39 -62.43
C PRO C 65 28.64 -20.96 -63.77
N SER C 66 29.39 -20.19 -64.53
CA SER C 66 28.86 -19.76 -65.80
C SER C 66 29.14 -20.73 -66.93
N VAL C 67 29.90 -21.78 -66.68
CA VAL C 67 30.35 -22.67 -67.75
C VAL C 67 29.47 -23.91 -67.73
N SER C 68 28.59 -24.02 -68.72
CA SER C 68 27.69 -25.15 -68.72
C SER C 68 27.23 -25.41 -70.14
N GLU C 69 26.73 -26.60 -70.36
CA GLU C 69 26.03 -27.02 -71.55
C GLU C 69 24.52 -26.96 -71.28
N PHE C 70 23.73 -26.64 -72.31
CA PHE C 70 22.28 -26.59 -72.15
C PHE C 70 21.59 -27.51 -73.15
N PHE C 71 20.52 -28.17 -72.72
CA PHE C 71 19.86 -29.23 -73.45
C PHE C 71 18.38 -28.91 -73.63
N THR C 72 17.72 -29.66 -74.51
CA THR C 72 16.27 -29.68 -74.57
C THR C 72 15.74 -30.52 -73.44
N THR C 73 14.43 -30.44 -73.21
CA THR C 73 13.81 -31.29 -72.20
C THR C 73 14.01 -32.76 -72.53
N ALA C 74 14.24 -33.08 -73.79
CA ALA C 74 14.48 -34.45 -74.21
C ALA C 74 15.95 -34.82 -74.20
N GLY C 75 16.84 -33.89 -73.88
CA GLY C 75 18.23 -34.23 -73.73
C GLY C 75 19.14 -33.84 -74.87
N VAL C 76 18.65 -33.13 -75.87
CA VAL C 76 19.50 -32.80 -77.01
C VAL C 76 20.36 -31.60 -76.68
N GLN C 77 21.66 -31.71 -76.94
CA GLN C 77 22.55 -30.57 -76.76
C GLN C 77 22.14 -29.43 -77.67
N VAL C 78 22.20 -28.21 -77.12
CA VAL C 78 21.81 -27.01 -77.85
C VAL C 78 22.94 -26.00 -77.90
N LEU C 79 23.49 -25.65 -76.75
CA LEU C 79 24.54 -24.65 -76.68
C LEU C 79 25.28 -24.82 -75.37
N SER C 80 26.41 -24.16 -75.28
CA SER C 80 27.17 -24.06 -74.05
C SER C 80 27.50 -22.60 -73.81
N THR C 81 27.78 -22.23 -72.57
CA THR C 81 27.95 -20.85 -72.16
C THR C 81 29.30 -20.68 -71.47
N ALA C 82 29.85 -19.49 -71.56
CA ALA C 82 31.02 -19.17 -70.75
C ALA C 82 31.00 -17.66 -70.56
N PHE C 83 31.48 -17.19 -69.41
CA PHE C 83 31.49 -15.77 -69.06
C PHE C 83 32.93 -15.30 -69.03
N ASP C 84 33.17 -14.16 -69.65
CA ASP C 84 34.47 -13.51 -69.57
C ASP C 84 34.43 -12.56 -68.37
N TYR C 85 35.23 -12.85 -67.36
CA TYR C 85 35.25 -12.06 -66.15
C TYR C 85 36.01 -10.75 -66.29
N ASP C 86 36.81 -10.59 -67.35
CA ASP C 86 37.51 -9.35 -67.65
C ASP C 86 36.65 -8.37 -68.44
N SER C 87 35.95 -8.85 -69.47
CA SER C 87 35.11 -7.96 -70.25
C SER C 87 33.65 -7.97 -69.85
N HIS C 88 33.22 -8.91 -69.01
CA HIS C 88 31.84 -9.00 -68.55
C HIS C 88 30.89 -9.36 -69.68
N VAL C 89 31.31 -10.29 -70.53
CA VAL C 89 30.53 -10.70 -71.69
C VAL C 89 30.21 -12.17 -71.57
N LEU C 90 28.94 -12.50 -71.71
CA LEU C 90 28.51 -13.89 -71.69
C LEU C 90 28.38 -14.37 -73.12
N THR C 91 29.02 -15.48 -73.46
CA THR C 91 28.99 -15.99 -74.83
C THR C 91 28.17 -17.27 -74.88
N PHE C 92 27.16 -17.30 -75.72
CA PHE C 92 26.45 -18.55 -75.97
C PHE C 92 27.02 -19.15 -77.26
N THR C 93 27.36 -20.42 -77.22
CA THR C 93 27.96 -21.09 -78.36
C THR C 93 27.19 -22.35 -78.68
N PHE C 94 26.51 -22.36 -79.82
CA PHE C 94 25.72 -23.52 -80.20
C PHE C 94 26.62 -24.67 -80.65
N SER C 95 26.09 -25.89 -80.54
CA SER C 95 26.89 -27.13 -80.66
C SER C 95 26.37 -27.98 -81.83
N ASP C 96 26.49 -27.44 -83.06
CA ASP C 96 25.80 -28.01 -84.21
C ASP C 96 26.55 -27.66 -85.51
N PRO C 97 27.41 -28.55 -86.03
CA PRO C 97 28.40 -28.14 -86.97
C PRO C 97 27.76 -27.81 -88.32
N GLY C 98 28.14 -26.66 -88.92
CA GLY C 98 27.59 -26.10 -90.08
C GLY C 98 26.21 -26.67 -90.34
N GLN C 99 25.22 -26.23 -89.57
CA GLN C 99 23.91 -26.90 -89.58
C GLN C 99 22.88 -25.91 -89.05
N VAL C 100 22.24 -25.18 -89.97
CA VAL C 100 21.20 -24.21 -89.69
C VAL C 100 20.17 -24.74 -88.68
N ILE C 101 19.83 -23.92 -87.68
CA ILE C 101 18.79 -24.27 -86.71
C ILE C 101 17.50 -23.60 -87.14
N THR C 102 16.44 -24.37 -87.30
CA THR C 102 15.19 -23.79 -87.75
C THR C 102 14.32 -23.28 -86.61
N ASP C 103 14.29 -24.00 -85.49
CA ASP C 103 13.44 -23.66 -84.36
C ASP C 103 14.24 -23.63 -83.08
N LEU C 104 13.93 -22.65 -82.22
CA LEU C 104 14.60 -22.52 -80.93
C LEU C 104 13.62 -21.90 -79.96
N GLU C 105 13.28 -22.63 -78.89
CA GLU C 105 12.48 -22.08 -77.81
C GLU C 105 13.08 -22.53 -76.48
N GLY C 106 13.47 -21.57 -75.65
CA GLY C 106 13.96 -21.93 -74.33
C GLY C 106 14.32 -20.71 -73.52
N VAL C 107 14.67 -20.96 -72.27
CA VAL C 107 15.13 -19.91 -71.36
C VAL C 107 16.40 -20.38 -70.66
N VAL C 108 17.48 -19.63 -70.82
CA VAL C 108 18.68 -19.84 -70.03
C VAL C 108 18.69 -18.78 -68.94
N PHE C 109 18.82 -19.23 -67.69
CA PHE C 109 18.91 -18.30 -66.59
C PHE C 109 20.10 -18.64 -65.70
N PHE C 110 20.62 -17.62 -65.06
CA PHE C 110 21.59 -17.76 -63.99
C PHE C 110 21.16 -16.91 -62.82
N THR C 111 21.58 -17.30 -61.62
CA THR C 111 21.31 -16.53 -60.41
C THR C 111 22.57 -15.74 -60.06
N LEU C 112 22.42 -14.43 -60.02
CA LEU C 112 23.53 -13.53 -59.71
C LEU C 112 23.22 -12.77 -58.43
N LYS C 113 24.28 -12.26 -57.81
CA LYS C 113 24.18 -11.35 -56.68
C LYS C 113 24.64 -9.95 -57.11
N LEU C 114 24.19 -8.95 -56.38
CA LEU C 114 24.70 -7.60 -56.61
C LEU C 114 26.10 -7.49 -56.02
N SER C 115 26.98 -6.76 -56.71
CA SER C 115 28.34 -6.58 -56.21
C SER C 115 28.37 -5.73 -54.94
N GLU C 116 29.40 -5.94 -54.13
CA GLU C 116 29.61 -5.09 -52.97
C GLU C 116 29.72 -3.64 -53.39
N GLN C 117 30.56 -3.37 -54.40
CA GLN C 117 30.80 -2.01 -54.84
C GLN C 117 29.50 -1.29 -55.12
N PHE C 118 28.53 -2.00 -55.67
CA PHE C 118 27.27 -1.35 -55.97
C PHE C 118 26.42 -1.16 -54.72
N THR C 119 26.42 -2.15 -53.82
CA THR C 119 25.49 -2.10 -52.71
C THR C 119 25.94 -1.18 -51.59
N GLU C 120 27.25 -0.90 -51.48
CA GLU C 120 27.70 0.08 -50.49
C GLU C 120 27.03 1.42 -50.70
N SER C 121 26.99 1.88 -51.94
CA SER C 121 26.49 3.20 -52.27
C SER C 121 25.14 3.16 -52.94
N ALA C 122 24.45 2.03 -52.92
CA ALA C 122 23.15 1.99 -53.56
C ALA C 122 22.12 2.72 -52.73
N SER C 123 21.04 3.13 -53.38
CA SER C 123 19.94 3.80 -52.74
C SER C 123 18.65 3.23 -53.30
N PRO C 124 17.56 3.21 -52.51
CA PRO C 124 16.29 2.74 -53.05
C PRO C 124 15.81 3.73 -54.09
N GLY C 125 15.02 3.33 -55.07
CA GLY C 125 14.61 1.95 -55.23
C GLY C 125 14.89 1.44 -56.64
N GLN C 126 14.16 1.97 -57.61
CA GLN C 126 14.21 1.46 -58.97
C GLN C 126 15.61 1.54 -59.56
N HIS C 127 16.06 0.41 -60.12
CA HIS C 127 17.36 0.28 -60.77
C HIS C 127 17.17 -0.53 -62.03
N THR C 128 17.73 -0.07 -63.13
CA THR C 128 17.65 -0.80 -64.39
C THR C 128 19.01 -1.40 -64.71
N PHE C 129 19.01 -2.61 -65.26
CA PHE C 129 20.22 -3.31 -65.64
C PHE C 129 20.32 -3.26 -67.15
N ASP C 130 21.47 -2.87 -67.66
CA ASP C 130 21.67 -2.75 -69.10
C ASP C 130 22.45 -3.96 -69.62
N PHE C 131 21.80 -4.79 -70.41
CA PHE C 131 22.45 -5.86 -71.15
C PHE C 131 22.61 -5.45 -72.61
N GLU C 132 23.84 -5.45 -73.11
CA GLU C 132 24.13 -5.06 -74.49
C GLU C 132 24.36 -6.29 -75.35
N THR C 133 23.59 -6.40 -76.43
CA THR C 133 23.93 -7.33 -77.49
C THR C 133 24.54 -6.57 -78.65
N SER C 134 24.36 -7.07 -79.87
CA SER C 134 24.94 -6.41 -81.02
C SER C 134 23.97 -5.46 -81.68
N ASP C 135 22.69 -5.80 -81.68
CA ASP C 135 21.72 -4.96 -82.35
C ASP C 135 20.71 -4.35 -81.39
N GLN C 136 20.88 -4.53 -80.08
CA GLN C 136 19.83 -4.10 -79.18
C GLN C 136 20.37 -4.08 -77.77
N THR C 137 19.78 -3.21 -76.95
CA THR C 137 20.05 -3.16 -75.52
C THR C 137 18.79 -3.52 -74.77
N TYR C 138 18.93 -4.43 -73.81
CA TYR C 138 17.81 -4.84 -72.95
C TYR C 138 18.00 -4.22 -71.58
N SER C 139 16.94 -3.59 -71.07
CA SER C 139 17.02 -2.85 -69.80
C SER C 139 15.88 -3.20 -68.86
N PRO C 140 15.84 -4.43 -68.36
CA PRO C 140 14.87 -4.75 -67.31
C PRO C 140 15.10 -3.93 -66.06
N SER C 141 14.04 -3.80 -65.27
CA SER C 141 14.05 -2.93 -64.12
C SER C 141 13.63 -3.68 -62.86
N VAL C 142 14.26 -3.32 -61.74
CA VAL C 142 13.97 -3.91 -60.44
C VAL C 142 13.96 -2.81 -59.38
N ASP C 143 13.01 -2.89 -58.44
CA ASP C 143 12.91 -1.94 -57.34
C ASP C 143 13.70 -2.45 -56.12
N LEU C 144 14.74 -1.70 -55.73
CA LEU C 144 15.58 -2.07 -54.59
C LEU C 144 14.94 -1.54 -53.32
N VAL C 145 14.24 -2.40 -52.65
CA VAL C 145 13.36 -2.06 -51.56
C VAL C 145 14.08 -2.25 -50.23
N ALA C 146 13.64 -1.50 -49.22
CA ALA C 146 14.18 -1.63 -47.87
C ALA C 146 13.52 -2.80 -47.16
N LEU C 147 14.15 -3.21 -46.07
CA LEU C 147 13.73 -4.41 -45.38
C LEU C 147 12.28 -4.30 -44.96
N ASP C 148 11.55 -5.40 -45.09
CA ASP C 148 10.15 -5.44 -44.68
C ASP C 148 10.07 -5.41 -43.15
N ARG C 149 9.61 -4.30 -42.58
CA ARG C 149 9.54 -4.16 -41.13
C ARG C 149 8.11 -4.21 -40.62
N SER C 150 7.27 -5.00 -41.26
CA SER C 150 5.87 -5.16 -40.87
C SER C 150 5.54 -6.57 -40.41
N GLN C 151 6.51 -7.46 -40.38
CA GLN C 151 6.29 -8.81 -39.93
C GLN C 151 7.66 -9.42 -39.71
N PRO C 152 7.74 -10.59 -39.08
CA PRO C 152 9.05 -11.24 -38.95
C PRO C 152 9.60 -11.61 -40.32
N ILE C 153 10.87 -11.30 -40.53
CA ILE C 153 11.59 -11.68 -41.74
C ILE C 153 12.76 -12.58 -41.35
N LYS C 154 13.36 -13.21 -42.36
CA LYS C 154 14.52 -14.09 -42.23
C LYS C 154 15.57 -13.67 -43.25
N LEU C 155 16.84 -13.66 -42.85
CA LEU C 155 17.94 -13.24 -43.73
C LEU C 155 19.08 -14.27 -43.69
N SER C 156 19.75 -14.50 -44.82
CA SER C 156 20.89 -15.42 -44.93
C SER C 156 22.17 -14.61 -45.10
N ASN C 157 23.28 -15.12 -44.57
CA ASN C 157 24.56 -14.51 -44.84
C ASN C 157 25.59 -15.61 -44.93
N ALA C 158 26.24 -15.74 -46.07
CA ALA C 158 27.30 -16.72 -46.18
C ALA C 158 28.47 -16.31 -45.30
N VAL C 159 28.99 -17.24 -44.51
CA VAL C 159 30.22 -17.01 -43.76
C VAL C 159 31.14 -18.21 -43.95
N THR C 160 32.36 -18.08 -43.44
CA THR C 160 33.33 -19.16 -43.42
C THR C 160 32.86 -20.36 -42.59
N GLY C 161 32.03 -21.20 -43.17
CA GLY C 161 31.40 -22.22 -42.35
C GLY C 161 30.30 -23.06 -42.96
N GLY C 162 29.14 -22.48 -43.26
CA GLY C 162 28.89 -21.11 -42.90
C GLY C 162 27.65 -20.40 -43.38
N VAL C 163 26.54 -20.52 -42.65
CA VAL C 163 25.41 -19.61 -42.77
C VAL C 163 25.17 -18.95 -41.43
N GLU C 164 25.08 -17.64 -41.43
CA GLU C 164 24.53 -16.93 -40.29
C GLU C 164 23.11 -16.53 -40.65
N TRP C 165 22.14 -17.03 -39.89
CA TRP C 165 20.75 -16.69 -40.08
C TRP C 165 20.40 -15.51 -39.20
N PHE C 166 19.57 -14.60 -39.72
CA PHE C 166 18.99 -13.50 -38.96
C PHE C 166 17.47 -13.64 -39.00
N VAL C 167 16.84 -13.60 -37.84
CA VAL C 167 15.40 -13.51 -37.73
C VAL C 167 15.08 -12.18 -37.08
N ASP C 168 14.45 -11.28 -37.83
CA ASP C 168 14.10 -9.96 -37.34
C ASP C 168 12.64 -9.93 -36.93
N ILE C 169 12.38 -9.43 -35.73
CA ILE C 169 11.03 -9.23 -35.23
C ILE C 169 10.79 -7.73 -35.09
N PRO C 170 9.88 -7.15 -35.87
CA PRO C 170 9.62 -5.71 -35.77
C PRO C 170 8.64 -5.39 -34.65
N GLY C 171 9.03 -4.47 -33.76
CA GLY C 171 8.11 -3.96 -32.77
C GLY C 171 6.96 -3.19 -33.34
N ALA C 172 7.12 -2.65 -34.53
CA ALA C 172 6.03 -1.98 -35.20
C ALA C 172 4.92 -2.93 -35.64
N PHE C 173 4.89 -4.17 -35.20
CA PHE C 173 3.78 -5.08 -35.45
C PHE C 173 2.80 -5.01 -34.29
N GLY C 174 3.29 -5.26 -33.10
CA GLY C 174 2.52 -5.16 -31.88
C GLY C 174 2.97 -3.97 -31.05
N ASP C 175 2.71 -3.87 -29.74
CA ASP C 175 1.79 -4.65 -28.94
C ASP C 175 2.49 -5.97 -28.56
N ILE C 176 3.68 -6.23 -29.10
CA ILE C 176 4.28 -7.55 -28.92
C ILE C 176 4.66 -7.78 -27.46
N THR C 177 4.20 -8.90 -26.91
CA THR C 177 4.52 -9.32 -25.54
C THR C 177 5.30 -10.62 -25.45
N ASN C 178 5.08 -11.58 -26.36
CA ASN C 178 5.82 -12.82 -26.35
C ASN C 178 6.24 -13.20 -27.76
N ILE C 179 7.40 -13.85 -27.85
CA ILE C 179 7.96 -14.26 -29.12
C ILE C 179 8.45 -15.69 -28.99
N ASP C 180 7.94 -16.56 -29.85
CA ASP C 180 8.36 -17.96 -29.94
C ASP C 180 9.01 -18.23 -31.29
N ILE C 181 10.18 -18.85 -31.28
CA ILE C 181 10.94 -19.13 -32.49
C ILE C 181 11.41 -20.57 -32.48
N SER C 182 11.28 -21.26 -33.61
CA SER C 182 11.93 -22.54 -33.80
C SER C 182 12.45 -22.64 -35.23
N THR C 183 13.65 -23.21 -35.39
CA THR C 183 14.28 -23.44 -36.68
C THR C 183 14.57 -24.92 -36.84
N VAL C 184 14.32 -25.46 -38.04
CA VAL C 184 14.82 -26.76 -38.42
C VAL C 184 15.56 -26.64 -39.76
N GLN C 185 16.67 -27.34 -39.89
CA GLN C 185 17.44 -27.27 -41.12
C GLN C 185 18.21 -28.57 -41.37
N THR C 186 18.35 -28.92 -42.64
CA THR C 186 19.22 -30.03 -43.07
C THR C 186 20.01 -29.51 -44.23
N PRO C 187 21.30 -29.84 -44.31
CA PRO C 187 22.07 -30.72 -43.43
C PRO C 187 22.94 -30.03 -42.40
N GLY C 188 22.82 -28.73 -42.20
CA GLY C 188 23.76 -28.04 -41.35
C GLY C 188 23.77 -28.54 -39.90
N THR C 189 24.76 -28.05 -39.16
CA THR C 189 24.90 -28.33 -37.73
C THR C 189 25.00 -27.02 -36.98
N PHE C 190 24.02 -26.74 -36.12
CA PHE C 190 23.96 -25.48 -35.39
C PHE C 190 25.05 -25.42 -34.33
N ASP C 191 25.67 -24.25 -34.19
CA ASP C 191 26.67 -23.98 -33.16
C ASP C 191 25.95 -23.34 -31.97
N CYS C 192 25.74 -24.13 -30.93
CA CYS C 192 24.95 -23.67 -29.82
C CYS C 192 25.69 -22.66 -28.98
N SER C 193 26.99 -22.60 -29.13
CA SER C 193 27.77 -21.56 -28.50
C SER C 193 27.68 -20.23 -29.24
N GLU C 194 26.86 -20.12 -30.28
CA GLU C 194 26.90 -18.93 -31.12
C GLU C 194 25.50 -18.42 -31.44
N VAL C 195 24.58 -18.53 -30.48
CA VAL C 195 23.24 -17.95 -30.62
C VAL C 195 23.22 -16.64 -29.84
N LYS C 196 22.74 -15.59 -30.48
CA LYS C 196 22.85 -14.27 -29.89
C LYS C 196 21.66 -13.44 -30.37
N TYR C 197 21.45 -12.30 -29.74
CA TYR C 197 20.37 -11.43 -30.17
C TYR C 197 20.78 -9.99 -29.93
N ALA C 198 20.06 -9.08 -30.56
CA ALA C 198 20.28 -7.67 -30.38
C ALA C 198 18.96 -6.96 -30.59
N VAL C 199 18.85 -5.76 -30.03
CA VAL C 199 17.68 -4.92 -30.21
C VAL C 199 18.16 -3.56 -30.67
N GLY C 200 17.76 -3.15 -31.87
CA GLY C 200 18.16 -1.87 -32.42
C GLY C 200 16.95 -1.00 -32.69
N SER C 201 17.17 0.31 -32.66
CA SER C 201 16.10 1.25 -32.90
C SER C 201 16.40 2.26 -34.00
N SER C 202 17.60 2.30 -34.53
CA SER C 202 17.94 3.28 -35.55
C SER C 202 17.33 2.96 -36.91
N LEU C 203 17.96 2.03 -37.64
CA LEU C 203 17.61 1.64 -39.00
C LEU C 203 18.07 2.69 -40.00
N ASN C 204 18.75 2.25 -41.06
CA ASN C 204 19.21 3.13 -42.13
C ASN C 204 18.14 3.24 -43.22
N GLU C 205 18.51 3.76 -44.38
CA GLU C 205 17.48 3.97 -45.37
C GLU C 205 17.00 2.67 -46.00
N PHE C 206 17.74 1.58 -45.83
CA PHE C 206 17.32 0.27 -46.28
C PHE C 206 16.74 -0.56 -45.16
N GLY C 207 16.39 0.05 -44.04
CA GLY C 207 15.74 -0.67 -42.96
C GLY C 207 16.64 -1.55 -42.14
N ASP C 208 17.95 -1.41 -42.26
CA ASP C 208 18.90 -2.33 -41.63
C ASP C 208 19.68 -1.63 -40.52
N PHE C 209 20.33 -2.44 -39.71
CA PHE C 209 21.17 -1.96 -38.62
C PHE C 209 22.23 -3.01 -38.35
N THR C 210 23.35 -2.56 -37.80
CA THR C 210 24.48 -3.43 -37.48
C THR C 210 24.76 -3.36 -35.99
N PRO C 211 24.37 -4.37 -35.22
CA PRO C 211 24.62 -4.34 -33.78
C PRO C 211 26.12 -4.34 -33.47
N GLN C 212 26.49 -3.62 -32.43
CA GLN C 212 27.88 -3.55 -32.01
C GLN C 212 28.23 -4.73 -31.12
N ASP C 213 29.47 -5.20 -31.19
CA ASP C 213 29.88 -6.32 -30.36
C ASP C 213 30.30 -5.84 -28.96
N ARG C 214 30.08 -6.70 -27.97
CA ARG C 214 30.47 -6.39 -26.60
C ARG C 214 31.97 -6.45 -26.42
N SER C 222 20.63 4.02 -31.01
CA SER C 222 21.33 3.53 -32.19
C SER C 222 21.08 2.02 -32.42
N SER C 223 22.01 1.40 -33.14
CA SER C 223 22.02 -0.05 -33.24
C SER C 223 22.23 -0.67 -31.86
N GLY C 224 22.00 -1.95 -31.76
CA GLY C 224 22.02 -2.62 -30.47
C GLY C 224 23.40 -3.16 -30.12
N GLU C 225 23.40 -4.11 -29.20
CA GLU C 225 24.59 -4.83 -28.83
C GLU C 225 24.30 -6.32 -28.88
N TRP C 226 25.18 -7.07 -29.53
CA TRP C 226 25.02 -8.52 -29.56
C TRP C 226 25.11 -9.10 -28.16
N ILE C 227 24.10 -9.88 -27.79
CA ILE C 227 23.99 -10.49 -26.47
C ILE C 227 23.89 -12.01 -26.66
N PRO C 228 24.85 -12.78 -26.19
CA PRO C 228 24.77 -14.23 -26.36
C PRO C 228 23.62 -14.82 -25.56
N ILE C 229 23.19 -15.99 -26.00
CA ILE C 229 22.08 -16.70 -25.40
C ILE C 229 22.64 -18.04 -24.95
N THR C 230 22.61 -18.30 -23.65
CA THR C 230 23.14 -19.55 -23.13
C THR C 230 22.05 -20.16 -22.27
N PRO C 231 22.22 -21.36 -21.74
CA PRO C 231 21.24 -21.86 -20.77
C PRO C 231 21.07 -20.96 -19.58
N ALA C 232 22.12 -20.28 -19.15
CA ALA C 232 22.06 -19.49 -17.94
C ALA C 232 21.37 -18.15 -18.14
N SER C 233 20.96 -17.81 -19.34
CA SER C 233 20.48 -16.45 -19.55
C SER C 233 19.05 -16.30 -19.05
N GLY C 234 18.76 -15.12 -18.52
CA GLY C 234 17.45 -14.78 -18.03
C GLY C 234 16.67 -13.93 -19.01
N LEU C 235 15.62 -13.31 -18.51
CA LEU C 235 14.73 -12.58 -19.36
C LEU C 235 15.48 -11.48 -20.10
N PRO C 236 15.11 -11.21 -21.36
CA PRO C 236 13.92 -11.60 -22.10
C PRO C 236 13.84 -13.04 -22.57
N VAL C 237 14.92 -13.80 -22.48
CA VAL C 237 14.90 -15.20 -22.89
C VAL C 237 14.01 -15.99 -21.93
N GLU C 238 12.93 -16.57 -22.45
CA GLU C 238 12.09 -17.46 -21.67
C GLU C 238 12.52 -18.92 -21.75
N SER C 239 13.06 -19.37 -22.89
CA SER C 239 13.45 -20.76 -23.05
C SER C 239 14.40 -20.87 -24.22
N PHE C 240 15.26 -21.87 -24.19
CA PHE C 240 16.30 -21.99 -25.22
C PHE C 240 16.77 -23.44 -25.32
N GLU C 241 16.40 -24.11 -26.41
CA GLU C 241 16.93 -25.43 -26.74
C GLU C 241 17.72 -25.36 -28.05
N CYS C 242 18.89 -25.97 -28.09
CA CYS C 242 19.69 -25.98 -29.30
C CYS C 242 20.22 -27.39 -29.52
N GLY C 243 19.74 -28.04 -30.59
CA GLY C 243 20.29 -29.30 -31.04
C GLY C 243 21.04 -29.09 -32.34
N ASP C 244 21.52 -30.20 -32.90
CA ASP C 244 22.36 -30.10 -34.10
C ASP C 244 21.55 -29.61 -35.29
N GLY C 245 20.31 -30.04 -35.41
CA GLY C 245 19.47 -29.62 -36.51
C GLY C 245 18.31 -28.71 -36.16
N THR C 246 18.13 -28.39 -34.87
CA THR C 246 16.99 -27.61 -34.44
C THR C 246 17.36 -26.65 -33.34
N ILE C 247 16.70 -25.50 -33.31
CA ILE C 247 16.81 -24.54 -32.22
C ILE C 247 15.41 -24.08 -31.84
N SER C 248 15.11 -24.09 -30.54
CA SER C 248 13.91 -23.50 -29.98
C SER C 248 14.29 -22.29 -29.14
N LEU C 249 13.48 -21.24 -29.23
CA LEU C 249 13.83 -20.02 -28.52
C LEU C 249 12.56 -19.25 -28.22
N SER C 250 12.50 -18.60 -27.06
CA SER C 250 11.33 -17.82 -26.67
C SER C 250 11.73 -16.53 -25.95
N PHE C 251 10.91 -15.51 -26.10
CA PHE C 251 11.20 -14.20 -25.53
C PHE C 251 9.94 -13.63 -24.88
N ALA C 252 10.12 -13.02 -23.73
CA ALA C 252 9.08 -12.24 -23.08
C ALA C 252 9.67 -10.90 -22.77
N GLY C 253 9.00 -9.84 -23.20
CA GLY C 253 9.57 -8.53 -22.97
C GLY C 253 8.82 -7.52 -23.79
N GLU C 254 9.24 -6.30 -23.64
CA GLU C 254 8.55 -5.18 -24.24
C GLU C 254 9.37 -4.77 -25.45
N LEU C 255 8.86 -5.03 -26.63
CA LEU C 255 9.52 -4.58 -27.84
C LEU C 255 8.86 -3.28 -28.25
N ALA C 256 9.64 -2.20 -28.20
CA ALA C 256 9.12 -0.87 -28.47
C ALA C 256 8.70 -0.75 -29.93
N ASP C 257 7.80 0.21 -30.16
CA ASP C 257 7.25 0.45 -31.48
C ASP C 257 8.34 0.73 -32.51
N ASP C 258 9.46 1.33 -32.11
CA ASP C 258 10.52 1.69 -33.04
C ASP C 258 11.71 0.74 -32.97
N GLU C 259 11.53 -0.45 -32.42
CA GLU C 259 12.65 -1.35 -32.20
C GLU C 259 12.49 -2.60 -33.05
N VAL C 260 13.63 -3.24 -33.33
CA VAL C 260 13.66 -4.52 -34.03
C VAL C 260 14.51 -5.47 -33.21
N LEU C 261 13.95 -6.64 -32.86
CA LEU C 261 14.70 -7.73 -32.26
C LEU C 261 15.32 -8.60 -33.35
N ARG C 262 16.61 -8.83 -33.28
CA ARG C 262 17.32 -9.62 -34.28
C ARG C 262 17.98 -10.80 -33.60
N VAL C 263 17.58 -12.01 -33.97
CA VAL C 263 18.21 -13.20 -33.43
C VAL C 263 19.15 -13.76 -34.48
N SER C 264 20.37 -14.09 -34.08
CA SER C 264 21.38 -14.62 -34.97
C SER C 264 21.76 -16.02 -34.52
N PHE C 265 21.71 -16.99 -35.43
CA PHE C 265 22.24 -18.31 -35.12
C PHE C 265 23.10 -18.85 -36.26
N LEU C 266 24.30 -19.29 -35.91
CA LEU C 266 25.25 -19.77 -36.87
C LEU C 266 24.99 -21.24 -37.18
N SER C 267 25.22 -21.60 -38.43
CA SER C 267 25.15 -22.99 -38.87
C SER C 267 26.41 -23.30 -39.64
N ASN C 268 27.23 -24.19 -39.10
CA ASN C 268 28.40 -24.70 -39.81
C ASN C 268 27.98 -25.76 -40.83
N LEU C 269 28.59 -25.70 -42.03
CA LEU C 269 28.26 -26.61 -43.11
C LEU C 269 29.48 -27.43 -43.52
N ALA C 270 29.24 -28.65 -44.00
CA ALA C 270 30.30 -29.39 -44.66
C ALA C 270 30.71 -28.68 -45.94
N ASP C 271 31.96 -28.87 -46.34
CA ASP C 271 32.45 -28.18 -47.53
C ASP C 271 31.76 -28.66 -48.79
N ASP C 272 31.15 -29.84 -48.79
CA ASP C 272 30.47 -30.37 -49.97
C ASP C 272 29.00 -30.03 -50.01
N VAL C 273 28.57 -29.04 -49.23
CA VAL C 273 27.17 -28.61 -49.19
C VAL C 273 27.05 -27.39 -50.08
N LEU C 274 26.05 -27.39 -50.95
CA LEU C 274 25.83 -26.24 -51.82
C LEU C 274 24.48 -25.58 -51.57
N GLU C 275 23.59 -26.21 -50.83
CA GLU C 275 22.22 -25.78 -50.68
C GLU C 275 21.74 -26.29 -49.33
N VAL C 276 20.85 -25.53 -48.69
CA VAL C 276 20.39 -25.81 -47.33
C VAL C 276 18.90 -25.49 -47.24
N GLN C 277 18.10 -26.47 -46.79
CA GLN C 277 16.69 -26.21 -46.48
C GLN C 277 16.58 -25.70 -45.05
N ASN C 278 15.78 -24.65 -44.86
CA ASN C 278 15.66 -24.02 -43.55
C ASN C 278 14.28 -23.42 -43.38
N VAL C 279 13.63 -23.75 -42.29
CA VAL C 279 12.36 -23.12 -41.94
C VAL C 279 12.49 -22.48 -40.57
N VAL C 280 11.79 -21.36 -40.38
CA VAL C 280 11.73 -20.66 -39.12
C VAL C 280 10.26 -20.37 -38.87
N ASN C 281 9.68 -20.99 -37.85
CA ASN C 281 8.35 -20.64 -37.41
C ASN C 281 8.45 -19.59 -36.32
N VAL C 282 7.71 -18.50 -36.47
CA VAL C 282 7.69 -17.42 -35.50
C VAL C 282 6.25 -17.20 -35.09
N ASP C 283 5.96 -17.33 -33.81
CA ASP C 283 4.64 -17.08 -33.27
C ASP C 283 4.70 -15.83 -32.38
N LEU C 284 3.88 -14.84 -32.70
CA LEU C 284 3.88 -13.60 -31.94
C LEU C 284 2.62 -13.55 -31.09
N THR C 285 2.79 -13.21 -29.83
CA THR C 285 1.65 -12.94 -28.96
C THR C 285 1.51 -11.45 -28.79
N THR C 286 0.29 -10.95 -29.01
CA THR C 286 0.05 -9.53 -29.02
C THR C 286 -1.23 -9.25 -28.23
N ALA C 287 -1.15 -8.29 -27.30
CA ALA C 287 -2.24 -7.96 -26.38
C ALA C 287 -3.58 -7.67 -27.06
N ASP C 288 -4.67 -7.79 -26.29
CA ASP C 288 -6.03 -7.74 -26.82
C ASP C 288 -6.22 -8.88 -27.81
N ALA C 293 -3.75 -11.24 -30.60
CA ALA C 293 -3.81 -12.62 -30.15
C ALA C 293 -2.52 -13.36 -30.44
N LEU C 294 -2.64 -14.46 -31.16
CA LEU C 294 -1.51 -15.29 -31.55
C LEU C 294 -1.45 -15.32 -33.08
N THR C 295 -0.38 -14.73 -33.64
CA THR C 295 -0.14 -14.71 -35.08
C THR C 295 1.11 -15.52 -35.42
N SER C 296 0.96 -16.53 -36.30
CA SER C 296 2.03 -17.42 -36.72
C SER C 296 2.57 -17.06 -38.10
N PHE C 297 3.87 -17.28 -38.28
CA PHE C 297 4.55 -17.01 -39.54
C PHE C 297 5.48 -18.17 -39.86
N VAL C 298 5.62 -18.45 -41.14
CA VAL C 298 6.53 -19.49 -41.64
C VAL C 298 7.51 -18.83 -42.60
N LEU C 299 8.78 -19.08 -42.40
CA LEU C 299 9.86 -18.49 -43.20
C LEU C 299 10.75 -19.61 -43.70
N ASP C 300 10.50 -20.08 -44.93
CA ASP C 300 11.16 -21.28 -45.41
C ASP C 300 12.18 -21.01 -46.51
N GLU C 301 12.59 -19.76 -46.69
CA GLU C 301 13.57 -19.43 -47.72
C GLU C 301 14.84 -20.27 -47.55
N PRO C 302 15.29 -21.00 -48.60
CA PRO C 302 16.54 -21.77 -48.52
C PRO C 302 17.79 -20.91 -48.54
N PHE C 303 18.94 -21.56 -48.38
CA PHE C 303 20.23 -20.91 -48.52
C PHE C 303 20.98 -21.53 -49.68
N TYR C 304 21.67 -20.69 -50.43
CA TYR C 304 22.38 -21.09 -51.63
C TYR C 304 23.80 -20.55 -51.57
N ARG C 305 24.75 -21.37 -51.98
CA ARG C 305 26.13 -20.94 -51.91
C ARG C 305 26.69 -20.46 -53.24
N ALA C 306 26.07 -20.81 -54.36
CA ALA C 306 26.66 -20.48 -55.64
C ALA C 306 25.59 -20.05 -56.62
N SER C 307 26.03 -19.38 -57.69
CA SER C 307 25.15 -19.10 -58.82
C SER C 307 24.68 -20.40 -59.44
N ARG C 308 23.40 -20.46 -59.80
CA ARG C 308 22.79 -21.70 -60.23
C ARG C 308 22.07 -21.48 -61.55
N THR C 309 21.79 -22.58 -62.24
CA THR C 309 21.09 -22.53 -63.51
C THR C 309 20.19 -23.75 -63.63
N ASP C 310 19.63 -23.98 -64.81
CA ASP C 310 18.88 -25.20 -65.12
C ASP C 310 19.23 -25.63 -66.53
N THR C 311 19.90 -26.78 -66.66
CA THR C 311 20.38 -27.17 -67.97
C THR C 311 19.27 -27.67 -68.88
N ALA C 312 18.13 -28.10 -68.34
CA ALA C 312 17.00 -28.51 -69.16
C ALA C 312 16.21 -27.27 -69.57
N ALA C 313 16.80 -26.52 -70.50
CA ALA C 313 16.39 -25.15 -70.74
C ALA C 313 15.55 -24.93 -71.97
N PHE C 314 15.58 -25.83 -72.95
CA PHE C 314 14.93 -25.58 -74.23
C PHE C 314 13.78 -26.54 -74.49
N GLU C 315 12.66 -26.00 -74.94
CA GLU C 315 11.45 -26.75 -75.26
C GLU C 315 11.32 -27.12 -76.73
N ALA C 316 11.90 -26.34 -77.64
CA ALA C 316 11.82 -26.60 -79.07
C ALA C 316 13.18 -26.42 -79.69
N PHE C 317 13.53 -27.33 -80.57
CA PHE C 317 14.83 -27.29 -81.22
C PHE C 317 14.84 -28.18 -82.47
N ALA C 318 15.41 -27.69 -83.56
CA ALA C 318 15.44 -28.42 -84.82
C ALA C 318 16.49 -27.83 -85.74
N ALA C 319 17.22 -28.71 -86.44
CA ALA C 319 18.27 -28.33 -87.38
C ALA C 319 18.12 -29.12 -88.67
N VAL C 320 18.91 -28.75 -89.67
CA VAL C 320 18.79 -29.36 -90.99
C VAL C 320 19.80 -30.48 -91.21
#